data_1PWW
#
_entry.id   1PWW
#
_cell.length_a   96.700
_cell.length_b   137.400
_cell.length_c   98.300
_cell.angle_alpha   90.00
_cell.angle_beta   98.00
_cell.angle_gamma   90.00
#
_symmetry.space_group_name_H-M   'P 1 21 1'
#
loop_
_entity.id
_entity.type
_entity.pdbx_description
1 polymer 'Lethal factor'
2 polymer LF20
3 non-polymer 'ZINC ION'
#
loop_
_entity_poly.entity_id
_entity_poly.type
_entity_poly.pdbx_seq_one_letter_code
_entity_poly.pdbx_strand_id
1 'polypeptide(L)'
;AGGHGDVGMHVKEKEKNKDENKRKDEERNKTQEEHLKEIMKHIVKIEVKGEEAVKKEAAEKLLEKVPSDVLEMYKAIGGK
IYIVDGDITKHISLEALSEDKKKIKDIYGKDALLHEHYVYAKEGYEPVLVIQSSEDYVENTEKALNVYYEIGKILSRDIL
SKINQPYQKFLDVLNTIKNASDSDGQDLLFTNQLKEHPTDFSVEFLEQNSNEVQEVFAKAFAYYIEPQHRDVLQLYAPEA
FNYMDKFNEQEINLSLEELKDQRMLSRYEKWEKIKQHYQHWSDSLSEEGRGLLKKLQIPIEPKKDDIIHSLSQEEKELLK
RIQIDSSDFLSTEEKEFLKKLQIDIRDSLSEEEKELLNRIQVDSSNPLSEKEKEFLKKLKLDIQPYDINQRLQDTGGLID
SPSINLDVRKQYKRDIQNIDALLHQSIGSTLYNKIYLYENMNINNLTATLGADLVDSTDNTKINRGIFNEFKKNFKYSIS
SNYMIVDINERPALDNERLKWRIQLSPDTRAGYLENGKLILQRNIGLEIKDVQIIKQSEKEYIRIDAKVVPKSKIDTKIQ
EAQLNINQEWNKALGLPKYTKLITFNVHNRYASNIVESAYLILNEWKNNIQSDLIKKVTNYLVDGNGRFVFTDITLPNIA
EQYTHQDEIYEQVHSKGLYVPESRSILLHGPSKGVELRNDSEGFIHCFGHAVDDYAGYLLDKNQSDLVTNSKKFIDIFKE
EGSNLTSYGRTNEAEFFAEAFRLMHSTDHAERLKVQKNAPKTFQFINDQIKFIINS
;
A,B
2 'polypeptide(L)' MLARRKKVYPYPMEPTIAEG C,D
#
loop_
_chem_comp.id
_chem_comp.type
_chem_comp.name
_chem_comp.formula
ZN non-polymer 'ZINC ION' 'Zn 2'
#
# COMPACT_ATOMS: atom_id res chain seq x y z
N ASN A 29 -41.64 1.57 19.72
CA ASN A 29 -43.01 1.79 19.19
C ASN A 29 -42.95 2.84 18.07
N LYS A 30 -41.74 3.17 17.63
CA LYS A 30 -41.56 4.17 16.57
C LYS A 30 -40.92 3.61 15.30
N THR A 31 -40.17 4.48 14.60
CA THR A 31 -39.51 4.14 13.34
C THR A 31 -38.94 2.72 13.26
N GLN A 32 -38.63 2.11 14.39
CA GLN A 32 -38.11 0.75 14.35
C GLN A 32 -39.02 -0.11 13.46
N GLU A 33 -40.31 -0.13 13.78
CA GLU A 33 -41.31 -0.89 13.05
C GLU A 33 -41.58 -0.40 11.63
N GLU A 34 -41.38 0.90 11.39
CA GLU A 34 -41.61 1.46 10.07
C GLU A 34 -40.72 0.79 9.01
N HIS A 35 -39.41 0.72 9.27
CA HIS A 35 -38.52 0.09 8.30
C HIS A 35 -38.77 -1.41 8.28
N LEU A 36 -39.16 -1.95 9.43
CA LEU A 36 -39.48 -3.38 9.52
C LEU A 36 -40.47 -3.66 8.41
N LYS A 37 -41.53 -2.84 8.39
CA LYS A 37 -42.59 -2.95 7.40
C LYS A 37 -42.06 -2.66 5.97
N GLU A 38 -41.33 -1.56 5.80
CA GLU A 38 -40.80 -1.24 4.48
C GLU A 38 -39.91 -2.37 4.01
N ILE A 39 -38.88 -2.65 4.80
CA ILE A 39 -37.93 -3.72 4.49
C ILE A 39 -38.70 -4.99 4.14
N MET A 40 -39.68 -5.32 4.97
CA MET A 40 -40.50 -6.50 4.74
C MET A 40 -41.41 -6.32 3.53
N LYS A 41 -41.77 -5.07 3.25
CA LYS A 41 -42.64 -4.77 2.12
C LYS A 41 -41.89 -5.10 0.83
N HIS A 42 -40.57 -5.00 0.86
CA HIS A 42 -39.74 -5.31 -0.29
C HIS A 42 -39.45 -6.80 -0.40
N ILE A 43 -38.51 -7.25 0.43
CA ILE A 43 -38.04 -8.64 0.46
C ILE A 43 -39.06 -9.73 0.76
N VAL A 44 -39.99 -9.44 1.67
CA VAL A 44 -40.99 -10.44 2.03
C VAL A 44 -42.07 -10.55 0.95
N LYS A 45 -42.19 -11.73 0.37
CA LYS A 45 -43.17 -12.02 -0.67
C LYS A 45 -44.08 -13.16 -0.21
N ILE A 46 -45.33 -12.85 0.11
CA ILE A 46 -46.28 -13.86 0.55
C ILE A 46 -47.07 -14.35 -0.68
N GLU A 47 -47.15 -15.67 -0.85
CA GLU A 47 -47.86 -16.24 -1.98
C GLU A 47 -48.55 -17.54 -1.53
N VAL A 48 -49.71 -17.40 -0.91
CA VAL A 48 -50.48 -18.54 -0.41
C VAL A 48 -51.89 -18.62 -0.97
N LYS A 49 -52.59 -19.70 -0.60
CA LYS A 49 -53.96 -19.94 -1.05
C LYS A 49 -54.96 -19.55 0.04
N GLY A 50 -54.81 -20.13 1.24
CA GLY A 50 -55.72 -19.81 2.33
C GLY A 50 -55.66 -18.32 2.52
N GLU A 51 -56.73 -17.73 3.01
CA GLU A 51 -56.75 -16.28 3.21
C GLU A 51 -55.41 -15.84 3.79
N GLU A 52 -54.63 -15.12 2.98
CA GLU A 52 -53.32 -14.65 3.39
C GLU A 52 -53.41 -13.60 4.49
N ALA A 53 -54.41 -13.73 5.36
CA ALA A 53 -54.59 -12.80 6.47
C ALA A 53 -53.75 -13.33 7.63
N VAL A 54 -53.93 -14.61 7.94
CA VAL A 54 -53.19 -15.25 9.01
C VAL A 54 -51.76 -15.52 8.52
N LYS A 55 -51.65 -16.15 7.35
CA LYS A 55 -50.35 -16.46 6.75
C LYS A 55 -49.43 -15.24 6.85
N LYS A 56 -49.81 -14.19 6.17
CA LYS A 56 -49.06 -12.94 6.14
C LYS A 56 -48.83 -12.43 7.56
N GLU A 57 -49.64 -12.89 8.51
CA GLU A 57 -49.50 -12.49 9.90
C GLU A 57 -48.47 -13.37 10.57
N ALA A 58 -48.38 -14.62 10.13
CA ALA A 58 -47.43 -15.59 10.69
C ALA A 58 -46.01 -15.05 10.53
N ALA A 59 -45.57 -14.97 9.29
CA ALA A 59 -44.24 -14.48 8.95
C ALA A 59 -43.90 -13.19 9.71
N GLU A 60 -44.90 -12.32 9.90
CA GLU A 60 -44.66 -11.07 10.61
C GLU A 60 -44.13 -11.39 11.99
N LYS A 61 -44.96 -12.10 12.76
CA LYS A 61 -44.64 -12.48 14.12
C LYS A 61 -43.39 -13.35 14.20
N LEU A 62 -43.04 -14.01 13.10
CA LEU A 62 -41.87 -14.87 13.06
C LEU A 62 -40.56 -14.12 12.86
N LEU A 63 -40.52 -13.23 11.87
CA LEU A 63 -39.31 -12.47 11.57
C LEU A 63 -39.10 -11.24 12.44
N GLU A 64 -40.03 -10.98 13.35
CA GLU A 64 -39.91 -9.83 14.24
C GLU A 64 -38.91 -10.19 15.32
N LYS A 65 -38.62 -11.47 15.44
CA LYS A 65 -37.67 -11.96 16.43
C LYS A 65 -36.27 -11.59 15.99
N VAL A 66 -36.05 -11.66 14.69
CA VAL A 66 -34.75 -11.36 14.08
C VAL A 66 -34.37 -9.89 14.23
N PRO A 67 -33.07 -9.60 14.47
CA PRO A 67 -32.68 -8.20 14.61
C PRO A 67 -33.01 -7.51 13.27
N SER A 68 -33.64 -6.34 13.34
CA SER A 68 -34.03 -5.59 12.14
C SER A 68 -32.93 -5.46 11.09
N ASP A 69 -31.73 -5.10 11.54
CA ASP A 69 -30.60 -4.90 10.66
C ASP A 69 -30.09 -6.11 9.87
N VAL A 70 -30.52 -7.32 10.20
CA VAL A 70 -30.05 -8.46 9.41
C VAL A 70 -31.03 -8.59 8.25
N LEU A 71 -32.24 -8.10 8.46
CA LEU A 71 -33.27 -8.12 7.42
C LEU A 71 -32.87 -7.16 6.32
N GLU A 72 -32.43 -5.96 6.70
CA GLU A 72 -32.02 -5.00 5.69
C GLU A 72 -30.72 -5.41 4.99
N MET A 73 -29.89 -6.18 5.68
CA MET A 73 -28.63 -6.61 5.08
C MET A 73 -28.88 -7.67 4.02
N TYR A 74 -29.99 -8.41 4.15
CA TYR A 74 -30.29 -9.44 3.14
C TYR A 74 -30.66 -8.63 1.93
N LYS A 75 -31.51 -7.64 2.19
CA LYS A 75 -31.98 -6.73 1.15
C LYS A 75 -30.69 -6.28 0.45
N ALA A 76 -29.82 -5.67 1.24
CA ALA A 76 -28.55 -5.17 0.72
C ALA A 76 -27.90 -6.10 -0.31
N ILE A 77 -27.79 -7.39 -0.03
CA ILE A 77 -27.16 -8.30 -1.00
C ILE A 77 -28.14 -8.83 -2.04
N GLY A 78 -29.36 -8.28 -2.02
CA GLY A 78 -30.37 -8.69 -2.97
C GLY A 78 -30.99 -10.00 -2.57
N GLY A 79 -31.53 -10.04 -1.36
CA GLY A 79 -32.14 -11.27 -0.87
C GLY A 79 -33.63 -11.12 -0.80
N LYS A 80 -34.34 -12.23 -1.00
CA LYS A 80 -35.80 -12.21 -0.97
C LYS A 80 -36.30 -13.35 -0.05
N ILE A 81 -37.34 -13.07 0.73
CA ILE A 81 -37.92 -14.07 1.63
C ILE A 81 -39.29 -14.48 1.07
N TYR A 82 -39.50 -15.79 0.89
CA TYR A 82 -40.75 -16.29 0.32
C TYR A 82 -41.58 -17.20 1.22
N ILE A 83 -42.77 -16.74 1.57
CA ILE A 83 -43.71 -17.53 2.39
C ILE A 83 -44.62 -18.31 1.43
N VAL A 84 -44.26 -19.57 1.16
CA VAL A 84 -45.04 -20.40 0.25
C VAL A 84 -45.85 -21.53 0.89
N ASP A 85 -46.81 -22.04 0.12
CA ASP A 85 -47.66 -23.16 0.54
C ASP A 85 -47.05 -24.39 -0.13
N GLY A 86 -47.44 -25.57 0.34
CA GLY A 86 -46.95 -26.80 -0.24
C GLY A 86 -45.46 -27.06 -0.19
N ASP A 87 -45.03 -28.06 -0.95
CA ASP A 87 -43.64 -28.49 -1.03
C ASP A 87 -42.71 -27.36 -1.48
N ILE A 88 -42.12 -26.65 -0.52
CA ILE A 88 -41.22 -25.53 -0.82
C ILE A 88 -40.26 -25.73 -2.00
N THR A 89 -39.91 -26.98 -2.32
CA THR A 89 -39.01 -27.23 -3.45
C THR A 89 -39.76 -26.93 -4.74
N LYS A 90 -41.07 -26.78 -4.59
CA LYS A 90 -42.00 -26.50 -5.67
C LYS A 90 -42.25 -24.99 -5.90
N HIS A 91 -41.22 -24.18 -5.63
CA HIS A 91 -41.32 -22.75 -5.87
C HIS A 91 -40.37 -22.44 -7.03
N ILE A 92 -40.58 -21.31 -7.67
CA ILE A 92 -39.77 -20.89 -8.80
C ILE A 92 -38.25 -21.01 -8.56
N SER A 93 -37.73 -20.10 -7.73
CA SER A 93 -36.29 -20.01 -7.43
C SER A 93 -35.56 -21.31 -7.09
N LEU A 94 -36.25 -22.24 -6.42
CA LEU A 94 -35.61 -23.48 -6.01
C LEU A 94 -35.57 -24.63 -7.02
N GLU A 95 -36.58 -24.75 -7.87
CA GLU A 95 -36.60 -25.84 -8.84
C GLU A 95 -35.30 -26.00 -9.63
N ALA A 96 -34.36 -25.09 -9.43
CA ALA A 96 -33.08 -25.15 -10.13
C ALA A 96 -31.93 -25.70 -9.28
N LEU A 97 -32.23 -26.56 -8.32
CA LEU A 97 -31.19 -27.14 -7.46
C LEU A 97 -30.84 -28.55 -7.89
N SER A 98 -29.56 -28.90 -7.80
CA SER A 98 -29.12 -30.24 -8.20
C SER A 98 -29.76 -31.33 -7.34
N GLU A 99 -29.10 -32.48 -7.26
CA GLU A 99 -29.60 -33.59 -6.46
C GLU A 99 -29.27 -33.37 -4.99
N ASP A 100 -28.01 -33.01 -4.73
CA ASP A 100 -27.51 -32.78 -3.38
C ASP A 100 -28.16 -31.62 -2.62
N LYS A 101 -28.27 -30.46 -3.26
CA LYS A 101 -28.88 -29.30 -2.62
C LYS A 101 -30.28 -29.59 -2.08
N LYS A 102 -30.72 -30.83 -2.21
CA LYS A 102 -32.04 -31.25 -1.74
C LYS A 102 -32.04 -31.94 -0.36
N LYS A 103 -30.88 -32.44 0.05
CA LYS A 103 -30.73 -33.12 1.35
C LYS A 103 -29.95 -32.27 2.35
N ILE A 104 -30.65 -31.70 3.32
CA ILE A 104 -30.01 -30.84 4.32
C ILE A 104 -29.75 -31.55 5.65
N LYS A 105 -29.48 -30.72 6.65
CA LYS A 105 -29.24 -31.15 8.03
C LYS A 105 -29.85 -30.08 8.91
N ASP A 106 -30.72 -30.48 9.83
CA ASP A 106 -31.37 -29.53 10.72
C ASP A 106 -30.39 -28.97 11.73
N ILE A 107 -30.86 -28.03 12.54
CA ILE A 107 -30.04 -27.39 13.56
C ILE A 107 -29.31 -28.46 14.36
N TYR A 108 -29.92 -29.64 14.44
CA TYR A 108 -29.36 -30.76 15.20
C TYR A 108 -28.43 -31.71 14.43
N GLY A 109 -28.29 -31.51 13.12
CA GLY A 109 -27.40 -32.35 12.35
C GLY A 109 -28.02 -33.63 11.81
N LYS A 110 -29.33 -33.73 11.94
CA LYS A 110 -30.04 -34.90 11.45
C LYS A 110 -30.50 -34.67 10.02
N ASP A 111 -29.96 -35.50 9.12
CA ASP A 111 -30.27 -35.43 7.70
C ASP A 111 -31.76 -35.31 7.43
N ALA A 112 -32.11 -34.71 6.30
CA ALA A 112 -33.50 -34.53 5.91
C ALA A 112 -33.66 -34.45 4.40
N LEU A 113 -34.90 -34.29 3.96
CA LEU A 113 -35.21 -34.19 2.55
C LEU A 113 -35.97 -32.89 2.35
N LEU A 114 -35.30 -31.95 1.68
CA LEU A 114 -35.85 -30.63 1.42
C LEU A 114 -37.34 -30.58 1.17
N HIS A 115 -37.82 -31.40 0.24
CA HIS A 115 -39.24 -31.40 -0.08
C HIS A 115 -40.09 -31.94 1.08
N GLU A 116 -39.46 -32.06 2.25
CA GLU A 116 -40.13 -32.54 3.47
C GLU A 116 -40.01 -31.50 4.57
N HIS A 117 -38.89 -30.78 4.56
CA HIS A 117 -38.61 -29.74 5.56
C HIS A 117 -39.51 -28.51 5.36
N TYR A 118 -39.31 -27.48 6.18
CA TYR A 118 -40.13 -26.28 6.05
C TYR A 118 -39.34 -25.01 5.78
N VAL A 119 -38.02 -25.12 5.69
CA VAL A 119 -37.19 -23.95 5.42
C VAL A 119 -35.98 -24.29 4.59
N TYR A 120 -35.43 -23.28 3.92
CA TYR A 120 -34.22 -23.40 3.11
C TYR A 120 -33.76 -22.04 2.63
N ALA A 121 -32.46 -21.84 2.65
CA ALA A 121 -31.87 -20.58 2.19
C ALA A 121 -30.93 -20.90 1.03
N LYS A 122 -31.29 -20.51 -0.18
CA LYS A 122 -30.44 -20.79 -1.31
C LYS A 122 -29.31 -19.79 -1.30
N GLU A 123 -28.12 -20.26 -1.63
CA GLU A 123 -26.94 -19.44 -1.69
C GLU A 123 -26.77 -19.00 -3.15
N GLY A 124 -25.73 -18.23 -3.42
CA GLY A 124 -25.55 -17.79 -4.80
C GLY A 124 -25.71 -16.31 -4.89
N TYR A 125 -25.15 -15.72 -5.96
CA TYR A 125 -25.22 -14.25 -6.12
C TYR A 125 -26.64 -13.68 -6.14
N GLU A 126 -27.63 -14.55 -6.14
CA GLU A 126 -29.01 -14.16 -6.05
C GLU A 126 -29.53 -15.08 -4.95
N PRO A 127 -29.39 -14.64 -3.68
CA PRO A 127 -29.90 -15.34 -2.51
C PRO A 127 -31.42 -15.25 -2.36
N VAL A 128 -31.98 -16.27 -1.71
CA VAL A 128 -33.42 -16.33 -1.46
C VAL A 128 -33.69 -17.20 -0.22
N LEU A 129 -34.76 -16.89 0.50
CA LEU A 129 -35.10 -17.66 1.69
C LEU A 129 -36.54 -18.14 1.57
N VAL A 130 -36.73 -19.45 1.52
CA VAL A 130 -38.06 -20.05 1.39
C VAL A 130 -38.55 -20.65 2.72
N ILE A 131 -39.67 -20.13 3.23
CA ILE A 131 -40.26 -20.61 4.47
C ILE A 131 -41.66 -21.13 4.19
N GLN A 132 -41.96 -22.35 4.62
CA GLN A 132 -43.30 -22.90 4.41
C GLN A 132 -44.32 -22.04 5.18
N SER A 133 -45.27 -22.67 5.87
CA SER A 133 -46.25 -21.88 6.61
C SER A 133 -46.97 -22.66 7.70
N SER A 134 -47.28 -21.96 8.77
CA SER A 134 -47.96 -22.53 9.94
C SER A 134 -48.05 -21.43 11.00
N GLU A 135 -49.06 -21.50 11.86
CA GLU A 135 -49.23 -20.52 12.94
C GLU A 135 -48.57 -21.05 14.21
N ASP A 136 -48.03 -22.26 14.12
CA ASP A 136 -47.40 -22.93 15.26
C ASP A 136 -45.90 -22.69 15.42
N TYR A 137 -45.38 -21.61 14.84
CA TYR A 137 -43.98 -21.31 15.04
C TYR A 137 -44.01 -20.80 16.47
N VAL A 138 -45.22 -20.57 16.95
CA VAL A 138 -45.44 -20.14 18.32
C VAL A 138 -45.19 -21.37 19.19
N GLU A 139 -45.90 -22.45 18.86
CA GLU A 139 -45.76 -23.72 19.57
C GLU A 139 -44.50 -24.51 19.23
N ASN A 140 -44.37 -24.96 17.98
CA ASN A 140 -43.20 -25.74 17.54
C ASN A 140 -41.87 -24.99 17.65
N THR A 141 -41.53 -24.62 18.87
CA THR A 141 -40.28 -23.92 19.14
C THR A 141 -39.08 -24.62 18.48
N GLU A 142 -39.24 -25.89 18.11
CA GLU A 142 -38.15 -26.61 17.44
C GLU A 142 -38.05 -26.16 15.98
N LYS A 143 -39.19 -25.91 15.35
CA LYS A 143 -39.19 -25.48 13.97
C LYS A 143 -38.78 -24.01 13.86
N ALA A 144 -39.33 -23.16 14.73
CA ALA A 144 -38.98 -21.74 14.76
C ALA A 144 -37.47 -21.61 14.91
N LEU A 145 -36.89 -22.54 15.65
CA LEU A 145 -35.45 -22.55 15.86
C LEU A 145 -34.81 -22.78 14.51
N ASN A 146 -35.20 -23.86 13.83
CA ASN A 146 -34.63 -24.16 12.52
C ASN A 146 -34.68 -22.96 11.58
N VAL A 147 -35.85 -22.35 11.44
CA VAL A 147 -35.94 -21.18 10.58
C VAL A 147 -34.82 -20.24 11.03
N TYR A 148 -34.82 -19.83 12.29
CA TYR A 148 -33.78 -18.91 12.78
C TYR A 148 -32.38 -19.46 12.51
N TYR A 149 -32.24 -20.78 12.60
CA TYR A 149 -30.97 -21.38 12.35
C TYR A 149 -30.57 -21.03 10.94
N GLU A 150 -31.49 -21.21 10.01
CA GLU A 150 -31.21 -20.94 8.61
C GLU A 150 -30.89 -19.47 8.40
N ILE A 151 -31.71 -18.62 8.96
CA ILE A 151 -31.48 -17.19 8.82
C ILE A 151 -30.04 -17.00 9.28
N GLY A 152 -29.72 -17.55 10.45
CA GLY A 152 -28.36 -17.43 10.94
C GLY A 152 -27.39 -17.76 9.83
N LYS A 153 -27.66 -18.86 9.13
CA LYS A 153 -26.79 -19.31 8.06
C LYS A 153 -26.61 -18.15 7.06
N ILE A 154 -27.72 -17.50 6.71
CA ILE A 154 -27.69 -16.38 5.78
C ILE A 154 -26.71 -15.32 6.28
N LEU A 155 -26.86 -14.99 7.56
CA LEU A 155 -26.05 -13.98 8.22
C LEU A 155 -24.55 -14.22 8.26
N SER A 156 -24.11 -15.47 8.35
CA SER A 156 -22.68 -15.76 8.42
C SER A 156 -22.06 -16.24 7.11
N ARG A 157 -22.90 -16.74 6.21
CA ARG A 157 -22.42 -17.24 4.92
C ARG A 157 -22.64 -16.26 3.78
N ASP A 158 -23.81 -15.60 3.79
CA ASP A 158 -24.20 -14.65 2.75
C ASP A 158 -23.89 -13.18 3.06
N ILE A 159 -24.25 -12.72 4.25
CA ILE A 159 -23.98 -11.33 4.63
C ILE A 159 -22.53 -11.06 5.08
N LEU A 160 -22.18 -11.53 6.28
CA LEU A 160 -20.84 -11.30 6.84
C LEU A 160 -19.67 -11.76 5.98
N SER A 161 -19.87 -12.81 5.19
CA SER A 161 -18.80 -13.33 4.34
C SER A 161 -18.30 -12.26 3.38
N LYS A 162 -19.16 -11.28 3.10
CA LYS A 162 -18.81 -10.21 2.19
C LYS A 162 -17.94 -9.11 2.85
N ILE A 163 -17.89 -9.08 4.17
CA ILE A 163 -17.03 -8.11 4.85
C ILE A 163 -16.00 -8.85 5.70
N ASN A 164 -15.66 -10.07 5.31
CA ASN A 164 -14.66 -10.91 5.99
C ASN A 164 -14.89 -11.30 7.45
N GLN A 165 -16.11 -11.70 7.79
CA GLN A 165 -16.42 -12.12 9.15
C GLN A 165 -17.22 -13.42 9.11
N PRO A 166 -17.30 -14.15 10.24
CA PRO A 166 -16.70 -13.80 11.53
C PRO A 166 -15.20 -13.92 11.41
N TYR A 167 -14.47 -13.24 12.28
CA TYR A 167 -13.02 -13.33 12.23
C TYR A 167 -12.48 -13.56 13.63
N GLN A 168 -11.24 -13.14 13.87
CA GLN A 168 -10.59 -13.34 15.16
C GLN A 168 -11.47 -13.15 16.36
N LYS A 169 -12.26 -12.08 16.37
CA LYS A 169 -13.15 -11.82 17.49
C LYS A 169 -13.97 -13.07 17.79
N PHE A 170 -14.65 -13.62 16.77
CA PHE A 170 -15.47 -14.81 16.97
C PHE A 170 -14.61 -16.08 17.17
N LEU A 171 -13.41 -16.12 16.62
CA LEU A 171 -12.56 -17.29 16.83
C LEU A 171 -12.31 -17.40 18.34
N ASP A 172 -12.11 -16.24 18.95
CA ASP A 172 -11.88 -16.18 20.38
C ASP A 172 -13.03 -16.79 21.18
N VAL A 173 -14.27 -16.43 20.86
CA VAL A 173 -15.40 -17.00 21.57
C VAL A 173 -15.33 -18.52 21.39
N LEU A 174 -15.15 -18.96 20.15
CA LEU A 174 -15.09 -20.39 19.85
C LEU A 174 -14.06 -21.13 20.68
N ASN A 175 -12.85 -20.58 20.76
CA ASN A 175 -11.79 -21.20 21.54
C ASN A 175 -12.07 -21.20 23.04
N THR A 176 -12.68 -20.11 23.54
CA THR A 176 -13.02 -20.02 24.95
C THR A 176 -13.89 -21.21 25.36
N ILE A 177 -14.67 -21.72 24.41
CA ILE A 177 -15.57 -22.83 24.68
C ILE A 177 -14.94 -24.21 24.64
N LYS A 178 -14.07 -24.47 23.68
CA LYS A 178 -13.46 -25.79 23.58
C LYS A 178 -12.49 -26.02 24.73
N ASN A 179 -11.59 -25.06 24.95
CA ASN A 179 -10.61 -25.16 26.01
C ASN A 179 -11.13 -24.53 27.30
N ALA A 180 -12.23 -25.06 27.82
CA ALA A 180 -12.81 -24.52 29.05
C ALA A 180 -13.31 -25.62 29.97
N SER A 181 -13.53 -25.24 31.24
CA SER A 181 -14.00 -26.15 32.29
C SER A 181 -15.00 -27.19 31.79
N ASP A 182 -16.28 -26.84 31.85
CA ASP A 182 -17.36 -27.71 31.41
C ASP A 182 -17.28 -28.03 29.93
N SER A 183 -17.45 -29.31 29.58
CA SER A 183 -17.40 -29.74 28.19
C SER A 183 -18.77 -29.67 27.52
N ASP A 184 -19.77 -29.20 28.26
CA ASP A 184 -21.13 -29.08 27.73
C ASP A 184 -21.20 -28.10 26.57
N GLY A 185 -20.77 -26.86 26.82
CA GLY A 185 -20.79 -25.84 25.78
C GLY A 185 -20.40 -26.38 24.42
N GLN A 186 -19.33 -27.17 24.38
CA GLN A 186 -18.89 -27.77 23.13
C GLN A 186 -20.01 -28.66 22.62
N ASP A 187 -20.48 -29.55 23.48
CA ASP A 187 -21.54 -30.49 23.16
C ASP A 187 -22.76 -29.85 22.49
N LEU A 188 -23.11 -28.65 22.94
CA LEU A 188 -24.26 -27.92 22.42
C LEU A 188 -24.08 -27.18 21.09
N LEU A 189 -22.86 -26.74 20.79
CA LEU A 189 -22.60 -25.99 19.56
C LEU A 189 -21.58 -26.59 18.59
N PHE A 190 -20.50 -27.17 19.09
CA PHE A 190 -19.48 -27.75 18.22
C PHE A 190 -19.83 -29.13 17.70
N THR A 191 -19.23 -29.50 16.58
CA THR A 191 -19.42 -30.82 15.98
C THR A 191 -18.09 -31.54 16.14
N ASN A 192 -18.09 -32.86 15.93
CA ASN A 192 -16.86 -33.60 16.08
C ASN A 192 -15.72 -33.01 15.28
N GLN A 193 -16.00 -32.55 14.07
CA GLN A 193 -14.97 -31.94 13.25
C GLN A 193 -14.23 -30.96 14.15
N LEU A 194 -14.98 -30.07 14.77
CA LEU A 194 -14.42 -29.06 15.66
C LEU A 194 -14.01 -29.70 16.99
N LYS A 195 -14.91 -30.48 17.57
CA LYS A 195 -14.65 -31.15 18.84
C LYS A 195 -13.30 -31.86 18.91
N GLU A 196 -13.00 -32.66 17.88
CA GLU A 196 -11.76 -33.42 17.83
C GLU A 196 -10.53 -32.61 17.39
N HIS A 197 -10.70 -31.34 17.04
CA HIS A 197 -9.53 -30.58 16.61
C HIS A 197 -8.49 -30.52 17.71
N PRO A 198 -7.24 -30.86 17.36
CA PRO A 198 -6.10 -30.87 18.29
C PRO A 198 -5.86 -29.56 19.05
N THR A 199 -5.33 -28.55 18.34
CA THR A 199 -5.03 -27.26 18.96
C THR A 199 -6.23 -26.32 18.97
N ASP A 200 -5.94 -25.03 19.13
CA ASP A 200 -6.99 -24.00 19.13
C ASP A 200 -7.43 -23.80 17.68
N PHE A 201 -8.27 -22.80 17.46
CA PHE A 201 -8.77 -22.49 16.12
C PHE A 201 -8.10 -21.21 15.63
N SER A 202 -7.01 -21.37 14.86
CA SER A 202 -6.28 -20.23 14.33
C SER A 202 -6.95 -19.67 13.08
N VAL A 203 -6.58 -18.46 12.71
CA VAL A 203 -7.13 -17.81 11.53
C VAL A 203 -7.06 -18.73 10.31
N GLU A 204 -5.98 -19.49 10.20
CA GLU A 204 -5.78 -20.40 9.08
C GLU A 204 -6.84 -21.49 9.06
N PHE A 205 -7.30 -21.89 10.24
CA PHE A 205 -8.32 -22.92 10.33
C PHE A 205 -9.65 -22.40 9.79
N LEU A 206 -10.12 -21.30 10.39
CA LEU A 206 -11.37 -20.66 10.01
C LEU A 206 -11.45 -20.45 8.51
N GLU A 207 -10.27 -20.30 7.92
CA GLU A 207 -10.15 -20.07 6.48
C GLU A 207 -10.42 -21.27 5.59
N GLN A 208 -9.96 -22.45 6.00
CA GLN A 208 -10.21 -23.64 5.20
C GLN A 208 -11.16 -24.60 5.90
N ASN A 209 -12.17 -24.01 6.54
CA ASN A 209 -13.22 -24.71 7.28
C ASN A 209 -14.28 -23.66 7.60
N SER A 210 -14.49 -22.77 6.65
CA SER A 210 -15.44 -21.67 6.79
C SER A 210 -16.84 -22.21 7.04
N ASN A 211 -17.21 -23.23 6.25
CA ASN A 211 -18.49 -23.88 6.38
C ASN A 211 -18.71 -24.16 7.88
N GLU A 212 -17.74 -24.85 8.45
CA GLU A 212 -17.75 -25.21 9.87
C GLU A 212 -18.01 -24.05 10.82
N VAL A 213 -17.11 -23.06 10.81
CA VAL A 213 -17.26 -21.90 11.68
C VAL A 213 -18.62 -21.22 11.41
N GLN A 214 -18.97 -21.08 10.13
CA GLN A 214 -20.23 -20.44 9.77
C GLN A 214 -21.44 -21.13 10.40
N GLU A 215 -21.34 -22.44 10.49
CA GLU A 215 -22.39 -23.25 11.08
C GLU A 215 -22.56 -22.91 12.56
N VAL A 216 -21.43 -22.87 13.27
CA VAL A 216 -21.46 -22.58 14.70
C VAL A 216 -22.12 -21.23 14.94
N PHE A 217 -21.71 -20.25 14.16
CA PHE A 217 -22.28 -18.91 14.28
C PHE A 217 -23.80 -18.97 14.13
N ALA A 218 -24.26 -19.77 13.18
CA ALA A 218 -25.67 -19.93 12.93
C ALA A 218 -26.41 -20.52 14.14
N LYS A 219 -25.91 -21.63 14.67
CA LYS A 219 -26.55 -22.27 15.82
C LYS A 219 -26.64 -21.32 17.02
N ALA A 220 -25.57 -20.57 17.24
CA ALA A 220 -25.54 -19.62 18.34
C ALA A 220 -26.62 -18.58 18.08
N PHE A 221 -26.64 -18.03 16.87
CA PHE A 221 -27.64 -17.02 16.51
C PHE A 221 -29.05 -17.59 16.74
N ALA A 222 -29.26 -18.84 16.33
CA ALA A 222 -30.56 -19.49 16.47
C ALA A 222 -31.01 -19.54 17.93
N TYR A 223 -30.30 -20.34 18.73
CA TYR A 223 -30.60 -20.47 20.14
C TYR A 223 -30.83 -19.10 20.81
N TYR A 224 -30.12 -18.09 20.34
CA TYR A 224 -30.26 -16.76 20.92
C TYR A 224 -31.52 -16.03 20.47
N ILE A 225 -31.87 -16.21 19.21
CA ILE A 225 -33.04 -15.54 18.65
C ILE A 225 -34.37 -16.13 19.14
N GLU A 226 -34.43 -17.46 19.17
CA GLU A 226 -35.62 -18.16 19.64
C GLU A 226 -35.64 -18.00 21.17
N PRO A 227 -36.52 -17.13 21.68
CA PRO A 227 -36.64 -16.87 23.12
C PRO A 227 -36.73 -18.05 24.09
N GLN A 228 -37.00 -19.25 23.59
CA GLN A 228 -37.08 -20.41 24.47
C GLN A 228 -35.72 -21.08 24.69
N HIS A 229 -35.01 -21.33 23.60
CA HIS A 229 -33.71 -21.99 23.69
C HIS A 229 -32.62 -21.04 24.19
N ARG A 230 -32.97 -19.77 24.36
CA ARG A 230 -31.98 -18.79 24.79
C ARG A 230 -31.30 -19.18 26.10
N ASP A 231 -32.10 -19.64 27.04
CA ASP A 231 -31.60 -20.04 28.35
C ASP A 231 -30.59 -21.18 28.21
N VAL A 232 -30.91 -22.17 27.39
CA VAL A 232 -29.99 -23.29 27.19
C VAL A 232 -28.65 -22.77 26.68
N LEU A 233 -28.68 -21.72 25.88
CA LEU A 233 -27.45 -21.13 25.33
C LEU A 233 -26.74 -20.30 26.41
N GLN A 234 -27.49 -19.64 27.29
CA GLN A 234 -26.85 -18.86 28.33
C GLN A 234 -26.39 -19.73 29.49
N LEU A 235 -26.99 -20.92 29.59
CA LEU A 235 -26.65 -21.85 30.66
C LEU A 235 -25.41 -22.68 30.33
N TYR A 236 -25.40 -23.31 29.18
CA TYR A 236 -24.29 -24.17 28.78
C TYR A 236 -23.22 -23.54 27.90
N ALA A 237 -23.43 -22.30 27.47
CA ALA A 237 -22.46 -21.62 26.63
C ALA A 237 -22.64 -20.11 26.73
N PRO A 238 -22.23 -19.52 27.85
CA PRO A 238 -22.35 -18.08 28.09
C PRO A 238 -21.41 -17.24 27.23
N GLU A 239 -20.20 -17.74 26.96
CA GLU A 239 -19.30 -16.95 26.14
C GLU A 239 -20.00 -16.66 24.82
N ALA A 240 -20.60 -17.71 24.26
CA ALA A 240 -21.33 -17.63 23.01
C ALA A 240 -22.52 -16.68 23.18
N PHE A 241 -23.37 -16.96 24.17
CA PHE A 241 -24.55 -16.14 24.43
C PHE A 241 -24.24 -14.67 24.60
N ASN A 242 -23.14 -14.37 25.29
CA ASN A 242 -22.74 -12.99 25.52
C ASN A 242 -22.40 -12.37 24.17
N TYR A 243 -21.57 -13.07 23.42
CA TYR A 243 -21.19 -12.60 22.11
C TYR A 243 -22.41 -12.25 21.26
N MET A 244 -23.33 -13.21 21.07
CA MET A 244 -24.52 -12.97 20.27
C MET A 244 -25.39 -11.84 20.82
N ASP A 245 -25.36 -11.67 22.15
CA ASP A 245 -26.15 -10.61 22.80
C ASP A 245 -25.60 -9.24 22.43
N LYS A 246 -24.31 -9.04 22.64
CA LYS A 246 -23.71 -7.76 22.33
C LYS A 246 -23.83 -7.48 20.83
N PHE A 247 -23.63 -8.52 20.03
CA PHE A 247 -23.71 -8.38 18.58
C PHE A 247 -25.06 -7.93 18.04
N ASN A 248 -26.14 -8.60 18.45
CA ASN A 248 -27.47 -8.25 17.96
C ASN A 248 -28.08 -7.04 18.66
N GLU A 249 -27.34 -6.46 19.61
CA GLU A 249 -27.82 -5.30 20.35
C GLU A 249 -27.09 -4.02 20.00
N GLN A 250 -26.04 -4.13 19.19
CA GLN A 250 -25.31 -2.93 18.80
C GLN A 250 -24.29 -3.21 17.70
N GLU A 251 -23.29 -4.01 18.01
CA GLU A 251 -22.24 -4.32 17.03
C GLU A 251 -22.75 -4.77 15.67
N ILE A 252 -24.05 -4.99 15.53
CA ILE A 252 -24.60 -5.43 14.25
C ILE A 252 -24.81 -4.21 13.34
N ASN A 253 -25.05 -3.06 13.95
CA ASN A 253 -25.24 -1.85 13.18
C ASN A 253 -23.93 -1.51 12.46
N LEU A 254 -22.82 -1.77 13.13
CA LEU A 254 -21.52 -1.51 12.51
C LEU A 254 -21.29 -2.52 11.41
N SER A 255 -21.97 -3.67 11.47
CA SER A 255 -21.80 -4.65 10.40
C SER A 255 -22.47 -4.12 9.13
N LEU A 256 -23.70 -3.65 9.30
CA LEU A 256 -24.46 -3.10 8.19
C LEU A 256 -23.64 -1.95 7.60
N GLU A 257 -23.15 -1.05 8.45
CA GLU A 257 -22.36 0.09 7.96
C GLU A 257 -21.25 -0.41 7.05
N GLU A 258 -20.54 -1.45 7.50
CA GLU A 258 -19.46 -2.04 6.71
C GLU A 258 -20.00 -2.52 5.36
N LEU A 259 -21.08 -3.28 5.39
CA LEU A 259 -21.68 -3.77 4.14
C LEU A 259 -21.91 -2.60 3.18
N LYS A 260 -22.66 -1.60 3.64
CA LYS A 260 -22.95 -0.43 2.84
C LYS A 260 -21.67 0.16 2.25
N ASP A 261 -20.60 0.22 3.04
CA ASP A 261 -19.35 0.78 2.54
C ASP A 261 -18.80 0.12 1.28
N GLN A 262 -19.25 -1.09 0.98
CA GLN A 262 -18.73 -1.76 -0.21
C GLN A 262 -19.57 -1.55 -1.47
N ARG A 263 -20.71 -0.89 -1.32
CA ARG A 263 -21.60 -0.63 -2.45
C ARG A 263 -21.29 0.72 -3.08
N MET A 264 -21.06 0.72 -4.39
CA MET A 264 -20.75 1.94 -5.11
C MET A 264 -21.81 3.00 -4.90
N LEU A 265 -23.09 2.64 -5.08
CA LEU A 265 -24.11 3.65 -4.89
C LEU A 265 -24.17 4.19 -3.47
N SER A 266 -24.11 3.32 -2.46
CA SER A 266 -24.15 3.80 -1.08
C SER A 266 -23.04 4.80 -0.88
N ARG A 267 -21.82 4.42 -1.25
CA ARG A 267 -20.67 5.29 -1.10
C ARG A 267 -20.90 6.63 -1.76
N TYR A 268 -21.41 6.63 -2.99
CA TYR A 268 -21.61 7.89 -3.68
C TYR A 268 -22.76 8.74 -3.19
N GLU A 269 -23.78 8.06 -2.68
CA GLU A 269 -24.93 8.74 -2.14
C GLU A 269 -24.49 9.48 -0.88
N LYS A 270 -23.70 8.81 -0.04
CA LYS A 270 -23.21 9.42 1.19
C LYS A 270 -22.30 10.60 0.94
N TRP A 271 -21.39 10.44 0.00
CA TRP A 271 -20.46 11.49 -0.39
C TRP A 271 -21.25 12.73 -0.84
N GLU A 272 -22.27 12.51 -1.66
CA GLU A 272 -23.09 13.59 -2.21
C GLU A 272 -23.78 14.47 -1.20
N LYS A 273 -24.49 13.85 -0.25
CA LYS A 273 -25.18 14.64 0.78
C LYS A 273 -24.15 15.51 1.52
N ILE A 274 -23.01 14.91 1.85
CA ILE A 274 -21.97 15.64 2.55
C ILE A 274 -21.54 16.83 1.69
N LYS A 275 -21.25 16.55 0.42
CA LYS A 275 -20.84 17.58 -0.54
C LYS A 275 -21.91 18.68 -0.61
N GLN A 276 -23.16 18.26 -0.57
CA GLN A 276 -24.25 19.18 -0.65
C GLN A 276 -24.22 20.03 0.61
N HIS A 277 -24.24 19.38 1.78
CA HIS A 277 -24.24 20.10 3.06
C HIS A 277 -23.16 21.18 3.15
N TYR A 278 -21.99 20.91 2.61
CA TYR A 278 -20.91 21.88 2.65
C TYR A 278 -20.82 22.74 1.36
N GLN A 279 -21.82 22.62 0.49
CA GLN A 279 -21.83 23.35 -0.78
C GLN A 279 -21.59 24.85 -0.64
N HIS A 280 -22.39 25.52 0.19
CA HIS A 280 -22.22 26.95 0.37
C HIS A 280 -20.80 27.22 0.91
N TRP A 281 -20.40 26.47 1.94
CA TRP A 281 -19.06 26.63 2.54
C TRP A 281 -17.94 26.61 1.51
N SER A 282 -17.98 25.63 0.62
CA SER A 282 -16.95 25.49 -0.41
C SER A 282 -16.98 26.62 -1.43
N ASP A 283 -18.15 26.87 -2.04
CA ASP A 283 -18.28 27.94 -3.02
C ASP A 283 -17.77 29.29 -2.50
N SER A 284 -17.85 29.47 -1.19
CA SER A 284 -17.39 30.70 -0.55
C SER A 284 -15.89 30.70 -0.31
N LEU A 285 -15.26 29.53 -0.26
CA LEU A 285 -13.81 29.49 -0.02
C LEU A 285 -13.05 30.41 -0.97
N SER A 286 -12.06 31.12 -0.44
CA SER A 286 -11.28 32.03 -1.27
C SER A 286 -10.14 31.25 -1.93
N GLU A 287 -9.12 31.98 -2.37
CA GLU A 287 -7.98 31.35 -2.97
C GLU A 287 -7.06 31.04 -1.77
N GLU A 288 -6.95 31.99 -0.83
CA GLU A 288 -6.12 31.79 0.37
C GLU A 288 -6.70 30.59 1.08
N GLY A 289 -8.02 30.53 1.14
CA GLY A 289 -8.67 29.41 1.78
C GLY A 289 -8.08 28.13 1.20
N ARG A 290 -8.23 27.93 -0.11
CA ARG A 290 -7.71 26.73 -0.71
C ARG A 290 -6.20 26.66 -0.57
N GLY A 291 -5.57 27.81 -0.41
CA GLY A 291 -4.13 27.83 -0.26
C GLY A 291 -3.72 27.17 1.02
N LEU A 292 -4.32 27.63 2.12
CA LEU A 292 -4.07 27.11 3.46
C LEU A 292 -4.35 25.65 3.55
N LEU A 293 -5.54 25.23 3.15
CA LEU A 293 -5.91 23.82 3.21
C LEU A 293 -4.94 22.98 2.39
N LYS A 294 -4.38 23.58 1.36
CA LYS A 294 -3.49 22.84 0.50
C LYS A 294 -2.12 22.58 1.10
N LYS A 295 -1.52 23.57 1.75
CA LYS A 295 -0.22 23.31 2.33
C LYS A 295 -0.44 22.37 3.49
N LEU A 296 -1.53 22.60 4.23
CA LEU A 296 -1.90 21.77 5.36
C LEU A 296 -2.05 20.31 4.95
N GLN A 297 -1.73 19.99 3.70
CA GLN A 297 -1.85 18.62 3.22
C GLN A 297 -0.52 18.17 2.65
N ILE A 298 0.32 19.14 2.33
CA ILE A 298 1.65 18.85 1.83
C ILE A 298 2.58 19.94 2.33
N PRO A 299 3.57 19.55 3.16
CA PRO A 299 4.57 20.41 3.77
C PRO A 299 5.61 20.95 2.78
N ILE A 300 6.07 22.17 3.02
CA ILE A 300 7.08 22.81 2.20
C ILE A 300 8.48 22.39 2.67
N GLU A 301 9.21 21.65 1.84
CA GLU A 301 10.57 21.25 2.23
C GLU A 301 11.46 22.48 2.12
N PRO A 302 12.53 22.54 2.92
CA PRO A 302 13.41 23.71 2.85
C PRO A 302 14.18 23.68 1.55
N LYS A 303 14.34 24.85 0.93
CA LYS A 303 15.07 24.89 -0.33
C LYS A 303 16.54 25.17 -0.09
N LYS A 304 17.37 24.23 -0.55
CA LYS A 304 18.81 24.30 -0.42
C LYS A 304 19.31 25.72 -0.66
N ASP A 305 18.80 26.34 -1.72
CA ASP A 305 19.21 27.69 -2.08
C ASP A 305 19.20 28.69 -0.92
N ASP A 306 18.11 28.71 -0.14
CA ASP A 306 18.01 29.63 0.98
C ASP A 306 18.98 29.25 2.07
N ILE A 307 19.02 27.96 2.39
CA ILE A 307 19.91 27.45 3.41
C ILE A 307 21.32 28.04 3.21
N ILE A 308 21.94 27.71 2.08
CA ILE A 308 23.28 28.21 1.75
C ILE A 308 23.36 29.72 1.95
N HIS A 309 22.41 30.43 1.34
CA HIS A 309 22.33 31.89 1.39
C HIS A 309 22.47 32.51 2.78
N SER A 310 21.91 31.85 3.79
CA SER A 310 21.96 32.35 5.16
C SER A 310 23.21 31.94 5.94
N LEU A 311 24.07 31.14 5.32
CA LEU A 311 25.30 30.70 5.98
C LEU A 311 26.34 31.82 6.08
N SER A 312 27.58 31.42 6.32
CA SER A 312 28.72 32.35 6.42
C SER A 312 29.91 31.59 5.86
N GLN A 313 30.97 32.30 5.46
CA GLN A 313 32.15 31.61 4.95
C GLN A 313 32.61 30.71 6.07
N GLU A 314 32.59 31.27 7.28
CA GLU A 314 32.97 30.53 8.45
C GLU A 314 32.20 29.21 8.41
N GLU A 315 30.88 29.32 8.55
CA GLU A 315 29.98 28.18 8.56
C GLU A 315 29.99 27.30 7.29
N LYS A 316 30.26 27.91 6.14
CA LYS A 316 30.25 27.15 4.89
C LYS A 316 31.52 26.32 4.64
N GLU A 317 32.64 26.73 5.22
CA GLU A 317 33.90 26.00 5.05
C GLU A 317 33.87 24.84 6.02
N LEU A 318 33.28 25.11 7.17
CA LEU A 318 33.13 24.11 8.20
C LEU A 318 32.28 23.01 7.57
N LEU A 319 31.31 23.45 6.77
CA LEU A 319 30.36 22.58 6.07
C LEU A 319 31.03 21.56 5.14
N LYS A 320 32.23 21.86 4.66
CA LYS A 320 32.92 20.92 3.80
C LYS A 320 33.82 20.04 4.66
N ARG A 321 34.61 20.67 5.51
CA ARG A 321 35.51 19.93 6.39
C ARG A 321 34.70 19.11 7.37
N ILE A 322 33.43 19.46 7.57
CA ILE A 322 32.59 18.73 8.51
C ILE A 322 32.15 17.37 8.00
N GLN A 323 32.35 16.34 8.83
CA GLN A 323 31.96 14.98 8.49
C GLN A 323 30.52 14.81 8.98
N ILE A 324 29.61 15.53 8.33
CA ILE A 324 28.18 15.51 8.66
C ILE A 324 27.69 14.18 9.24
N ASP A 325 28.16 13.09 8.64
CA ASP A 325 27.78 11.76 9.09
C ASP A 325 28.31 11.47 10.49
N SER A 326 29.46 12.05 10.81
CA SER A 326 30.11 11.87 12.10
C SER A 326 29.28 12.34 13.31
N SER A 327 28.19 13.05 13.07
CA SER A 327 27.34 13.52 14.17
C SER A 327 26.31 12.46 14.55
N ASP A 328 25.85 12.49 15.79
CA ASP A 328 24.86 11.51 16.22
C ASP A 328 23.73 12.16 17.03
N PHE A 329 22.97 13.01 16.34
CA PHE A 329 21.81 13.72 16.89
C PHE A 329 21.01 14.16 15.66
N LEU A 330 21.50 13.73 14.50
CA LEU A 330 20.88 14.02 13.20
C LEU A 330 20.35 12.71 12.61
N SER A 331 19.14 12.72 12.08
CA SER A 331 18.62 11.50 11.48
C SER A 331 19.19 11.36 10.08
N THR A 332 19.33 10.12 9.62
CA THR A 332 19.87 9.79 8.31
C THR A 332 19.17 10.57 7.19
N GLU A 333 17.87 10.79 7.35
CA GLU A 333 17.11 11.55 6.38
C GLU A 333 17.64 12.98 6.46
N GLU A 334 17.67 13.56 7.66
CA GLU A 334 18.17 14.92 7.83
C GLU A 334 19.62 14.99 7.36
N LYS A 335 20.42 14.05 7.85
CA LYS A 335 21.82 13.96 7.50
C LYS A 335 22.00 13.94 5.98
N GLU A 336 21.04 13.31 5.31
CA GLU A 336 21.06 13.21 3.86
C GLU A 336 21.07 14.59 3.21
N PHE A 337 20.01 15.36 3.47
CA PHE A 337 19.87 16.73 2.96
C PHE A 337 21.14 17.51 3.30
N LEU A 338 21.62 17.34 4.52
CA LEU A 338 22.82 18.01 4.99
C LEU A 338 24.04 17.70 4.14
N LYS A 339 24.08 16.51 3.55
CA LYS A 339 25.20 16.13 2.70
C LYS A 339 25.05 16.85 1.35
N LYS A 340 23.85 16.74 0.79
CA LYS A 340 23.57 17.36 -0.50
C LYS A 340 23.95 18.84 -0.52
N LEU A 341 24.03 19.47 0.64
CA LEU A 341 24.41 20.87 0.70
C LEU A 341 25.88 21.06 0.41
N GLN A 342 26.67 20.01 0.62
CA GLN A 342 28.10 20.04 0.36
C GLN A 342 28.33 19.96 -1.15
N ILE A 343 27.74 18.92 -1.76
CA ILE A 343 27.84 18.68 -3.19
C ILE A 343 27.37 19.89 -4.00
N ASP A 344 26.22 20.44 -3.66
CA ASP A 344 25.69 21.60 -4.37
C ASP A 344 26.67 22.76 -4.38
N ILE A 345 27.47 22.87 -3.32
CA ILE A 345 28.49 23.92 -3.21
C ILE A 345 29.79 23.33 -2.69
N LEU A 368 32.79 16.20 15.13
CA LEU A 368 33.59 17.42 15.21
C LEU A 368 33.71 17.96 16.63
N SER A 369 33.92 19.26 16.77
CA SER A 369 34.09 19.84 18.09
C SER A 369 32.94 20.74 18.53
N GLU A 370 33.24 21.54 19.55
CA GLU A 370 32.26 22.45 20.13
C GLU A 370 31.58 23.34 19.08
N LYS A 371 32.20 24.47 18.72
CA LYS A 371 31.60 25.37 17.74
C LYS A 371 31.00 24.60 16.57
N GLU A 372 31.73 23.60 16.09
CA GLU A 372 31.30 22.78 14.96
C GLU A 372 29.93 22.14 15.17
N LYS A 373 29.74 21.44 16.28
CA LYS A 373 28.48 20.78 16.56
C LYS A 373 27.36 21.78 16.89
N GLU A 374 27.74 22.92 17.47
CA GLU A 374 26.78 23.96 17.82
C GLU A 374 26.12 24.41 16.52
N PHE A 375 26.91 24.37 15.47
CA PHE A 375 26.45 24.72 14.14
C PHE A 375 25.36 23.75 13.70
N LEU A 376 25.70 22.46 13.69
CA LEU A 376 24.76 21.42 13.28
C LEU A 376 23.48 21.34 14.12
N LYS A 377 23.44 22.06 15.24
CA LYS A 377 22.25 22.05 16.09
C LYS A 377 21.25 23.06 15.55
N LYS A 378 21.76 24.05 14.83
CA LYS A 378 20.91 25.07 14.23
C LYS A 378 20.37 24.58 12.89
N LEU A 379 21.23 24.02 12.05
CA LEU A 379 20.81 23.52 10.76
C LEU A 379 19.70 22.50 10.94
N LYS A 380 19.71 21.83 12.09
CA LYS A 380 18.68 20.82 12.36
C LYS A 380 17.31 21.52 12.44
N LEU A 381 17.25 22.65 13.15
CA LEU A 381 16.01 23.41 13.28
C LEU A 381 15.60 24.01 11.95
N ASP A 382 16.60 24.36 11.15
CA ASP A 382 16.37 24.97 9.85
C ASP A 382 15.97 24.01 8.73
N ILE A 383 16.57 22.84 8.66
CA ILE A 383 16.24 21.88 7.60
C ILE A 383 14.95 21.09 7.84
N GLN A 384 14.05 21.62 8.66
CA GLN A 384 12.81 20.92 8.96
C GLN A 384 11.63 21.38 8.08
N PRO A 385 10.90 20.44 7.49
CA PRO A 385 9.75 20.78 6.63
C PRO A 385 8.78 21.73 7.33
N TYR A 386 8.10 22.56 6.56
CA TYR A 386 7.11 23.43 7.19
C TYR A 386 5.91 22.52 7.10
N ASP A 387 5.57 21.91 8.23
CA ASP A 387 4.45 20.97 8.33
C ASP A 387 3.56 21.46 9.46
N ILE A 388 2.42 22.04 9.12
CA ILE A 388 1.50 22.58 10.13
C ILE A 388 0.95 21.49 11.07
N ASN A 389 0.53 20.35 10.52
CA ASN A 389 -0.03 19.32 11.38
C ASN A 389 1.00 18.74 12.32
N GLN A 390 2.26 18.72 11.88
CA GLN A 390 3.37 18.20 12.69
C GLN A 390 3.57 19.09 13.88
N ARG A 391 3.57 20.40 13.65
CA ARG A 391 3.75 21.37 14.70
C ARG A 391 2.66 21.22 15.77
N LEU A 392 1.42 20.99 15.36
CA LEU A 392 0.37 20.86 16.36
C LEU A 392 0.57 19.59 17.18
N GLN A 393 1.01 18.51 16.54
CA GLN A 393 1.23 17.28 17.28
C GLN A 393 2.44 17.39 18.22
N ASP A 394 3.55 17.92 17.71
CA ASP A 394 4.75 18.08 18.50
C ASP A 394 4.53 18.92 19.76
N THR A 395 3.66 19.92 19.69
CA THR A 395 3.42 20.77 20.85
C THR A 395 2.11 20.40 21.51
N GLY A 396 1.42 19.46 20.91
CA GLY A 396 0.14 19.05 21.46
C GLY A 396 -0.80 20.24 21.56
N GLY A 397 -0.66 21.17 20.64
CA GLY A 397 -1.54 22.32 20.64
C GLY A 397 -0.98 23.55 21.32
N LEU A 398 0.18 23.42 21.95
CA LEU A 398 0.78 24.57 22.62
C LEU A 398 1.69 25.27 21.63
N ILE A 399 1.07 26.04 20.73
CA ILE A 399 1.82 26.72 19.69
C ILE A 399 2.80 27.80 20.14
N ASP A 400 2.59 28.38 21.32
CA ASP A 400 3.52 29.41 21.76
C ASP A 400 4.83 28.84 22.29
N SER A 401 4.95 27.51 22.32
CA SER A 401 6.17 26.87 22.79
C SER A 401 7.35 27.40 22.01
N PRO A 402 8.34 27.96 22.73
CA PRO A 402 9.56 28.54 22.17
C PRO A 402 10.58 27.51 21.74
N SER A 403 10.09 26.45 21.11
CA SER A 403 10.95 25.37 20.63
C SER A 403 11.52 25.61 19.24
N ILE A 404 11.07 26.67 18.58
CA ILE A 404 11.57 26.99 17.25
C ILE A 404 11.74 28.51 17.13
N ASN A 405 12.47 28.94 16.09
CA ASN A 405 12.73 30.36 15.84
C ASN A 405 11.46 31.22 15.85
N LEU A 406 11.54 32.35 16.55
CA LEU A 406 10.40 33.24 16.69
C LEU A 406 9.59 33.53 15.41
N ASP A 407 10.29 33.78 14.31
CA ASP A 407 9.61 34.07 13.06
C ASP A 407 8.69 32.93 12.64
N VAL A 408 9.26 31.74 12.43
CA VAL A 408 8.51 30.54 12.02
C VAL A 408 7.37 30.15 12.98
N ARG A 409 7.54 30.49 14.25
CA ARG A 409 6.53 30.19 15.24
C ARG A 409 5.32 31.04 14.89
N LYS A 410 5.56 32.34 14.71
CA LYS A 410 4.50 33.30 14.36
C LYS A 410 3.80 32.82 13.10
N GLN A 411 4.61 32.47 12.11
CA GLN A 411 4.11 31.98 10.84
C GLN A 411 3.18 30.79 11.04
N TYR A 412 3.52 29.89 11.98
CA TYR A 412 2.66 28.73 12.27
C TYR A 412 1.36 29.15 12.97
N LYS A 413 1.45 30.11 13.90
CA LYS A 413 0.28 30.56 14.63
C LYS A 413 -0.80 31.18 13.72
N ARG A 414 -0.37 32.03 12.78
CA ARG A 414 -1.30 32.66 11.84
C ARG A 414 -2.05 31.63 10.99
N ASP A 415 -1.31 30.74 10.34
CA ASP A 415 -1.94 29.72 9.53
C ASP A 415 -2.92 28.91 10.36
N ILE A 416 -2.56 28.62 11.61
CA ILE A 416 -3.43 27.83 12.45
C ILE A 416 -4.69 28.58 12.86
N GLN A 417 -4.51 29.79 13.38
CA GLN A 417 -5.63 30.62 13.79
C GLN A 417 -6.57 30.72 12.60
N ASN A 418 -5.97 30.86 11.41
CA ASN A 418 -6.75 30.98 10.18
C ASN A 418 -7.54 29.73 9.83
N ILE A 419 -6.86 28.59 9.73
CA ILE A 419 -7.54 27.32 9.45
C ILE A 419 -8.62 27.07 10.53
N ASP A 420 -8.35 27.57 11.73
CA ASP A 420 -9.33 27.40 12.79
C ASP A 420 -10.63 28.12 12.46
N ALA A 421 -10.53 29.22 11.70
CA ALA A 421 -11.72 29.97 11.29
C ALA A 421 -12.36 29.34 10.04
N LEU A 422 -11.54 28.80 9.14
CA LEU A 422 -12.06 28.17 7.93
C LEU A 422 -12.91 26.96 8.31
N LEU A 423 -12.44 26.19 9.28
CA LEU A 423 -13.20 25.00 9.66
C LEU A 423 -14.20 25.39 10.73
N HIS A 424 -15.18 26.21 10.33
CA HIS A 424 -16.20 26.67 11.25
C HIS A 424 -17.58 26.00 11.13
N GLN A 425 -17.85 25.26 10.05
CA GLN A 425 -19.18 24.62 9.93
C GLN A 425 -19.26 23.14 10.32
N SER A 426 -20.11 22.83 11.31
CA SER A 426 -20.24 21.46 11.76
C SER A 426 -21.02 20.54 10.83
N ILE A 427 -20.65 19.27 10.87
CA ILE A 427 -21.21 18.21 10.05
C ILE A 427 -22.72 18.05 10.19
N GLY A 428 -23.24 18.42 11.35
CA GLY A 428 -24.66 18.32 11.66
C GLY A 428 -25.57 18.78 10.54
N SER A 429 -26.39 17.86 10.03
CA SER A 429 -27.27 18.14 8.89
C SER A 429 -28.63 17.44 8.98
N THR A 430 -29.57 17.87 8.14
CA THR A 430 -30.90 17.24 8.08
C THR A 430 -30.91 16.11 7.04
N LEU A 431 -29.77 15.89 6.38
CA LEU A 431 -29.66 14.85 5.35
C LEU A 431 -29.14 13.52 5.89
N TYR A 432 -28.94 13.40 7.20
CA TYR A 432 -28.40 12.17 7.79
C TYR A 432 -28.13 12.25 9.30
N ASN A 433 -28.11 11.09 9.96
CA ASN A 433 -27.86 10.98 11.41
C ASN A 433 -26.43 10.55 11.75
N LYS A 434 -26.25 9.29 12.14
CA LYS A 434 -24.91 8.82 12.45
C LYS A 434 -24.14 8.86 11.14
N ILE A 435 -22.88 9.27 11.22
CA ILE A 435 -22.02 9.39 10.05
C ILE A 435 -20.62 8.92 10.43
N TYR A 436 -20.19 7.81 9.86
CA TYR A 436 -18.87 7.30 10.16
C TYR A 436 -17.80 7.74 9.17
N LEU A 437 -16.73 8.31 9.68
CA LEU A 437 -15.64 8.72 8.79
C LEU A 437 -14.47 7.76 9.04
N TYR A 438 -13.55 7.67 8.09
CA TYR A 438 -12.45 6.73 8.22
C TYR A 438 -11.06 7.34 8.11
N GLU A 439 -10.11 6.72 8.80
CA GLU A 439 -8.73 7.19 8.79
C GLU A 439 -7.73 6.03 8.89
N ASN A 440 -6.69 6.07 8.06
CA ASN A 440 -5.68 5.02 8.12
C ASN A 440 -4.45 5.57 8.86
N MET A 441 -4.02 4.84 9.89
CA MET A 441 -2.91 5.28 10.71
C MET A 441 -1.75 4.30 10.74
N ASN A 442 -0.58 4.81 11.08
CA ASN A 442 0.64 4.02 11.22
C ASN A 442 0.80 3.84 12.72
N ILE A 443 0.91 2.59 13.21
CA ILE A 443 1.02 2.40 14.65
C ILE A 443 2.20 3.08 15.32
N ASN A 444 3.29 3.26 14.59
CA ASN A 444 4.47 3.94 15.13
C ASN A 444 4.08 5.30 15.65
N ASN A 445 2.95 5.82 15.16
CA ASN A 445 2.48 7.13 15.56
C ASN A 445 1.95 7.13 16.98
N LEU A 446 1.57 5.95 17.48
CA LEU A 446 1.05 5.81 18.82
C LEU A 446 2.08 5.17 19.76
N THR A 447 2.79 4.15 19.27
CA THR A 447 3.78 3.46 20.07
C THR A 447 4.81 2.77 19.20
N ALA A 448 5.92 3.46 19.00
CA ALA A 448 7.00 2.96 18.18
C ALA A 448 7.56 1.67 18.75
N THR A 449 7.53 1.56 20.08
CA THR A 449 8.06 0.38 20.75
C THR A 449 7.25 -0.84 20.36
N LEU A 450 5.92 -0.71 20.37
CA LEU A 450 5.06 -1.82 19.97
C LEU A 450 5.02 -1.94 18.46
N GLY A 451 5.01 -0.79 17.78
CA GLY A 451 4.98 -0.77 16.34
C GLY A 451 6.14 -1.57 15.82
N ALA A 452 7.19 -1.65 16.63
CA ALA A 452 8.39 -2.38 16.26
C ALA A 452 8.17 -3.87 16.04
N ASP A 453 7.23 -4.46 16.77
CA ASP A 453 6.96 -5.88 16.67
C ASP A 453 5.54 -6.25 16.27
N LEU A 454 4.73 -5.26 15.89
CA LEU A 454 3.33 -5.52 15.52
C LEU A 454 3.09 -6.47 14.35
N VAL A 455 3.95 -6.44 13.34
CA VAL A 455 3.77 -7.34 12.21
C VAL A 455 4.58 -8.60 12.31
N ASP A 456 3.95 -9.72 12.02
CA ASP A 456 4.60 -11.03 12.02
C ASP A 456 5.85 -10.95 11.14
N SER A 457 7.02 -11.14 11.74
CA SER A 457 8.29 -11.08 11.02
C SER A 457 8.37 -11.94 9.76
N THR A 458 7.57 -12.99 9.68
CA THR A 458 7.58 -13.84 8.49
C THR A 458 6.47 -13.43 7.53
N ASP A 459 5.21 -13.64 7.93
CA ASP A 459 4.05 -13.30 7.10
C ASP A 459 3.60 -11.86 7.30
N ASN A 460 4.05 -10.99 6.39
CA ASN A 460 3.73 -9.58 6.43
C ASN A 460 2.22 -9.32 6.55
N THR A 461 1.42 -10.24 6.04
CA THR A 461 -0.03 -10.06 6.09
C THR A 461 -0.67 -10.35 7.43
N LYS A 462 0.07 -10.97 8.33
CA LYS A 462 -0.48 -11.31 9.63
C LYS A 462 0.02 -10.36 10.69
N ILE A 463 -0.79 -10.18 11.73
CA ILE A 463 -0.45 -9.31 12.86
C ILE A 463 -0.19 -10.16 14.11
N ASN A 464 0.91 -9.87 14.78
CA ASN A 464 1.26 -10.62 15.98
C ASN A 464 0.25 -10.39 17.11
N ARG A 465 -0.48 -11.46 17.46
CA ARG A 465 -1.49 -11.39 18.51
C ARG A 465 -0.92 -10.93 19.85
N GLY A 466 0.36 -11.18 20.07
CA GLY A 466 0.99 -10.77 21.30
C GLY A 466 0.96 -9.27 21.50
N ILE A 467 1.47 -8.55 20.50
CA ILE A 467 1.48 -7.11 20.58
C ILE A 467 0.05 -6.57 20.51
N PHE A 468 -0.83 -7.27 19.84
CA PHE A 468 -2.20 -6.80 19.75
C PHE A 468 -2.87 -6.57 21.09
N ASN A 469 -2.82 -7.57 21.97
CA ASN A 469 -3.47 -7.42 23.28
C ASN A 469 -2.73 -6.39 24.12
N GLU A 470 -1.43 -6.25 23.85
CA GLU A 470 -0.65 -5.29 24.60
C GLU A 470 -1.06 -3.90 24.18
N PHE A 471 -1.19 -3.68 22.87
CA PHE A 471 -1.62 -2.39 22.31
C PHE A 471 -3.07 -2.14 22.68
N LYS A 472 -3.85 -3.20 22.68
CA LYS A 472 -5.26 -3.08 23.01
C LYS A 472 -5.48 -2.80 24.49
N LYS A 473 -4.48 -3.18 25.28
CA LYS A 473 -4.51 -3.04 26.72
C LYS A 473 -5.25 -1.83 27.29
N ASN A 474 -4.55 -0.72 27.46
CA ASN A 474 -5.21 0.44 28.05
C ASN A 474 -5.58 1.54 27.09
N PHE A 475 -6.29 1.17 26.05
CA PHE A 475 -6.71 2.14 25.07
C PHE A 475 -8.16 2.43 25.36
N LYS A 476 -8.42 3.47 26.13
CA LYS A 476 -9.77 3.85 26.45
C LYS A 476 -10.12 5.21 25.87
N TYR A 477 -9.14 6.03 25.58
CA TYR A 477 -9.47 7.31 25.01
C TYR A 477 -8.33 7.96 24.25
N SER A 478 -8.70 8.83 23.33
CA SER A 478 -7.74 9.47 22.47
C SER A 478 -8.03 10.97 22.33
N ILE A 479 -6.97 11.71 21.98
CA ILE A 479 -7.07 13.15 21.76
C ILE A 479 -6.40 13.48 20.42
N SER A 480 -6.91 14.52 19.76
CA SER A 480 -6.35 15.00 18.49
C SER A 480 -6.08 16.49 18.59
N SER A 481 -4.79 16.83 18.52
CA SER A 481 -4.38 18.22 18.65
C SER A 481 -4.08 18.93 17.34
N ASN A 482 -3.91 18.16 16.27
CA ASN A 482 -3.66 18.74 14.96
C ASN A 482 -4.90 18.42 14.13
N TYR A 483 -4.89 18.73 12.83
CA TYR A 483 -6.08 18.47 12.02
C TYR A 483 -6.14 17.08 11.39
N MET A 484 -7.14 16.32 11.85
CA MET A 484 -7.43 14.97 11.40
C MET A 484 -8.03 14.97 9.99
N ILE A 485 -7.35 14.34 9.05
CA ILE A 485 -7.84 14.26 7.68
C ILE A 485 -8.42 12.85 7.44
N VAL A 486 -9.74 12.78 7.32
CA VAL A 486 -10.44 11.52 7.15
C VAL A 486 -11.17 11.30 5.82
N ASP A 487 -11.60 10.06 5.57
CA ASP A 487 -12.31 9.70 4.34
C ASP A 487 -13.79 9.48 4.52
N ILE A 488 -14.58 9.96 3.57
CA ILE A 488 -16.02 9.80 3.68
C ILE A 488 -16.37 8.31 3.66
N ASN A 489 -15.67 7.56 2.81
CA ASN A 489 -15.88 6.11 2.73
C ASN A 489 -14.50 5.47 2.90
N GLU A 490 -14.43 4.32 3.57
CA GLU A 490 -13.15 3.71 3.82
C GLU A 490 -12.34 3.43 2.58
N ARG A 491 -11.02 3.60 2.66
CA ARG A 491 -10.12 3.39 1.52
C ARG A 491 -8.82 2.65 1.87
N PRO A 492 -8.35 1.75 1.01
CA PRO A 492 -7.11 1.00 1.28
C PRO A 492 -5.99 1.85 1.84
N ALA A 493 -5.19 1.27 2.72
CA ALA A 493 -4.12 2.00 3.36
C ALA A 493 -2.71 1.75 2.80
N LEU A 494 -1.75 2.55 3.26
CA LEU A 494 -0.36 2.41 2.85
C LEU A 494 0.22 1.18 3.50
N ASP A 495 1.38 0.72 3.03
CA ASP A 495 1.99 -0.46 3.61
C ASP A 495 2.28 -0.34 5.09
N ASN A 496 2.78 0.81 5.50
CA ASN A 496 3.11 1.02 6.90
C ASN A 496 1.93 1.47 7.75
N GLU A 497 0.71 1.25 7.25
CA GLU A 497 -0.48 1.64 8.01
C GLU A 497 -1.38 0.46 8.31
N ARG A 498 -1.24 -0.13 9.49
CA ARG A 498 -2.04 -1.30 9.82
C ARG A 498 -3.20 -0.97 10.75
N LEU A 499 -3.36 0.30 11.07
CA LEU A 499 -4.46 0.71 11.93
C LEU A 499 -5.55 1.36 11.10
N LYS A 500 -6.77 0.85 11.17
CA LYS A 500 -7.88 1.41 10.41
C LYS A 500 -8.96 1.90 11.36
N TRP A 501 -9.05 3.21 11.49
CA TRP A 501 -10.02 3.81 12.40
C TRP A 501 -11.41 3.98 11.78
N ARG A 502 -12.45 3.80 12.58
CA ARG A 502 -13.83 4.01 12.15
C ARG A 502 -14.45 4.93 13.20
N ILE A 503 -14.44 6.23 12.92
CA ILE A 503 -14.90 7.27 13.83
C ILE A 503 -16.35 7.73 13.69
N GLN A 504 -17.10 7.73 14.79
CA GLN A 504 -18.48 8.22 14.78
C GLN A 504 -18.45 9.71 15.17
N LEU A 505 -18.63 10.60 14.19
CA LEU A 505 -18.57 12.05 14.45
C LEU A 505 -19.75 12.54 15.24
N SER A 506 -19.61 13.76 15.74
CA SER A 506 -20.70 14.38 16.49
C SER A 506 -21.30 15.52 15.68
N PRO A 507 -22.63 15.66 15.69
CA PRO A 507 -23.26 16.74 14.95
C PRO A 507 -22.50 18.04 15.20
N ASP A 508 -21.98 18.19 16.41
CA ASP A 508 -21.21 19.37 16.78
C ASP A 508 -19.85 19.50 16.10
N THR A 509 -19.27 18.40 15.61
CA THR A 509 -17.94 18.50 15.00
C THR A 509 -17.82 19.35 13.73
N ARG A 510 -16.93 20.33 13.79
CA ARG A 510 -16.69 21.21 12.65
C ARG A 510 -15.69 20.54 11.71
N ALA A 511 -15.92 20.74 10.42
CA ALA A 511 -15.05 20.16 9.41
C ALA A 511 -15.09 20.95 8.09
N GLY A 512 -14.11 20.66 7.24
CA GLY A 512 -14.03 21.26 5.92
C GLY A 512 -14.15 20.13 4.89
N TYR A 513 -14.87 20.37 3.80
CA TYR A 513 -15.03 19.35 2.77
C TYR A 513 -13.94 19.48 1.71
N LEU A 514 -13.39 18.36 1.27
CA LEU A 514 -12.35 18.34 0.23
C LEU A 514 -12.94 17.67 -0.99
N GLU A 515 -12.53 18.12 -2.17
CA GLU A 515 -13.06 17.53 -3.41
C GLU A 515 -12.80 16.04 -3.48
N ASN A 516 -11.57 15.62 -3.20
CA ASN A 516 -11.23 14.19 -3.28
C ASN A 516 -12.05 13.24 -2.41
N GLY A 517 -12.98 13.76 -1.63
CA GLY A 517 -13.81 12.87 -0.84
C GLY A 517 -13.37 12.70 0.59
N LYS A 518 -12.61 13.68 1.08
CA LYS A 518 -12.11 13.63 2.43
C LYS A 518 -12.63 14.83 3.22
N LEU A 519 -12.54 14.76 4.54
CA LEU A 519 -12.93 15.87 5.40
C LEU A 519 -11.70 16.28 6.19
N ILE A 520 -11.58 17.57 6.49
CA ILE A 520 -10.48 18.04 7.34
C ILE A 520 -11.20 18.46 8.62
N LEU A 521 -10.91 17.77 9.73
CA LEU A 521 -11.55 18.08 11.00
C LEU A 521 -10.86 19.15 11.84
N GLN A 522 -11.62 19.73 12.74
CA GLN A 522 -11.16 20.76 13.66
C GLN A 522 -10.13 20.16 14.63
N ARG A 523 -9.24 21.00 15.16
CA ARG A 523 -8.26 20.50 16.10
C ARG A 523 -8.87 20.41 17.48
N ASN A 524 -8.20 19.72 18.40
CA ASN A 524 -8.69 19.55 19.77
C ASN A 524 -9.98 18.74 19.76
N ILE A 525 -9.90 17.50 19.30
CA ILE A 525 -11.06 16.63 19.27
C ILE A 525 -10.88 15.61 20.38
N GLY A 526 -11.99 15.23 21.01
CA GLY A 526 -11.94 14.23 22.05
C GLY A 526 -12.45 12.92 21.47
N LEU A 527 -11.76 11.80 21.73
CA LEU A 527 -12.21 10.52 21.19
C LEU A 527 -12.26 9.41 22.23
N GLU A 528 -13.34 8.62 22.24
CA GLU A 528 -13.48 7.48 23.16
C GLU A 528 -13.39 6.22 22.34
N ILE A 529 -12.52 5.29 22.75
CA ILE A 529 -12.40 4.04 22.02
C ILE A 529 -13.57 3.18 22.43
N LYS A 530 -14.24 2.57 21.46
CA LYS A 530 -15.40 1.72 21.72
C LYS A 530 -15.15 0.26 21.37
N ASP A 531 -14.12 -0.02 20.59
CA ASP A 531 -13.84 -1.39 20.23
C ASP A 531 -12.49 -1.49 19.50
N VAL A 532 -11.81 -2.62 19.61
CA VAL A 532 -10.53 -2.79 18.95
C VAL A 532 -10.41 -4.28 18.68
N GLN A 533 -10.38 -4.64 17.40
CA GLN A 533 -10.34 -6.03 17.01
C GLN A 533 -9.44 -6.23 15.79
N ILE A 534 -9.06 -7.49 15.53
CA ILE A 534 -8.22 -7.80 14.37
C ILE A 534 -9.13 -8.19 13.24
N ILE A 535 -9.02 -7.53 12.09
CA ILE A 535 -9.87 -7.81 10.95
C ILE A 535 -9.06 -8.10 9.69
N LYS A 536 -9.67 -8.76 8.71
CA LYS A 536 -8.97 -9.05 7.46
C LYS A 536 -9.56 -8.21 6.34
N GLN A 537 -8.70 -7.62 5.53
CA GLN A 537 -9.14 -6.80 4.42
C GLN A 537 -8.12 -6.86 3.30
N SER A 538 -8.54 -7.35 2.14
CA SER A 538 -7.64 -7.47 1.00
C SER A 538 -6.51 -8.42 1.36
N GLU A 539 -6.89 -9.59 1.84
CA GLU A 539 -5.93 -10.62 2.23
C GLU A 539 -4.75 -10.12 3.05
N LYS A 540 -5.04 -9.21 3.97
CA LYS A 540 -4.04 -8.67 4.85
C LYS A 540 -4.80 -8.37 6.14
N GLU A 541 -4.12 -8.40 7.28
CA GLU A 541 -4.76 -8.15 8.56
C GLU A 541 -4.54 -6.76 9.15
N TYR A 542 -5.61 -6.13 9.63
CA TYR A 542 -5.54 -4.81 10.23
C TYR A 542 -6.24 -4.77 11.57
N ILE A 543 -6.02 -3.67 12.30
CA ILE A 543 -6.63 -3.42 13.59
C ILE A 543 -7.76 -2.38 13.43
N ARG A 544 -9.02 -2.81 13.46
CA ARG A 544 -10.11 -1.86 13.35
C ARG A 544 -10.21 -1.18 14.70
N ILE A 545 -10.38 0.13 14.70
CA ILE A 545 -10.49 0.85 15.94
C ILE A 545 -11.77 1.65 15.95
N ASP A 546 -12.87 1.08 16.43
CA ASP A 546 -14.11 1.83 16.46
C ASP A 546 -14.10 2.85 17.61
N ALA A 547 -14.24 4.13 17.27
CA ALA A 547 -14.22 5.24 18.24
C ALA A 547 -15.33 6.28 18.03
N LYS A 548 -15.67 7.00 19.08
CA LYS A 548 -16.72 8.01 19.01
C LYS A 548 -16.29 9.38 19.52
N VAL A 549 -16.53 10.42 18.71
CA VAL A 549 -16.16 11.78 19.08
C VAL A 549 -16.95 12.32 20.25
N VAL A 550 -16.25 12.93 21.20
CA VAL A 550 -16.89 13.54 22.38
C VAL A 550 -16.13 14.80 22.76
N PRO A 551 -16.78 15.70 23.53
CA PRO A 551 -16.14 16.96 23.95
C PRO A 551 -14.73 16.72 24.50
N LYS A 552 -13.73 17.41 23.94
CA LYS A 552 -12.37 17.20 24.45
C LYS A 552 -12.31 17.42 25.97
N SER A 553 -13.06 18.40 26.47
CA SER A 553 -13.08 18.67 27.90
C SER A 553 -13.30 17.37 28.68
N LYS A 554 -14.25 16.55 28.25
CA LYS A 554 -14.54 15.30 28.93
C LYS A 554 -13.30 14.42 29.05
N ILE A 555 -12.55 14.25 27.97
CA ILE A 555 -11.35 13.45 28.04
C ILE A 555 -10.30 14.11 28.93
N ASP A 556 -10.15 15.44 28.82
CA ASP A 556 -9.18 16.16 29.64
C ASP A 556 -9.48 16.04 31.13
N THR A 557 -10.76 16.09 31.50
CA THR A 557 -11.11 15.95 32.91
C THR A 557 -10.66 14.58 33.44
N LYS A 558 -10.84 13.54 32.65
CA LYS A 558 -10.42 12.20 33.04
C LYS A 558 -8.93 12.24 33.34
N ILE A 559 -8.16 12.86 32.46
CA ILE A 559 -6.73 12.94 32.67
C ILE A 559 -6.40 13.80 33.90
N GLN A 560 -7.22 14.80 34.16
CA GLN A 560 -6.99 15.69 35.30
C GLN A 560 -7.20 14.92 36.61
N GLU A 561 -8.32 14.23 36.74
CA GLU A 561 -8.62 13.43 37.94
C GLU A 561 -7.53 12.37 38.10
N ALA A 562 -7.23 11.67 37.01
CA ALA A 562 -6.21 10.64 37.02
C ALA A 562 -4.94 11.17 37.67
N GLN A 563 -4.56 12.41 37.32
CA GLN A 563 -3.36 12.99 37.90
C GLN A 563 -3.53 13.21 39.41
N LEU A 564 -4.69 13.70 39.82
CA LEU A 564 -4.97 13.93 41.23
C LEU A 564 -4.83 12.61 41.98
N ASN A 565 -5.42 11.55 41.42
CA ASN A 565 -5.35 10.26 42.05
C ASN A 565 -3.92 9.77 42.19
N ILE A 566 -3.18 9.74 41.09
CA ILE A 566 -1.79 9.26 41.11
C ILE A 566 -0.83 10.00 42.05
N ASN A 567 -1.23 11.18 42.55
CA ASN A 567 -0.37 11.89 43.48
C ASN A 567 -0.85 11.63 44.91
N GLN A 568 -2.17 11.51 45.06
CA GLN A 568 -2.78 11.22 46.37
C GLN A 568 -2.32 9.84 46.82
N GLU A 569 -1.79 9.07 45.87
CA GLU A 569 -1.32 7.73 46.16
C GLU A 569 0.19 7.64 46.41
N TRP A 570 1.00 8.18 45.51
CA TRP A 570 2.44 8.13 45.69
C TRP A 570 2.98 9.15 46.69
N ASN A 571 2.20 10.18 46.98
CA ASN A 571 2.66 11.16 47.96
C ASN A 571 2.66 10.44 49.29
N LYS A 572 1.72 9.51 49.42
CA LYS A 572 1.58 8.69 50.61
C LYS A 572 2.73 7.70 50.69
N ALA A 573 2.79 6.82 49.70
CA ALA A 573 3.84 5.81 49.63
C ALA A 573 5.27 6.34 49.75
N LEU A 574 5.45 7.66 49.75
CA LEU A 574 6.80 8.23 49.83
C LEU A 574 6.95 9.17 51.01
N GLY A 575 5.84 9.47 51.68
CA GLY A 575 5.89 10.34 52.83
C GLY A 575 6.05 11.81 52.47
N LEU A 576 5.39 12.20 51.39
CA LEU A 576 5.43 13.57 50.92
C LEU A 576 4.13 14.25 51.32
N PRO A 577 4.18 15.56 51.56
CA PRO A 577 2.97 16.29 51.94
C PRO A 577 1.82 15.94 50.98
N LYS A 578 0.68 15.56 51.56
CA LYS A 578 -0.53 15.18 50.82
C LYS A 578 -0.77 15.90 49.50
N TYR A 579 -0.51 17.20 49.48
CA TYR A 579 -0.76 18.01 48.29
C TYR A 579 0.44 18.44 47.46
N THR A 580 1.35 17.54 47.11
CA THR A 580 2.47 18.01 46.29
C THR A 580 2.35 17.62 44.82
N LYS A 581 2.80 18.54 43.97
CA LYS A 581 2.78 18.33 42.53
C LYS A 581 4.04 17.58 42.15
N LEU A 582 4.01 16.25 42.20
CA LEU A 582 5.19 15.47 41.84
C LEU A 582 5.03 14.97 40.41
N ILE A 583 4.02 14.13 40.21
CA ILE A 583 3.73 13.54 38.92
C ILE A 583 2.83 14.44 38.07
N THR A 584 3.20 14.57 36.81
CA THR A 584 2.43 15.40 35.92
C THR A 584 2.24 14.77 34.53
N PHE A 585 0.97 14.73 34.10
CA PHE A 585 0.57 14.20 32.79
C PHE A 585 0.48 15.37 31.85
N ASN A 586 1.22 15.32 30.75
CA ASN A 586 1.17 16.39 29.73
C ASN A 586 0.71 15.63 28.48
N VAL A 587 -0.57 15.23 28.47
CA VAL A 587 -1.12 14.43 27.38
C VAL A 587 -2.02 15.18 26.39
N HIS A 588 -1.65 15.09 25.12
CA HIS A 588 -2.40 15.77 24.07
C HIS A 588 -2.63 14.99 22.78
N ASN A 589 -2.00 13.82 22.64
CA ASN A 589 -2.15 13.10 21.40
C ASN A 589 -2.99 11.83 21.37
N ARG A 590 -3.07 11.19 20.21
CA ARG A 590 -3.93 10.02 19.93
C ARG A 590 -3.84 8.74 20.77
N TYR A 591 -2.75 8.52 21.52
CA TYR A 591 -2.63 7.31 22.35
C TYR A 591 -2.66 7.72 23.83
N ALA A 592 -3.46 8.76 24.11
CA ALA A 592 -3.63 9.34 25.44
C ALA A 592 -3.75 8.36 26.61
N SER A 593 -4.95 7.81 26.83
CA SER A 593 -5.15 6.89 27.94
C SER A 593 -3.93 6.01 28.25
N ASN A 594 -3.26 5.48 27.22
CA ASN A 594 -2.10 4.65 27.48
C ASN A 594 -0.98 5.44 28.17
N ILE A 595 -0.76 6.69 27.78
CA ILE A 595 0.28 7.49 28.44
C ILE A 595 -0.03 7.60 29.94
N VAL A 596 -1.30 7.70 30.30
CA VAL A 596 -1.74 7.79 31.69
C VAL A 596 -1.58 6.45 32.42
N GLU A 597 -2.26 5.40 31.96
CA GLU A 597 -2.19 4.09 32.60
C GLU A 597 -0.77 3.53 32.66
N SER A 598 0.13 4.03 31.82
CA SER A 598 1.51 3.53 31.83
C SER A 598 2.32 4.13 32.98
N ALA A 599 2.01 5.37 33.35
CA ALA A 599 2.73 6.04 34.43
C ALA A 599 2.68 5.16 35.65
N TYR A 600 1.47 4.70 36.00
CA TYR A 600 1.28 3.81 37.14
C TYR A 600 2.24 2.60 37.09
N LEU A 601 2.23 1.89 35.97
CA LEU A 601 3.07 0.70 35.79
C LEU A 601 4.56 0.97 35.74
N ILE A 602 4.95 2.17 35.32
CA ILE A 602 6.35 2.51 35.28
C ILE A 602 6.83 2.69 36.71
N LEU A 603 6.11 3.54 37.44
CA LEU A 603 6.46 3.82 38.83
C LEU A 603 6.44 2.56 39.72
N ASN A 604 5.53 1.63 39.48
CA ASN A 604 5.47 0.39 40.25
C ASN A 604 6.81 -0.36 40.13
N GLU A 605 7.31 -0.46 38.90
CA GLU A 605 8.54 -1.19 38.65
C GLU A 605 9.77 -0.48 39.26
N TRP A 606 9.65 0.85 39.41
CA TRP A 606 10.69 1.75 39.93
C TRP A 606 10.70 1.71 41.42
N LYS A 607 9.64 1.13 41.89
CA LYS A 607 9.44 0.92 43.27
C LYS A 607 9.89 -0.49 43.65
N ASN A 608 9.62 -1.46 42.79
CA ASN A 608 9.96 -2.85 43.05
C ASN A 608 11.38 -3.27 42.63
N ASN A 609 12.20 -2.31 42.23
CA ASN A 609 13.56 -2.62 41.79
C ASN A 609 14.59 -1.72 42.44
N ILE A 610 14.13 -0.74 43.21
CA ILE A 610 15.07 0.15 43.85
C ILE A 610 14.76 0.29 45.33
N GLN A 611 15.81 0.51 46.12
CA GLN A 611 15.71 0.64 47.56
C GLN A 611 14.82 1.82 47.98
N SER A 612 13.68 1.49 48.59
CA SER A 612 12.72 2.48 49.05
C SER A 612 13.37 3.66 49.73
N ASP A 613 14.41 3.41 50.51
CA ASP A 613 15.11 4.47 51.21
C ASP A 613 16.00 5.30 50.27
N LEU A 614 16.32 4.75 49.11
CA LEU A 614 17.13 5.48 48.13
C LEU A 614 16.19 6.40 47.36
N ILE A 615 14.96 5.94 47.16
CA ILE A 615 13.92 6.70 46.46
C ILE A 615 13.57 7.94 47.28
N LYS A 616 12.95 7.72 48.43
CA LYS A 616 12.55 8.80 49.31
C LYS A 616 13.62 9.88 49.42
N LYS A 617 14.85 9.47 49.71
CA LYS A 617 15.96 10.42 49.86
C LYS A 617 16.16 11.28 48.60
N VAL A 618 16.16 10.62 47.45
CA VAL A 618 16.35 11.32 46.19
C VAL A 618 15.13 12.13 45.77
N THR A 619 13.97 11.48 45.68
CA THR A 619 12.78 12.20 45.26
C THR A 619 12.36 13.30 46.24
N ASN A 620 13.12 13.48 47.30
CA ASN A 620 12.82 14.53 48.28
C ASN A 620 13.70 15.72 47.90
N TYR A 621 14.86 15.39 47.38
CA TYR A 621 15.79 16.38 46.91
C TYR A 621 15.10 17.06 45.75
N LEU A 622 14.57 16.22 44.86
CA LEU A 622 13.87 16.66 43.66
C LEU A 622 12.73 17.59 44.01
N VAL A 623 11.77 17.08 44.80
CA VAL A 623 10.62 17.86 45.22
C VAL A 623 11.02 19.19 45.83
N ASP A 624 12.24 19.24 46.39
CA ASP A 624 12.73 20.46 47.01
C ASP A 624 13.05 21.58 46.00
N GLY A 625 13.48 21.16 44.81
CA GLY A 625 13.80 22.11 43.76
C GLY A 625 12.65 22.17 42.77
N ASN A 626 11.46 21.77 43.24
CA ASN A 626 10.23 21.77 42.46
C ASN A 626 10.17 20.78 41.29
N GLY A 627 10.98 19.74 41.35
CA GLY A 627 10.98 18.76 40.28
C GLY A 627 9.62 18.17 39.95
N ARG A 628 9.61 17.43 38.85
CA ARG A 628 8.40 16.79 38.36
C ARG A 628 8.71 15.53 37.59
N PHE A 629 7.81 14.57 37.70
CA PHE A 629 7.92 13.33 36.96
C PHE A 629 6.91 13.55 35.85
N VAL A 630 7.43 13.88 34.66
CA VAL A 630 6.55 14.19 33.54
C VAL A 630 6.38 13.07 32.52
N PHE A 631 5.14 12.60 32.40
CA PHE A 631 4.80 11.55 31.44
C PHE A 631 3.97 12.20 30.34
N THR A 632 4.55 12.31 29.13
CA THR A 632 3.91 13.06 28.06
C THR A 632 3.96 12.40 26.69
N ASP A 633 3.13 12.91 25.79
CA ASP A 633 3.15 12.48 24.40
C ASP A 633 3.59 13.62 23.48
N ILE A 634 3.79 14.84 24.00
CA ILE A 634 4.29 15.91 23.13
C ILE A 634 5.82 15.75 23.15
N THR A 635 6.55 16.35 22.22
CA THR A 635 7.99 16.15 22.26
C THR A 635 8.65 16.93 23.37
N LEU A 636 9.72 16.36 23.91
CA LEU A 636 10.43 16.96 25.02
C LEU A 636 10.81 18.43 24.88
N PRO A 637 11.33 18.84 23.71
CA PRO A 637 11.71 20.25 23.58
C PRO A 637 10.55 21.22 23.82
N ASN A 638 9.36 20.69 24.14
CA ASN A 638 8.16 21.50 24.40
C ASN A 638 7.59 21.41 25.82
N ILE A 639 8.39 20.89 26.75
CA ILE A 639 7.97 20.80 28.15
C ILE A 639 8.74 21.90 28.86
N ALA A 640 8.02 22.77 29.57
CA ALA A 640 8.67 23.87 30.29
C ALA A 640 9.87 23.38 31.09
N GLU A 641 9.69 22.29 31.84
CA GLU A 641 10.76 21.72 32.66
C GLU A 641 12.12 21.64 31.94
N GLN A 642 12.13 21.72 30.62
CA GLN A 642 13.37 21.69 29.87
C GLN A 642 13.63 23.04 29.23
N TYR A 643 12.65 23.52 28.48
CA TYR A 643 12.83 24.75 27.77
C TYR A 643 12.95 26.04 28.59
N THR A 644 12.30 26.13 29.75
CA THR A 644 12.38 27.33 30.56
C THR A 644 13.77 27.54 31.13
N HIS A 645 14.66 26.59 30.89
CA HIS A 645 16.01 26.66 31.40
C HIS A 645 17.08 26.76 30.34
N GLN A 646 16.74 26.39 29.10
CA GLN A 646 17.72 26.45 28.02
C GLN A 646 18.24 27.87 27.83
N ASP A 647 19.41 27.99 27.22
CA ASP A 647 19.99 29.30 26.94
C ASP A 647 19.57 29.62 25.51
N GLU A 648 19.80 28.64 24.64
CA GLU A 648 19.44 28.75 23.24
C GLU A 648 18.44 27.67 22.91
N ILE A 649 17.54 27.95 21.98
CA ILE A 649 16.53 26.99 21.58
C ILE A 649 17.22 25.80 20.91
N TYR A 650 18.34 26.05 20.25
CA TYR A 650 19.07 24.99 19.57
C TYR A 650 19.78 24.05 20.53
N GLU A 651 19.66 24.35 21.83
CA GLU A 651 20.27 23.52 22.88
C GLU A 651 19.16 22.67 23.49
N GLN A 652 18.24 22.23 22.64
CA GLN A 652 17.10 21.43 23.05
C GLN A 652 17.33 19.93 22.79
N VAL A 653 16.72 19.09 23.59
CA VAL A 653 16.88 17.65 23.40
C VAL A 653 15.54 16.92 23.39
N HIS A 654 15.42 15.98 22.47
CA HIS A 654 14.23 15.18 22.40
C HIS A 654 14.67 13.73 22.42
N SER A 655 14.01 12.91 23.23
CA SER A 655 14.37 11.52 23.35
C SER A 655 13.38 10.77 24.23
N LYS A 656 13.57 9.46 24.34
CA LYS A 656 12.69 8.63 25.14
C LYS A 656 12.51 9.20 26.55
N GLY A 657 13.62 9.55 27.18
CA GLY A 657 13.58 10.10 28.51
C GLY A 657 14.69 11.12 28.56
N LEU A 658 14.68 11.97 29.58
CA LEU A 658 15.69 13.00 29.71
C LEU A 658 15.60 13.61 31.11
N TYR A 659 16.76 13.78 31.74
CA TYR A 659 16.81 14.37 33.07
C TYR A 659 17.28 15.81 33.00
N VAL A 660 16.57 16.70 33.69
CA VAL A 660 16.91 18.11 33.69
C VAL A 660 17.35 18.57 35.08
N PRO A 661 18.65 18.85 35.24
CA PRO A 661 19.17 19.30 36.53
C PRO A 661 18.52 20.57 37.04
N GLU A 662 18.55 21.63 36.24
CA GLU A 662 17.97 22.90 36.64
C GLU A 662 16.52 22.88 37.08
N SER A 663 15.79 21.83 36.76
CA SER A 663 14.39 21.76 37.17
C SER A 663 14.23 20.54 38.06
N ARG A 664 15.26 19.71 38.07
CA ARG A 664 15.26 18.49 38.85
C ARG A 664 14.04 17.69 38.50
N SER A 665 13.80 17.49 37.21
CA SER A 665 12.64 16.72 36.80
C SER A 665 13.00 15.70 35.77
N ILE A 666 12.26 14.61 35.75
CA ILE A 666 12.50 13.56 34.77
C ILE A 666 11.33 13.64 33.78
N LEU A 667 11.69 13.76 32.50
CA LEU A 667 10.72 13.83 31.43
C LEU A 667 10.77 12.53 30.65
N LEU A 668 9.61 11.89 30.46
CA LEU A 668 9.54 10.65 29.71
C LEU A 668 8.50 10.76 28.58
N HIS A 669 8.99 10.69 27.35
CA HIS A 669 8.18 10.79 26.16
C HIS A 669 7.61 9.41 25.85
N GLY A 670 6.29 9.30 25.89
CA GLY A 670 5.65 8.02 25.66
C GLY A 670 5.78 7.38 24.28
N PRO A 671 5.26 8.01 23.23
CA PRO A 671 5.28 7.53 21.84
C PRO A 671 6.55 6.87 21.29
N SER A 672 7.74 7.42 21.55
CA SER A 672 8.96 6.84 21.00
C SER A 672 9.45 5.47 21.46
N LYS A 673 10.72 5.23 21.17
CA LYS A 673 11.41 4.00 21.52
C LYS A 673 12.89 4.33 21.65
N GLY A 674 13.39 4.37 22.89
CA GLY A 674 14.79 4.71 23.11
C GLY A 674 15.79 3.67 22.66
N VAL A 675 17.02 4.12 22.32
CA VAL A 675 18.11 3.26 21.89
C VAL A 675 18.00 1.89 22.55
N GLU A 676 17.27 1.01 21.85
CA GLU A 676 16.96 -0.33 22.31
C GLU A 676 16.89 -0.49 23.81
N LEU A 677 15.65 -0.34 24.28
CA LEU A 677 15.26 -0.44 25.68
C LEU A 677 13.83 -0.88 25.56
N ARG A 678 13.62 -2.19 25.62
CA ARG A 678 12.31 -2.81 25.48
C ARG A 678 11.11 -2.14 26.15
N ASN A 679 11.29 -1.10 26.95
CA ASN A 679 10.13 -0.47 27.55
C ASN A 679 10.34 0.84 28.28
N ASP A 680 9.21 1.52 28.49
CA ASP A 680 9.14 2.79 29.18
C ASP A 680 9.78 2.71 30.56
N SER A 681 9.56 1.58 31.24
CA SER A 681 10.11 1.37 32.56
C SER A 681 11.59 1.66 32.58
N GLU A 682 12.35 0.81 31.89
CA GLU A 682 13.79 0.98 31.83
C GLU A 682 14.22 2.42 31.58
N GLY A 683 13.49 3.10 30.70
CA GLY A 683 13.83 4.49 30.40
C GLY A 683 13.73 5.39 31.61
N PHE A 684 12.66 5.25 32.37
CA PHE A 684 12.46 6.07 33.56
C PHE A 684 13.61 5.82 34.51
N ILE A 685 13.84 4.54 34.81
CA ILE A 685 14.89 4.11 35.72
C ILE A 685 16.28 4.58 35.30
N HIS A 686 16.62 4.52 34.02
CA HIS A 686 17.91 5.04 33.60
C HIS A 686 17.98 6.52 33.94
N CYS A 687 16.88 7.23 33.75
CA CYS A 687 16.88 8.66 34.03
C CYS A 687 16.91 8.95 35.51
N PHE A 688 16.51 7.97 36.31
CA PHE A 688 16.53 8.14 37.75
C PHE A 688 18.02 8.06 38.14
N GLY A 689 18.79 7.30 37.38
CA GLY A 689 20.21 7.20 37.63
C GLY A 689 20.82 8.59 37.59
N HIS A 690 20.39 9.41 36.63
CA HIS A 690 20.92 10.76 36.53
C HIS A 690 20.52 11.54 37.77
N ALA A 691 19.32 11.27 38.27
CA ALA A 691 18.85 11.97 39.47
C ALA A 691 19.81 11.64 40.60
N VAL A 692 20.10 10.35 40.77
CA VAL A 692 21.00 9.87 41.82
C VAL A 692 22.41 10.44 41.67
N ASP A 693 22.90 10.52 40.44
CA ASP A 693 24.21 11.07 40.17
C ASP A 693 24.15 12.56 40.55
N ASP A 694 22.95 13.12 40.55
CA ASP A 694 22.77 14.52 40.91
C ASP A 694 22.89 14.70 42.43
N TYR A 695 22.07 13.96 43.16
CA TYR A 695 22.06 14.04 44.63
C TYR A 695 23.39 13.64 45.23
N ALA A 696 23.99 12.59 44.64
CA ALA A 696 25.29 12.12 45.08
C ALA A 696 26.25 13.30 45.10
N GLY A 697 26.78 13.64 43.94
CA GLY A 697 27.71 14.72 43.83
C GLY A 697 27.30 15.98 44.63
N TYR A 698 26.01 16.15 44.84
CA TYR A 698 25.49 17.29 45.58
C TYR A 698 25.99 17.27 47.01
N LEU A 699 25.82 16.11 47.64
CA LEU A 699 26.22 15.90 49.02
C LEU A 699 27.70 16.17 49.25
N LEU A 700 28.51 16.14 48.18
CA LEU A 700 29.94 16.41 48.31
C LEU A 700 30.16 17.81 48.89
N ASP A 701 30.23 18.83 48.02
CA ASP A 701 30.41 20.20 48.50
C ASP A 701 29.22 21.09 48.13
N LYS A 702 28.14 20.97 48.89
CA LYS A 702 26.91 21.74 48.66
C LYS A 702 27.08 23.17 48.15
N ASN A 703 28.23 23.79 48.38
CA ASN A 703 28.45 25.16 47.92
C ASN A 703 28.26 25.22 46.40
N GLN A 704 28.37 24.05 45.76
CA GLN A 704 28.20 23.94 44.31
C GLN A 704 27.80 22.52 43.92
N SER A 705 26.51 22.29 43.70
CA SER A 705 26.07 20.95 43.30
C SER A 705 26.77 20.57 42.00
N ASP A 706 27.45 19.43 42.00
CA ASP A 706 28.13 18.96 40.80
C ASP A 706 27.82 17.47 40.71
N LEU A 707 28.06 16.84 39.56
CA LEU A 707 27.77 15.42 39.46
C LEU A 707 28.90 14.56 40.00
N VAL A 708 28.53 13.58 40.81
CA VAL A 708 29.51 12.66 41.40
C VAL A 708 30.18 11.89 40.27
N THR A 709 29.52 11.87 39.12
CA THR A 709 30.06 11.15 37.97
C THR A 709 31.14 11.99 37.30
N ASN A 710 31.48 13.10 37.92
CA ASN A 710 32.50 14.02 37.40
C ASN A 710 33.82 13.77 38.12
N SER A 711 33.73 13.22 39.33
CA SER A 711 34.88 12.92 40.18
C SER A 711 36.10 12.34 39.47
N LYS A 712 37.26 12.70 39.98
CA LYS A 712 38.52 12.23 39.42
C LYS A 712 38.51 10.71 39.44
N LYS A 713 38.05 10.14 40.55
CA LYS A 713 38.02 8.70 40.69
C LYS A 713 37.16 8.03 39.63
N PHE A 714 35.90 8.42 39.52
CA PHE A 714 35.00 7.80 38.56
C PHE A 714 35.45 7.92 37.11
N ILE A 715 35.91 9.10 36.71
CA ILE A 715 36.35 9.28 35.33
C ILE A 715 37.35 8.19 34.97
N ASP A 716 37.98 7.61 35.98
CA ASP A 716 38.93 6.54 35.77
C ASP A 716 38.20 5.21 35.61
N ILE A 717 37.16 4.99 36.41
CA ILE A 717 36.40 3.75 36.30
C ILE A 717 35.89 3.66 34.87
N PHE A 718 35.58 4.82 34.32
CA PHE A 718 35.08 4.90 32.96
C PHE A 718 36.25 4.75 31.98
N LYS A 719 37.45 5.03 32.46
CA LYS A 719 38.64 4.91 31.64
C LYS A 719 38.92 3.48 31.19
N GLU A 720 38.33 2.51 31.90
CA GLU A 720 38.56 1.10 31.55
C GLU A 720 37.30 0.24 31.50
N GLU A 721 36.29 0.59 32.29
CA GLU A 721 35.07 -0.21 32.30
C GLU A 721 33.99 0.35 31.37
N GLY A 722 34.05 1.65 31.12
CA GLY A 722 33.08 2.32 30.27
C GLY A 722 32.67 1.62 28.97
N SER A 723 33.45 0.64 28.54
CA SER A 723 33.14 -0.07 27.30
C SER A 723 32.72 -1.51 27.55
N ASN A 724 32.26 -1.81 28.76
CA ASN A 724 31.86 -3.15 29.11
C ASN A 724 30.35 -3.42 29.06
N LEU A 725 29.56 -2.37 29.27
CA LEU A 725 28.11 -2.53 29.27
C LEU A 725 27.45 -2.32 27.91
N THR A 726 26.71 -1.23 27.79
CA THR A 726 26.02 -0.91 26.54
C THR A 726 26.80 0.13 25.78
N SER A 727 26.69 0.07 24.47
CA SER A 727 27.38 1.01 23.60
C SER A 727 26.93 2.41 23.97
N TYR A 728 25.66 2.53 24.32
CA TYR A 728 25.14 3.83 24.69
C TYR A 728 25.78 4.35 25.98
N GLY A 729 26.04 3.45 26.91
CA GLY A 729 26.64 3.86 28.17
C GLY A 729 28.06 4.29 27.91
N ARG A 730 28.60 3.83 26.79
CA ARG A 730 29.98 4.14 26.38
C ARG A 730 30.12 5.58 25.92
N THR A 731 29.04 6.34 25.99
CA THR A 731 29.02 7.73 25.56
C THR A 731 29.82 8.65 26.46
N ASN A 732 29.66 8.50 27.76
CA ASN A 732 30.38 9.33 28.71
C ASN A 732 30.11 8.85 30.12
N GLU A 733 30.61 9.61 31.09
CA GLU A 733 30.45 9.28 32.50
C GLU A 733 28.98 9.14 32.91
N ALA A 734 28.29 10.28 32.99
CA ALA A 734 26.89 10.32 33.40
C ALA A 734 26.01 9.32 32.66
N GLU A 735 26.33 9.05 31.41
CA GLU A 735 25.53 8.11 30.64
C GLU A 735 25.96 6.68 30.93
N PHE A 736 27.19 6.53 31.40
CA PHE A 736 27.68 5.21 31.74
C PHE A 736 27.12 4.88 33.12
N PHE A 737 27.09 5.89 33.99
CA PHE A 737 26.58 5.74 35.35
C PHE A 737 25.10 5.36 35.38
N ALA A 738 24.29 6.04 34.58
CA ALA A 738 22.86 5.77 34.52
C ALA A 738 22.57 4.44 33.86
N GLU A 739 23.34 4.13 32.81
CA GLU A 739 23.19 2.88 32.08
C GLU A 739 23.53 1.71 33.01
N ALA A 740 24.64 1.86 33.72
CA ALA A 740 25.08 0.85 34.67
C ALA A 740 24.05 0.77 35.79
N PHE A 741 23.74 1.93 36.37
CA PHE A 741 22.76 1.96 37.44
C PHE A 741 21.53 1.17 36.99
N ARG A 742 21.01 1.53 35.83
CA ARG A 742 19.82 0.88 35.28
C ARG A 742 19.88 -0.64 35.23
N LEU A 743 20.91 -1.18 34.59
CA LEU A 743 21.05 -2.62 34.48
C LEU A 743 21.07 -3.26 35.86
N MET A 744 21.80 -2.65 36.78
CA MET A 744 21.89 -3.16 38.14
C MET A 744 20.50 -3.40 38.70
N HIS A 745 19.65 -2.38 38.67
CA HIS A 745 18.30 -2.50 39.20
C HIS A 745 17.28 -3.01 38.18
N SER A 746 17.76 -3.74 37.18
CA SER A 746 16.89 -4.31 36.16
C SER A 746 15.93 -5.32 36.76
N THR A 747 14.88 -5.67 36.03
CA THR A 747 13.92 -6.63 36.51
C THR A 747 14.47 -8.01 36.15
N ASP A 748 15.40 -8.01 35.19
CA ASP A 748 16.02 -9.24 34.75
C ASP A 748 17.38 -9.31 35.43
N HIS A 749 17.49 -10.23 36.40
CA HIS A 749 18.74 -10.41 37.14
C HIS A 749 19.87 -10.70 36.21
N ALA A 750 19.56 -11.39 35.12
CA ALA A 750 20.57 -11.70 34.13
C ALA A 750 21.32 -10.40 33.85
N GLU A 751 20.58 -9.32 33.62
CA GLU A 751 21.18 -8.02 33.33
C GLU A 751 21.94 -7.45 34.51
N ARG A 752 21.66 -7.99 35.70
CA ARG A 752 22.34 -7.52 36.89
C ARG A 752 23.73 -8.13 37.02
N LEU A 753 23.82 -9.44 36.84
CA LEU A 753 25.10 -10.15 36.93
C LEU A 753 26.03 -9.66 35.84
N LYS A 754 25.43 -9.13 34.79
CA LYS A 754 26.16 -8.60 33.65
C LYS A 754 27.01 -7.40 34.07
N VAL A 755 26.51 -6.63 35.03
CA VAL A 755 27.24 -5.47 35.51
C VAL A 755 28.28 -5.88 36.52
N GLN A 756 27.95 -6.91 37.29
CA GLN A 756 28.85 -7.42 38.32
C GLN A 756 30.09 -8.13 37.76
N LYS A 757 29.92 -8.93 36.71
CA LYS A 757 31.04 -9.65 36.14
C LYS A 757 31.62 -8.96 34.92
N ASN A 758 31.38 -7.65 34.79
CA ASN A 758 31.90 -6.89 33.67
C ASN A 758 32.16 -5.43 34.02
N ALA A 759 31.62 -4.99 35.13
CA ALA A 759 31.80 -3.61 35.59
C ALA A 759 32.07 -3.58 37.10
N PRO A 760 32.95 -4.46 37.58
CA PRO A 760 33.31 -4.56 39.00
C PRO A 760 33.42 -3.24 39.73
N LYS A 761 34.50 -2.51 39.48
CA LYS A 761 34.74 -1.23 40.15
C LYS A 761 33.52 -0.33 40.10
N THR A 762 32.67 -0.54 39.11
CA THR A 762 31.45 0.26 38.97
C THR A 762 30.37 -0.24 39.91
N PHE A 763 30.06 -1.53 39.83
CA PHE A 763 29.04 -2.13 40.69
C PHE A 763 29.33 -1.71 42.11
N GLN A 764 30.61 -1.51 42.39
CA GLN A 764 31.05 -1.10 43.72
C GLN A 764 30.81 0.38 43.90
N PHE A 765 31.23 1.17 42.91
CA PHE A 765 31.04 2.62 42.99
C PHE A 765 29.56 2.98 43.16
N ILE A 766 28.71 2.47 42.27
CA ILE A 766 27.28 2.75 42.35
C ILE A 766 26.71 2.37 43.71
N ASN A 767 27.14 1.24 44.24
CA ASN A 767 26.65 0.79 45.54
C ASN A 767 27.10 1.67 46.70
N ASP A 768 28.32 2.22 46.60
CA ASP A 768 28.80 3.08 47.67
C ASP A 768 27.83 4.24 47.76
N GLN A 769 27.72 4.97 46.65
CA GLN A 769 26.83 6.11 46.57
C GLN A 769 25.49 5.84 47.23
N ILE A 770 24.85 4.74 46.84
CA ILE A 770 23.55 4.39 47.39
C ILE A 770 23.57 4.45 48.92
N LYS A 771 24.54 3.79 49.53
CA LYS A 771 24.65 3.81 50.98
C LYS A 771 24.97 5.23 51.43
N PHE A 772 25.92 5.86 50.76
CA PHE A 772 26.30 7.23 51.05
C PHE A 772 25.01 8.05 51.19
N ILE A 773 24.19 8.03 50.14
CA ILE A 773 22.93 8.77 50.15
C ILE A 773 22.01 8.32 51.27
N ILE A 774 21.68 7.03 51.29
CA ILE A 774 20.80 6.48 52.32
C ILE A 774 21.16 6.98 53.71
N ASN A 775 22.41 6.70 54.12
CA ASN A 775 22.93 7.08 55.44
C ASN A 775 23.12 8.57 55.69
N SER A 776 23.20 9.37 54.63
CA SER A 776 23.37 10.80 54.83
C SER A 776 22.01 11.47 55.07
N ARG B 28 -22.44 -10.26 -32.43
CA ARG B 28 -22.79 -9.46 -33.65
C ARG B 28 -24.22 -8.92 -33.62
N ASN B 29 -24.63 -8.27 -34.70
CA ASN B 29 -25.96 -7.67 -34.84
C ASN B 29 -27.12 -8.56 -34.40
N LYS B 30 -26.91 -9.88 -34.38
CA LYS B 30 -27.92 -10.85 -33.98
C LYS B 30 -28.61 -10.54 -32.64
N THR B 31 -28.17 -11.21 -31.58
CA THR B 31 -28.74 -11.03 -30.24
C THR B 31 -28.37 -9.69 -29.61
N GLN B 32 -27.35 -9.05 -30.15
CA GLN B 32 -26.93 -7.76 -29.62
C GLN B 32 -28.08 -6.75 -29.62
N GLU B 33 -29.05 -6.91 -30.51
CA GLU B 33 -30.17 -5.98 -30.54
C GLU B 33 -31.21 -6.30 -29.48
N GLU B 34 -30.96 -7.41 -28.77
CA GLU B 34 -31.81 -7.83 -27.66
C GLU B 34 -31.24 -7.02 -26.52
N HIS B 35 -29.92 -6.87 -26.56
CA HIS B 35 -29.16 -6.11 -25.57
C HIS B 35 -29.76 -4.72 -25.46
N LEU B 36 -29.90 -4.05 -26.60
CA LEU B 36 -30.47 -2.72 -26.61
C LEU B 36 -31.94 -2.82 -26.23
N LYS B 37 -32.72 -3.52 -27.06
CA LYS B 37 -34.15 -3.71 -26.82
C LYS B 37 -34.50 -4.20 -25.42
N GLU B 38 -33.52 -4.79 -24.73
CA GLU B 38 -33.73 -5.30 -23.37
C GLU B 38 -33.46 -4.24 -22.32
N ILE B 39 -32.44 -3.41 -22.57
CA ILE B 39 -32.09 -2.33 -21.65
C ILE B 39 -33.24 -1.34 -21.70
N MET B 40 -33.77 -1.12 -22.91
CA MET B 40 -34.88 -0.20 -23.13
C MET B 40 -36.11 -0.63 -22.31
N LYS B 41 -36.44 -1.92 -22.39
CA LYS B 41 -37.58 -2.46 -21.67
C LYS B 41 -37.51 -2.15 -20.19
N HIS B 42 -36.35 -1.73 -19.70
CA HIS B 42 -36.21 -1.44 -18.29
C HIS B 42 -35.96 0.03 -17.93
N ILE B 43 -35.15 0.72 -18.73
CA ILE B 43 -34.85 2.11 -18.42
C ILE B 43 -35.66 3.14 -19.18
N VAL B 44 -36.33 2.71 -20.25
CA VAL B 44 -37.12 3.63 -21.06
C VAL B 44 -38.61 3.57 -20.72
N LYS B 45 -39.11 4.64 -20.13
CA LYS B 45 -40.53 4.73 -19.76
C LYS B 45 -41.32 5.65 -20.70
N ILE B 46 -42.11 5.04 -21.59
CA ILE B 46 -42.92 5.77 -22.57
C ILE B 46 -44.20 6.31 -21.92
N GLU B 47 -44.09 7.37 -21.14
CA GLU B 47 -45.25 7.94 -20.48
C GLU B 47 -45.77 9.18 -21.20
N VAL B 48 -46.31 8.97 -22.39
CA VAL B 48 -46.86 10.06 -23.21
C VAL B 48 -48.30 10.36 -22.79
N LYS B 49 -49.14 10.67 -23.78
CA LYS B 49 -50.55 10.95 -23.53
C LYS B 49 -51.41 10.10 -24.46
N GLY B 50 -50.81 9.66 -25.56
CA GLY B 50 -51.52 8.84 -26.53
C GLY B 50 -50.62 8.61 -27.73
N GLU B 51 -50.90 7.56 -28.51
CA GLU B 51 -50.10 7.21 -29.70
C GLU B 51 -48.76 6.61 -29.34
N GLU B 52 -48.75 5.71 -28.35
CA GLU B 52 -47.51 5.07 -27.95
C GLU B 52 -47.00 4.13 -29.03
N ALA B 53 -47.38 4.39 -30.27
CA ALA B 53 -46.95 3.53 -31.36
C ALA B 53 -45.72 4.09 -32.07
N VAL B 54 -45.86 5.28 -32.65
CA VAL B 54 -44.76 5.90 -33.35
C VAL B 54 -43.89 6.74 -32.43
N LYS B 55 -44.45 7.13 -31.28
CA LYS B 55 -43.68 7.92 -30.33
C LYS B 55 -42.61 7.03 -29.70
N LYS B 56 -42.94 5.76 -29.53
CA LYS B 56 -42.01 4.78 -28.97
C LYS B 56 -41.02 4.38 -30.06
N GLU B 57 -41.54 3.81 -31.15
CA GLU B 57 -40.71 3.42 -32.28
C GLU B 57 -39.78 4.60 -32.63
N ALA B 58 -40.16 5.80 -32.21
CA ALA B 58 -39.38 7.00 -32.44
C ALA B 58 -38.17 7.00 -31.54
N ALA B 59 -38.42 7.19 -30.24
CA ALA B 59 -37.36 7.20 -29.25
C ALA B 59 -36.36 6.10 -29.59
N GLU B 60 -36.87 4.95 -30.01
CA GLU B 60 -36.03 3.81 -30.37
C GLU B 60 -34.84 4.23 -31.23
N LYS B 61 -35.11 4.70 -32.44
CA LYS B 61 -34.02 5.11 -33.33
C LYS B 61 -33.24 6.30 -32.81
N LEU B 62 -33.83 7.10 -31.94
CA LEU B 62 -33.11 8.24 -31.38
C LEU B 62 -32.02 7.74 -30.44
N LEU B 63 -32.34 6.70 -29.68
CA LEU B 63 -31.40 6.12 -28.74
C LEU B 63 -30.48 5.11 -29.41
N GLU B 64 -30.99 4.39 -30.39
CA GLU B 64 -30.19 3.40 -31.10
C GLU B 64 -28.83 3.94 -31.48
N LYS B 65 -28.73 5.25 -31.63
CA LYS B 65 -27.46 5.86 -32.01
C LYS B 65 -26.41 5.84 -30.90
N VAL B 66 -26.88 5.89 -29.66
CA VAL B 66 -26.00 5.88 -28.49
C VAL B 66 -25.54 4.45 -28.23
N PRO B 67 -24.22 4.25 -28.02
CA PRO B 67 -23.68 2.91 -27.75
C PRO B 67 -24.47 2.23 -26.64
N SER B 68 -24.71 0.93 -26.79
CA SER B 68 -25.46 0.18 -25.79
C SER B 68 -24.79 0.20 -24.41
N ASP B 69 -23.47 0.09 -24.39
CA ASP B 69 -22.74 0.11 -23.14
C ASP B 69 -23.04 1.38 -22.34
N VAL B 70 -23.33 2.46 -23.05
CA VAL B 70 -23.64 3.72 -22.38
C VAL B 70 -25.01 3.61 -21.74
N LEU B 71 -25.85 2.74 -22.26
CA LEU B 71 -27.16 2.60 -21.68
C LEU B 71 -27.15 1.62 -20.53
N GLU B 72 -26.32 0.58 -20.60
CA GLU B 72 -26.26 -0.36 -19.50
C GLU B 72 -25.49 0.28 -18.34
N MET B 73 -24.48 1.08 -18.65
CA MET B 73 -23.75 1.76 -17.60
C MET B 73 -24.74 2.69 -16.88
N TYR B 74 -25.62 3.34 -17.64
CA TYR B 74 -26.59 4.24 -17.03
C TYR B 74 -27.49 3.46 -16.10
N LYS B 75 -27.93 2.29 -16.55
CA LYS B 75 -28.79 1.47 -15.69
C LYS B 75 -28.00 1.10 -14.43
N ALA B 76 -26.73 0.76 -14.59
CA ALA B 76 -25.87 0.39 -13.47
C ALA B 76 -25.86 1.47 -12.38
N ILE B 77 -25.70 2.73 -12.78
CA ILE B 77 -25.70 3.85 -11.86
C ILE B 77 -27.13 4.04 -11.37
N GLY B 78 -28.06 3.30 -11.98
CA GLY B 78 -29.46 3.41 -11.61
C GLY B 78 -30.17 4.56 -12.30
N GLY B 79 -29.93 4.70 -13.60
CA GLY B 79 -30.58 5.77 -14.34
C GLY B 79 -31.97 5.36 -14.81
N LYS B 80 -32.75 6.37 -15.20
CA LYS B 80 -34.12 6.19 -15.68
C LYS B 80 -34.35 7.13 -16.87
N ILE B 81 -34.84 6.61 -17.99
CA ILE B 81 -35.11 7.43 -19.19
C ILE B 81 -36.62 7.54 -19.47
N TYR B 82 -37.17 8.74 -19.27
CA TYR B 82 -38.59 9.02 -19.47
C TYR B 82 -38.92 9.72 -20.78
N ILE B 83 -39.65 9.03 -21.65
CA ILE B 83 -40.10 9.56 -22.96
C ILE B 83 -41.50 10.16 -22.77
N VAL B 84 -41.57 11.46 -22.49
CA VAL B 84 -42.88 12.11 -22.27
C VAL B 84 -43.09 13.39 -23.09
N ASP B 85 -44.32 13.56 -23.60
CA ASP B 85 -44.68 14.74 -24.39
C ASP B 85 -45.31 15.83 -23.50
N GLY B 86 -45.10 17.08 -23.88
CA GLY B 86 -45.63 18.20 -23.12
C GLY B 86 -44.53 18.98 -22.44
N ASP B 87 -44.86 19.64 -21.33
CA ASP B 87 -43.86 20.39 -20.58
C ASP B 87 -43.15 19.45 -19.62
N ILE B 88 -41.98 18.95 -20.03
CA ILE B 88 -41.21 18.00 -19.21
C ILE B 88 -41.15 18.34 -17.73
N THR B 89 -41.03 19.62 -17.39
CA THR B 89 -40.99 20.04 -15.99
C THR B 89 -42.17 19.44 -15.22
N LYS B 90 -43.29 19.32 -15.91
CA LYS B 90 -44.51 18.77 -15.35
C LYS B 90 -44.36 17.32 -14.91
N HIS B 91 -43.68 16.50 -15.73
CA HIS B 91 -43.47 15.08 -15.40
C HIS B 91 -43.13 14.92 -13.92
N ILE B 92 -43.56 13.79 -13.34
CA ILE B 92 -43.34 13.50 -11.92
C ILE B 92 -41.92 13.68 -11.38
N SER B 93 -40.91 13.30 -12.18
CA SER B 93 -39.54 13.42 -11.72
C SER B 93 -39.06 14.86 -11.47
N LEU B 94 -38.58 15.52 -12.52
CA LEU B 94 -38.06 16.89 -12.47
C LEU B 94 -38.87 17.91 -11.67
N GLU B 95 -40.01 17.47 -11.13
CA GLU B 95 -40.90 18.31 -10.34
C GLU B 95 -40.25 19.41 -9.50
N ALA B 96 -39.43 19.00 -8.53
CA ALA B 96 -38.75 19.90 -7.59
C ALA B 96 -37.80 20.94 -8.18
N LEU B 97 -37.25 20.68 -9.37
CA LEU B 97 -36.32 21.62 -9.99
C LEU B 97 -36.65 23.09 -9.68
N SER B 98 -35.64 23.80 -9.20
CA SER B 98 -35.79 25.20 -8.80
C SER B 98 -35.55 26.26 -9.87
N GLU B 99 -35.49 27.50 -9.38
CA GLU B 99 -35.24 28.69 -10.17
C GLU B 99 -33.86 28.56 -10.82
N ASP B 100 -32.85 28.47 -9.96
CA ASP B 100 -31.46 28.37 -10.36
C ASP B 100 -31.22 27.20 -11.32
N LYS B 101 -31.68 26.02 -10.94
CA LYS B 101 -31.47 24.84 -11.77
C LYS B 101 -32.31 24.74 -13.04
N LYS B 102 -33.44 25.47 -13.10
CA LYS B 102 -34.31 25.40 -14.29
C LYS B 102 -33.91 26.23 -15.51
N LYS B 103 -32.95 27.14 -15.37
CA LYS B 103 -32.49 27.94 -16.51
C LYS B 103 -31.23 27.26 -17.06
N ILE B 104 -31.34 26.64 -18.24
CA ILE B 104 -30.23 25.92 -18.87
C ILE B 104 -29.82 26.42 -20.26
N LYS B 105 -28.60 26.10 -20.66
CA LYS B 105 -28.05 26.47 -21.98
C LYS B 105 -28.02 25.24 -22.90
N ASP B 106 -27.94 25.46 -24.21
CA ASP B 106 -27.92 24.36 -25.15
C ASP B 106 -26.54 24.10 -25.72
N ILE B 107 -26.43 23.04 -26.52
CA ILE B 107 -25.18 22.63 -27.11
C ILE B 107 -24.35 23.78 -27.69
N TYR B 108 -24.96 24.91 -27.99
CA TYR B 108 -24.21 26.02 -28.57
C TYR B 108 -23.94 27.15 -27.60
N GLY B 109 -24.57 27.11 -26.43
CA GLY B 109 -24.34 28.15 -25.44
C GLY B 109 -25.49 29.12 -25.35
N LYS B 110 -26.62 28.74 -25.92
CA LYS B 110 -27.80 29.58 -25.94
C LYS B 110 -28.65 29.37 -24.71
N ASP B 111 -29.10 30.47 -24.10
CA ASP B 111 -29.96 30.36 -22.93
C ASP B 111 -31.30 29.81 -23.35
N ALA B 112 -32.05 29.30 -22.39
CA ALA B 112 -33.37 28.74 -22.66
C ALA B 112 -33.94 28.23 -21.34
N LEU B 113 -35.22 27.87 -21.34
CA LEU B 113 -35.83 27.35 -20.13
C LEU B 113 -36.56 26.05 -20.42
N LEU B 114 -36.37 25.07 -19.54
CA LEU B 114 -36.98 23.75 -19.69
C LEU B 114 -38.44 23.85 -20.17
N HIS B 115 -39.08 24.95 -19.78
CA HIS B 115 -40.45 25.27 -20.15
C HIS B 115 -40.60 24.97 -21.64
N GLU B 116 -39.98 25.82 -22.47
CA GLU B 116 -40.03 25.63 -23.91
C GLU B 116 -39.18 24.45 -24.37
N HIS B 117 -38.15 24.12 -23.61
CA HIS B 117 -37.24 23.04 -24.00
C HIS B 117 -37.75 21.60 -24.02
N TYR B 118 -37.00 20.76 -24.74
CA TYR B 118 -37.33 19.35 -24.94
C TYR B 118 -36.47 18.25 -24.28
N VAL B 119 -35.40 18.60 -23.59
CA VAL B 119 -34.61 17.56 -22.97
C VAL B 119 -33.76 18.01 -21.78
N TYR B 120 -33.74 17.18 -20.74
CA TYR B 120 -32.97 17.44 -19.53
C TYR B 120 -32.62 16.13 -18.85
N ALA B 121 -31.45 16.11 -18.24
CA ALA B 121 -30.97 14.94 -17.51
C ALA B 121 -30.62 15.44 -16.11
N LYS B 122 -31.43 15.08 -15.12
CA LYS B 122 -31.17 15.50 -13.75
C LYS B 122 -29.88 14.88 -13.21
N GLU B 123 -29.06 15.72 -12.59
CA GLU B 123 -27.82 15.25 -12.01
C GLU B 123 -28.17 14.43 -10.79
N GLY B 124 -28.11 15.05 -9.62
CA GLY B 124 -28.42 14.34 -8.39
C GLY B 124 -27.83 12.95 -8.44
N TYR B 125 -28.39 12.03 -7.66
CA TYR B 125 -27.89 10.67 -7.66
C TYR B 125 -29.03 9.68 -7.83
N GLU B 126 -30.15 10.21 -8.31
CA GLU B 126 -31.35 9.46 -8.64
C GLU B 126 -31.58 9.98 -10.05
N PRO B 127 -30.58 9.79 -10.96
CA PRO B 127 -30.52 10.20 -12.36
C PRO B 127 -31.65 9.81 -13.33
N VAL B 128 -32.12 10.79 -14.09
CA VAL B 128 -33.18 10.59 -15.05
C VAL B 128 -32.93 11.40 -16.33
N LEU B 129 -33.57 10.98 -17.42
CA LEU B 129 -33.47 11.67 -18.69
C LEU B 129 -34.90 11.89 -19.19
N VAL B 130 -35.38 13.13 -19.17
CA VAL B 130 -36.73 13.42 -19.63
C VAL B 130 -36.68 13.97 -21.07
N ILE B 131 -37.30 13.22 -21.99
CA ILE B 131 -37.31 13.60 -23.40
C ILE B 131 -38.73 13.87 -23.93
N GLN B 132 -38.96 15.07 -24.48
CA GLN B 132 -40.28 15.43 -25.03
C GLN B 132 -40.50 14.72 -26.36
N SER B 133 -41.47 13.83 -26.41
CA SER B 133 -41.75 13.05 -27.61
C SER B 133 -42.03 13.88 -28.85
N SER B 134 -41.72 13.27 -29.99
CA SER B 134 -41.90 13.86 -31.31
C SER B 134 -40.90 13.19 -32.26
N GLU B 135 -41.04 13.41 -33.56
CA GLU B 135 -40.14 12.80 -34.53
C GLU B 135 -39.31 13.83 -35.33
N ASP B 136 -39.19 15.05 -34.80
CA ASP B 136 -38.41 16.07 -35.48
C ASP B 136 -36.99 15.52 -35.61
N TYR B 137 -36.57 14.78 -34.59
CA TYR B 137 -35.25 14.17 -34.51
C TYR B 137 -34.61 13.74 -35.84
N VAL B 138 -35.33 12.98 -36.66
CA VAL B 138 -34.77 12.54 -37.93
C VAL B 138 -34.26 13.71 -38.78
N GLU B 139 -35.18 14.54 -39.25
CA GLU B 139 -34.83 15.70 -40.07
C GLU B 139 -34.34 16.88 -39.25
N ASN B 140 -34.84 16.99 -38.02
CA ASN B 140 -34.46 18.07 -37.13
C ASN B 140 -33.11 17.75 -36.50
N THR B 141 -32.18 17.25 -37.32
CA THR B 141 -30.85 16.88 -36.85
C THR B 141 -30.26 17.79 -35.78
N GLU B 142 -30.62 19.06 -35.80
CA GLU B 142 -30.08 19.98 -34.81
C GLU B 142 -30.82 19.92 -33.47
N LYS B 143 -31.94 19.21 -33.47
CA LYS B 143 -32.75 19.05 -32.27
C LYS B 143 -32.23 17.81 -31.54
N ALA B 144 -31.76 16.83 -32.33
CA ALA B 144 -31.22 15.58 -31.80
C ALA B 144 -29.77 15.73 -31.31
N LEU B 145 -29.01 16.58 -31.97
CA LEU B 145 -27.63 16.83 -31.57
C LEU B 145 -27.61 17.32 -30.11
N ASN B 146 -28.74 17.81 -29.63
CA ASN B 146 -28.84 18.30 -28.25
C ASN B 146 -29.21 17.20 -27.28
N VAL B 147 -30.17 16.36 -27.65
CA VAL B 147 -30.54 15.27 -26.77
C VAL B 147 -29.30 14.42 -26.51
N TYR B 148 -28.49 14.23 -27.55
CA TYR B 148 -27.25 13.46 -27.45
C TYR B 148 -26.22 14.17 -26.57
N TYR B 149 -26.27 15.50 -26.56
CA TYR B 149 -25.38 16.32 -25.75
C TYR B 149 -25.73 16.08 -24.30
N GLU B 150 -27.02 15.96 -24.02
CA GLU B 150 -27.44 15.76 -22.65
C GLU B 150 -26.99 14.36 -22.25
N ILE B 151 -26.96 13.45 -23.22
CA ILE B 151 -26.50 12.08 -22.98
C ILE B 151 -24.95 12.08 -22.95
N GLY B 152 -24.36 13.26 -23.14
CA GLY B 152 -22.91 13.37 -23.09
C GLY B 152 -22.54 13.79 -21.68
N LYS B 153 -23.45 14.51 -21.02
CA LYS B 153 -23.24 14.96 -19.65
C LYS B 153 -23.51 13.77 -18.74
N ILE B 154 -24.53 12.99 -19.08
CA ILE B 154 -24.85 11.83 -18.27
C ILE B 154 -23.68 10.87 -18.27
N LEU B 155 -22.91 10.86 -19.35
CA LEU B 155 -21.78 9.95 -19.44
C LEU B 155 -20.59 10.48 -18.64
N SER B 156 -19.98 11.56 -19.12
CA SER B 156 -18.81 12.16 -18.48
C SER B 156 -19.04 12.66 -17.06
N ARG B 157 -20.27 13.02 -16.71
CA ARG B 157 -20.50 13.56 -15.39
C ARG B 157 -21.14 12.62 -14.40
N ASP B 158 -22.02 11.74 -14.87
CA ASP B 158 -22.70 10.80 -13.99
C ASP B 158 -22.22 9.35 -14.10
N ILE B 159 -21.56 9.01 -15.21
CA ILE B 159 -21.08 7.64 -15.38
C ILE B 159 -19.56 7.48 -15.29
N LEU B 160 -18.80 8.43 -15.84
CA LEU B 160 -17.34 8.34 -15.82
C LEU B 160 -16.66 8.84 -14.56
N SER B 161 -17.33 9.73 -13.84
CA SER B 161 -16.78 10.26 -12.61
C SER B 161 -16.81 9.18 -11.54
N LYS B 162 -17.71 8.22 -11.65
CA LYS B 162 -17.79 7.13 -10.68
C LYS B 162 -16.50 6.27 -10.74
N ILE B 163 -15.76 6.32 -11.86
CA ILE B 163 -14.53 5.54 -11.99
C ILE B 163 -13.33 6.45 -12.24
N ASN B 164 -13.42 7.69 -11.77
CA ASN B 164 -12.35 8.69 -11.91
C ASN B 164 -11.99 9.14 -13.32
N GLN B 165 -13.00 9.22 -14.19
CA GLN B 165 -12.80 9.70 -15.58
C GLN B 165 -13.75 10.88 -15.82
N PRO B 166 -13.43 11.70 -16.82
CA PRO B 166 -12.24 11.52 -17.66
C PRO B 166 -11.02 11.93 -16.84
N TYR B 167 -9.83 11.49 -17.24
CA TYR B 167 -8.63 11.82 -16.49
C TYR B 167 -7.49 12.29 -17.36
N GLN B 168 -6.32 11.68 -17.22
CA GLN B 168 -5.16 12.14 -17.98
C GLN B 168 -5.28 12.03 -19.50
N LYS B 169 -5.86 10.92 -19.98
CA LYS B 169 -6.00 10.72 -21.42
C LYS B 169 -6.76 11.86 -22.11
N PHE B 170 -7.96 12.15 -21.62
CA PHE B 170 -8.76 13.21 -22.21
C PHE B 170 -8.03 14.53 -22.14
N LEU B 171 -7.49 14.84 -20.97
CA LEU B 171 -6.77 16.09 -20.81
C LEU B 171 -5.71 16.21 -21.91
N ASP B 172 -5.18 15.07 -22.32
CA ASP B 172 -4.16 15.08 -23.35
C ASP B 172 -4.75 15.59 -24.64
N VAL B 173 -5.99 15.20 -24.93
CA VAL B 173 -6.65 15.67 -26.14
C VAL B 173 -6.91 17.16 -26.01
N LEU B 174 -7.55 17.59 -24.92
CA LEU B 174 -7.82 18.99 -24.71
C LEU B 174 -6.57 19.83 -24.88
N ASN B 175 -5.41 19.26 -24.57
CA ASN B 175 -4.16 19.99 -24.70
C ASN B 175 -3.63 19.95 -26.13
N THR B 176 -3.91 18.87 -26.84
CA THR B 176 -3.44 18.76 -28.22
C THR B 176 -4.15 19.86 -28.97
N ILE B 177 -5.44 20.00 -28.69
CA ILE B 177 -6.26 21.02 -29.32
C ILE B 177 -5.88 22.42 -28.85
N LYS B 178 -5.85 22.62 -27.53
CA LYS B 178 -5.49 23.93 -26.98
C LYS B 178 -4.15 24.43 -27.49
N ASN B 179 -3.39 23.56 -28.15
CA ASN B 179 -2.09 23.97 -28.67
C ASN B 179 -1.94 23.73 -30.15
N ALA B 180 -3.04 23.38 -30.80
CA ALA B 180 -3.02 23.14 -32.23
C ALA B 180 -2.69 24.43 -32.97
N SER B 181 -2.09 24.31 -34.14
CA SER B 181 -1.74 25.48 -34.94
C SER B 181 -3.06 26.15 -35.34
N ASP B 182 -3.97 25.35 -35.90
CA ASP B 182 -5.29 25.83 -36.29
C ASP B 182 -6.16 25.90 -35.03
N SER B 183 -6.74 27.07 -34.75
CA SER B 183 -7.56 27.19 -33.55
C SER B 183 -9.04 26.88 -33.79
N ASP B 184 -9.32 26.15 -34.86
CA ASP B 184 -10.69 25.77 -35.19
C ASP B 184 -11.28 24.82 -34.16
N GLY B 185 -10.58 23.72 -33.91
CA GLY B 185 -11.06 22.75 -32.94
C GLY B 185 -11.37 23.42 -31.61
N GLN B 186 -10.53 24.37 -31.24
CA GLN B 186 -10.69 25.11 -29.99
C GLN B 186 -12.03 25.84 -29.99
N ASP B 187 -12.17 26.77 -30.93
CA ASP B 187 -13.40 27.56 -31.06
C ASP B 187 -14.65 26.71 -31.25
N LEU B 188 -14.49 25.50 -31.80
CA LEU B 188 -15.63 24.62 -32.01
C LEU B 188 -16.06 23.87 -30.75
N LEU B 189 -15.10 23.51 -29.91
CA LEU B 189 -15.38 22.73 -28.70
C LEU B 189 -15.26 23.45 -27.36
N PHE B 190 -14.17 24.18 -27.16
CA PHE B 190 -13.92 24.88 -25.90
C PHE B 190 -14.88 26.01 -25.58
N THR B 191 -14.74 26.54 -24.37
CA THR B 191 -15.53 27.66 -23.90
C THR B 191 -14.58 28.83 -23.78
N ASN B 192 -15.07 29.94 -23.25
CA ASN B 192 -14.27 31.14 -23.09
C ASN B 192 -13.15 30.87 -22.10
N GLN B 193 -13.53 30.44 -20.91
CA GLN B 193 -12.55 30.14 -19.87
C GLN B 193 -11.45 29.21 -20.39
N LEU B 194 -11.85 28.05 -20.90
CA LEU B 194 -10.87 27.08 -21.42
C LEU B 194 -9.89 27.69 -22.41
N LYS B 195 -10.35 28.65 -23.20
CA LYS B 195 -9.48 29.30 -24.17
C LYS B 195 -8.55 30.24 -23.41
N GLU B 196 -9.15 31.03 -22.52
CA GLU B 196 -8.43 32.01 -21.71
C GLU B 196 -7.53 31.38 -20.65
N HIS B 197 -7.12 30.15 -20.86
CA HIS B 197 -6.26 29.48 -19.88
C HIS B 197 -4.81 29.53 -20.33
N PRO B 198 -3.94 30.16 -19.50
CA PRO B 198 -2.50 30.32 -19.74
C PRO B 198 -1.66 29.10 -20.12
N THR B 199 -1.83 28.00 -19.38
CA THR B 199 -1.05 26.80 -19.66
C THR B 199 -1.92 25.59 -19.89
N ASP B 200 -1.29 24.49 -20.29
CA ASP B 200 -1.97 23.22 -20.53
C ASP B 200 -2.93 22.93 -19.39
N PHE B 201 -3.69 21.86 -19.51
CA PHE B 201 -4.63 21.52 -18.47
C PHE B 201 -4.08 20.42 -17.58
N SER B 202 -3.63 20.80 -16.39
CA SER B 202 -3.07 19.86 -15.41
C SER B 202 -4.15 19.01 -14.78
N VAL B 203 -3.78 17.86 -14.25
CA VAL B 203 -4.76 17.03 -13.59
C VAL B 203 -5.35 17.85 -12.43
N GLU B 204 -4.59 18.82 -11.94
CA GLU B 204 -5.04 19.68 -10.85
C GLU B 204 -6.14 20.62 -11.33
N PHE B 205 -6.15 20.91 -12.63
CA PHE B 205 -7.17 21.79 -13.19
C PHE B 205 -8.48 21.02 -13.16
N LEU B 206 -8.37 19.72 -13.45
CA LEU B 206 -9.51 18.83 -13.48
C LEU B 206 -10.21 18.79 -12.12
N GLU B 207 -9.48 19.12 -11.06
CA GLU B 207 -10.03 19.08 -9.71
C GLU B 207 -11.04 20.17 -9.40
N GLN B 208 -10.67 21.42 -9.67
CA GLN B 208 -11.59 22.53 -9.40
C GLN B 208 -12.58 22.65 -10.55
N ASN B 209 -12.06 22.66 -11.77
CA ASN B 209 -12.89 22.78 -12.97
C ASN B 209 -13.49 21.46 -13.40
N SER B 210 -14.04 20.76 -12.43
CA SER B 210 -14.67 19.48 -12.67
C SER B 210 -15.58 19.56 -13.91
N ASN B 211 -16.64 20.36 -13.78
CA ASN B 211 -17.64 20.54 -14.83
C ASN B 211 -17.13 20.97 -16.21
N GLU B 212 -16.32 22.01 -16.26
CA GLU B 212 -15.78 22.48 -17.54
C GLU B 212 -15.21 21.39 -18.45
N VAL B 213 -14.48 20.44 -17.89
CA VAL B 213 -13.92 19.39 -18.70
C VAL B 213 -14.99 18.37 -19.05
N GLN B 214 -15.98 18.21 -18.18
CA GLN B 214 -17.04 17.26 -18.46
C GLN B 214 -17.84 17.70 -19.67
N GLU B 215 -18.00 19.03 -19.82
CA GLU B 215 -18.75 19.62 -20.93
C GLU B 215 -18.04 19.39 -22.27
N VAL B 216 -16.79 19.82 -22.37
CA VAL B 216 -16.06 19.65 -23.61
C VAL B 216 -16.27 18.24 -24.08
N PHE B 217 -16.37 17.33 -23.12
CA PHE B 217 -16.58 15.93 -23.41
C PHE B 217 -17.95 15.71 -24.06
N ALA B 218 -19.00 16.19 -23.40
CA ALA B 218 -20.36 16.04 -23.90
C ALA B 218 -20.49 16.64 -25.30
N LYS B 219 -19.94 17.85 -25.50
CA LYS B 219 -19.98 18.47 -26.83
C LYS B 219 -19.39 17.47 -27.83
N ALA B 220 -18.11 17.19 -27.70
CA ALA B 220 -17.40 16.26 -28.58
C ALA B 220 -18.12 14.91 -28.74
N PHE B 221 -18.77 14.45 -27.68
CA PHE B 221 -19.49 13.19 -27.74
C PHE B 221 -20.68 13.33 -28.68
N ALA B 222 -21.55 14.29 -28.38
CA ALA B 222 -22.74 14.56 -29.19
C ALA B 222 -22.35 14.72 -30.65
N TYR B 223 -21.44 15.65 -30.93
CA TYR B 223 -20.98 15.84 -32.31
C TYR B 223 -20.64 14.48 -32.91
N TYR B 224 -20.02 13.59 -32.13
CA TYR B 224 -19.68 12.29 -32.68
C TYR B 224 -20.86 11.33 -32.84
N ILE B 225 -21.79 11.35 -31.91
CA ILE B 225 -22.95 10.45 -32.00
C ILE B 225 -23.91 10.83 -33.12
N GLU B 226 -24.16 12.13 -33.28
CA GLU B 226 -25.06 12.63 -34.32
C GLU B 226 -24.29 12.56 -35.65
N PRO B 227 -24.62 11.56 -36.49
CA PRO B 227 -23.99 11.33 -37.79
C PRO B 227 -23.66 12.55 -38.65
N GLN B 228 -24.66 13.39 -38.89
CA GLN B 228 -24.47 14.56 -39.72
C GLN B 228 -23.40 15.55 -39.24
N HIS B 229 -23.31 15.76 -37.93
CA HIS B 229 -22.30 16.70 -37.39
C HIS B 229 -20.95 16.05 -37.19
N ARG B 230 -20.91 14.73 -37.21
CA ARG B 230 -19.68 14.00 -37.02
C ARG B 230 -18.63 14.51 -37.96
N ASP B 231 -19.04 14.85 -39.17
CA ASP B 231 -18.11 15.34 -40.17
C ASP B 231 -17.55 16.70 -39.79
N VAL B 232 -18.26 17.42 -38.94
CA VAL B 232 -17.78 18.71 -38.48
C VAL B 232 -16.61 18.46 -37.54
N LEU B 233 -16.73 17.42 -36.70
CA LEU B 233 -15.68 17.04 -35.75
C LEU B 233 -14.43 16.58 -36.47
N GLN B 234 -14.53 15.48 -37.19
CA GLN B 234 -13.40 14.93 -37.92
C GLN B 234 -12.71 15.97 -38.82
N LEU B 235 -13.34 17.13 -38.95
CA LEU B 235 -12.83 18.20 -39.78
C LEU B 235 -11.98 19.20 -38.99
N TYR B 236 -12.62 19.94 -38.10
CA TYR B 236 -11.94 20.94 -37.31
C TYR B 236 -11.44 20.49 -35.94
N ALA B 237 -11.89 19.33 -35.48
CA ALA B 237 -11.45 18.80 -34.18
C ALA B 237 -11.07 17.33 -34.34
N PRO B 238 -10.09 17.05 -35.22
CA PRO B 238 -9.63 15.69 -35.47
C PRO B 238 -9.20 14.89 -34.23
N GLU B 239 -8.24 15.43 -33.48
CA GLU B 239 -7.76 14.74 -32.29
C GLU B 239 -8.92 14.41 -31.37
N ALA B 240 -9.98 15.21 -31.44
CA ALA B 240 -11.16 14.99 -30.61
C ALA B 240 -12.04 13.92 -31.27
N PHE B 241 -12.03 13.90 -32.60
CA PHE B 241 -12.82 12.91 -33.33
C PHE B 241 -12.25 11.53 -33.12
N ASN B 242 -10.94 11.41 -33.32
CA ASN B 242 -10.21 10.14 -33.15
C ASN B 242 -10.53 9.58 -31.78
N TYR B 243 -10.31 10.39 -30.75
CA TYR B 243 -10.59 9.97 -29.40
C TYR B 243 -11.99 9.38 -29.32
N MET B 244 -13.02 10.20 -29.56
CA MET B 244 -14.41 9.76 -29.48
C MET B 244 -14.67 8.54 -30.37
N ASP B 245 -13.93 8.43 -31.46
CA ASP B 245 -14.11 7.32 -32.39
C ASP B 245 -13.62 6.04 -31.71
N LYS B 246 -12.36 6.06 -31.29
CA LYS B 246 -11.74 4.91 -30.64
C LYS B 246 -12.43 4.55 -29.33
N PHE B 247 -13.05 5.54 -28.69
CA PHE B 247 -13.73 5.34 -27.42
C PHE B 247 -15.06 4.62 -27.58
N ASN B 248 -15.96 5.20 -28.36
CA ASN B 248 -17.29 4.64 -28.58
C ASN B 248 -17.36 3.32 -29.33
N GLU B 249 -16.29 2.98 -30.03
CA GLU B 249 -16.25 1.74 -30.79
C GLU B 249 -15.38 0.68 -30.13
N GLN B 250 -14.79 1.02 -28.99
CA GLN B 250 -13.93 0.07 -28.29
C GLN B 250 -13.92 0.34 -26.80
N GLU B 251 -13.00 1.18 -26.39
CA GLU B 251 -12.80 1.54 -25.00
C GLU B 251 -14.06 1.69 -24.13
N ILE B 252 -15.23 1.89 -24.73
CA ILE B 252 -16.45 2.06 -23.94
C ILE B 252 -16.72 0.80 -23.12
N ASN B 253 -16.45 -0.35 -23.72
CA ASN B 253 -16.67 -1.62 -23.07
C ASN B 253 -15.86 -1.72 -21.76
N LEU B 254 -14.60 -1.25 -21.80
CA LEU B 254 -13.74 -1.25 -20.62
C LEU B 254 -14.36 -0.36 -19.53
N SER B 255 -14.88 0.80 -19.94
CA SER B 255 -15.52 1.72 -19.00
C SER B 255 -16.65 1.01 -18.29
N LEU B 256 -17.42 0.24 -19.06
CA LEU B 256 -18.53 -0.52 -18.49
C LEU B 256 -17.89 -1.45 -17.46
N GLU B 257 -17.10 -2.42 -17.93
CA GLU B 257 -16.38 -3.37 -17.06
C GLU B 257 -15.78 -2.71 -15.80
N GLU B 258 -15.06 -1.62 -15.96
CA GLU B 258 -14.45 -0.95 -14.81
C GLU B 258 -15.50 -0.47 -13.82
N LEU B 259 -16.64 -0.01 -14.31
CA LEU B 259 -17.70 0.46 -13.45
C LEU B 259 -18.33 -0.73 -12.74
N LYS B 260 -18.43 -1.86 -13.44
CA LYS B 260 -19.01 -3.08 -12.87
C LYS B 260 -18.18 -3.54 -11.68
N ASP B 261 -16.87 -3.26 -11.78
CA ASP B 261 -15.87 -3.61 -10.77
C ASP B 261 -15.96 -2.74 -9.48
N GLN B 262 -16.81 -1.71 -9.49
CA GLN B 262 -16.97 -0.89 -8.28
C GLN B 262 -18.16 -1.46 -7.51
N ARG B 263 -18.86 -2.40 -8.13
CA ARG B 263 -20.05 -2.97 -7.51
C ARG B 263 -19.88 -4.29 -6.78
N MET B 264 -20.25 -4.29 -5.51
CA MET B 264 -20.16 -5.49 -4.72
C MET B 264 -20.80 -6.68 -5.45
N LEU B 265 -22.13 -6.65 -5.55
CA LEU B 265 -22.88 -7.73 -6.19
C LEU B 265 -22.37 -8.17 -7.58
N SER B 266 -21.76 -7.24 -8.32
CA SER B 266 -21.22 -7.55 -9.64
C SER B 266 -19.96 -8.37 -9.49
N ARG B 267 -19.10 -7.95 -8.55
CA ARG B 267 -17.84 -8.64 -8.31
C ARG B 267 -18.07 -10.05 -7.83
N TYR B 268 -19.06 -10.20 -6.96
CA TYR B 268 -19.39 -11.48 -6.40
C TYR B 268 -20.00 -12.41 -7.44
N GLU B 269 -20.88 -11.87 -8.27
CA GLU B 269 -21.54 -12.66 -9.30
C GLU B 269 -20.47 -13.27 -10.20
N LYS B 270 -19.54 -12.42 -10.61
CA LYS B 270 -18.46 -12.84 -11.50
C LYS B 270 -17.70 -14.02 -10.88
N TRP B 271 -17.26 -13.82 -9.63
CA TRP B 271 -16.54 -14.82 -8.85
C TRP B 271 -17.28 -16.14 -8.95
N GLU B 272 -18.58 -16.09 -8.68
CA GLU B 272 -19.45 -17.26 -8.72
C GLU B 272 -19.38 -18.07 -10.00
N LYS B 273 -19.53 -17.39 -11.12
CA LYS B 273 -19.50 -18.07 -12.41
C LYS B 273 -18.15 -18.65 -12.74
N ILE B 274 -17.09 -17.92 -12.40
CA ILE B 274 -15.73 -18.39 -12.63
C ILE B 274 -15.50 -19.61 -11.74
N LYS B 275 -16.00 -19.50 -10.51
CA LYS B 275 -15.88 -20.57 -9.52
C LYS B 275 -16.68 -21.79 -9.91
N GLN B 276 -17.88 -21.54 -10.42
CA GLN B 276 -18.75 -22.62 -10.82
C GLN B 276 -18.06 -23.37 -11.94
N HIS B 277 -17.89 -22.69 -13.07
CA HIS B 277 -17.25 -23.24 -14.22
C HIS B 277 -16.08 -24.20 -13.84
N TYR B 278 -15.24 -23.84 -12.87
CA TYR B 278 -14.09 -24.68 -12.52
C TYR B 278 -14.38 -25.68 -11.40
N GLN B 279 -15.63 -25.80 -10.99
CA GLN B 279 -15.91 -26.73 -9.90
C GLN B 279 -15.38 -28.15 -10.11
N HIS B 280 -15.83 -28.79 -11.18
CA HIS B 280 -15.40 -30.15 -11.46
C HIS B 280 -13.87 -30.28 -11.41
N TRP B 281 -13.17 -29.29 -11.97
CA TRP B 281 -11.71 -29.32 -11.95
C TRP B 281 -11.32 -29.27 -10.48
N SER B 282 -11.92 -28.33 -9.75
CA SER B 282 -11.66 -28.16 -8.33
C SER B 282 -11.91 -29.44 -7.54
N ASP B 283 -12.95 -30.18 -7.92
CA ASP B 283 -13.30 -31.40 -7.21
C ASP B 283 -12.53 -32.63 -7.67
N SER B 284 -11.56 -32.44 -8.57
CA SER B 284 -10.76 -33.57 -9.03
C SER B 284 -9.30 -33.40 -8.55
N LEU B 285 -9.06 -32.37 -7.74
CA LEU B 285 -7.71 -32.10 -7.26
C LEU B 285 -7.25 -33.11 -6.24
N SER B 286 -6.22 -33.87 -6.61
CA SER B 286 -5.65 -34.85 -5.71
C SER B 286 -4.95 -34.03 -4.63
N GLU B 287 -4.53 -34.68 -3.55
CA GLU B 287 -3.84 -33.94 -2.51
C GLU B 287 -2.51 -33.45 -3.08
N GLU B 288 -1.95 -34.23 -4.00
CA GLU B 288 -0.67 -33.88 -4.59
C GLU B 288 -0.86 -32.62 -5.43
N GLY B 289 -1.99 -32.57 -6.13
CA GLY B 289 -2.30 -31.42 -6.96
C GLY B 289 -2.31 -30.17 -6.12
N ARG B 290 -3.29 -30.09 -5.22
CA ARG B 290 -3.41 -28.93 -4.35
C ARG B 290 -2.04 -28.62 -3.79
N GLY B 291 -1.27 -29.68 -3.56
CA GLY B 291 0.08 -29.53 -3.04
C GLY B 291 0.94 -28.69 -3.95
N LEU B 292 0.94 -29.04 -5.24
CA LEU B 292 1.71 -28.31 -6.23
C LEU B 292 1.32 -26.84 -6.23
N LEU B 293 0.06 -26.57 -6.56
CA LEU B 293 -0.45 -25.20 -6.62
C LEU B 293 -0.05 -24.36 -5.41
N LYS B 294 -0.16 -24.94 -4.22
CA LYS B 294 0.21 -24.20 -3.03
C LYS B 294 1.71 -23.84 -3.07
N LYS B 295 2.56 -24.78 -3.46
CA LYS B 295 4.00 -24.53 -3.52
C LYS B 295 4.30 -23.41 -4.51
N LEU B 296 3.56 -23.42 -5.61
CA LEU B 296 3.69 -22.44 -6.69
C LEU B 296 3.50 -21.01 -6.21
N GLN B 297 2.53 -20.81 -5.32
CA GLN B 297 2.25 -19.49 -4.77
C GLN B 297 3.23 -19.11 -3.68
N ILE B 298 3.53 -20.07 -2.80
CA ILE B 298 4.44 -19.86 -1.67
C ILE B 298 5.76 -20.59 -1.90
N PRO B 299 6.86 -19.86 -2.06
CA PRO B 299 8.14 -20.53 -2.28
C PRO B 299 8.68 -21.17 -1.02
N ILE B 300 9.44 -22.25 -1.18
CA ILE B 300 10.05 -22.94 -0.05
C ILE B 300 11.37 -22.29 0.30
N GLU B 301 11.49 -21.78 1.52
CA GLU B 301 12.73 -21.16 1.97
C GLU B 301 13.75 -22.24 2.34
N PRO B 302 15.05 -21.95 2.23
CA PRO B 302 16.10 -22.92 2.56
C PRO B 302 16.08 -23.18 4.06
N LYS B 303 16.32 -24.42 4.48
CA LYS B 303 16.31 -24.74 5.90
C LYS B 303 17.74 -24.73 6.46
N LYS B 304 17.99 -23.78 7.37
CA LYS B 304 19.30 -23.59 8.02
C LYS B 304 20.15 -24.84 8.31
N ASP B 305 19.63 -25.80 9.08
CA ASP B 305 20.46 -26.97 9.37
C ASP B 305 20.62 -27.92 8.20
N ASP B 306 19.59 -28.03 7.36
CA ASP B 306 19.67 -28.88 6.18
C ASP B 306 20.94 -28.47 5.46
N ILE B 307 21.14 -27.16 5.37
CA ILE B 307 22.32 -26.59 4.72
C ILE B 307 23.60 -27.08 5.38
N ILE B 308 23.62 -27.12 6.71
CA ILE B 308 24.80 -27.54 7.45
C ILE B 308 25.22 -29.00 7.19
N HIS B 309 24.30 -29.94 7.39
CA HIS B 309 24.62 -31.35 7.16
C HIS B 309 25.27 -31.61 5.81
N SER B 310 24.82 -30.88 4.79
CA SER B 310 25.36 -31.01 3.44
C SER B 310 26.81 -30.56 3.38
N LEU B 311 27.22 -29.79 4.38
CA LEU B 311 28.58 -29.29 4.47
C LEU B 311 29.55 -30.44 4.76
N SER B 312 30.77 -30.33 4.24
CA SER B 312 31.79 -31.33 4.49
C SER B 312 32.50 -30.77 5.73
N GLN B 313 33.35 -31.56 6.36
CA GLN B 313 34.04 -31.08 7.55
C GLN B 313 34.85 -29.84 7.24
N GLU B 314 35.60 -29.87 6.14
CA GLU B 314 36.41 -28.72 5.80
C GLU B 314 35.51 -27.49 5.77
N GLU B 315 34.39 -27.58 5.06
CA GLU B 315 33.44 -26.47 4.95
C GLU B 315 32.90 -25.94 6.27
N LYS B 316 32.43 -26.82 7.13
CA LYS B 316 31.90 -26.37 8.43
C LYS B 316 32.96 -25.56 9.15
N GLU B 317 34.22 -25.79 8.81
CA GLU B 317 35.32 -25.07 9.43
C GLU B 317 35.38 -23.64 8.90
N LEU B 318 35.51 -23.50 7.59
CA LEU B 318 35.57 -22.19 6.93
C LEU B 318 34.38 -21.32 7.32
N LEU B 319 33.25 -21.97 7.57
CA LEU B 319 32.02 -21.28 7.95
C LEU B 319 32.13 -20.60 9.30
N LYS B 320 32.94 -21.17 10.18
CA LYS B 320 33.13 -20.60 11.51
C LYS B 320 34.01 -19.36 11.46
N ARG B 321 35.09 -19.44 10.70
CA ARG B 321 36.07 -18.36 10.60
C ARG B 321 35.87 -17.31 9.50
N ILE B 322 35.07 -17.62 8.49
CA ILE B 322 34.85 -16.68 7.40
C ILE B 322 33.95 -15.52 7.81
N GLN B 323 34.36 -14.31 7.45
CA GLN B 323 33.58 -13.12 7.76
C GLN B 323 32.77 -12.77 6.52
N ILE B 324 31.48 -13.05 6.57
CA ILE B 324 30.59 -12.81 5.45
C ILE B 324 30.58 -11.36 5.01
N ASP B 325 30.92 -10.46 5.93
CA ASP B 325 30.93 -9.04 5.61
C ASP B 325 32.09 -8.55 4.76
N SER B 326 32.92 -9.47 4.28
CA SER B 326 34.06 -9.07 3.45
C SER B 326 33.88 -9.40 1.98
N SER B 327 32.75 -10.02 1.65
CA SER B 327 32.46 -10.39 0.26
C SER B 327 31.45 -9.42 -0.36
N ASP B 328 31.73 -9.02 -1.59
CA ASP B 328 30.88 -8.09 -2.31
C ASP B 328 29.86 -8.82 -3.17
N PHE B 329 29.83 -10.15 -3.06
CA PHE B 329 28.91 -10.93 -3.87
C PHE B 329 27.81 -11.67 -3.13
N LEU B 330 27.15 -10.98 -2.20
CA LEU B 330 26.06 -11.56 -1.44
C LEU B 330 25.08 -10.45 -1.10
N SER B 331 23.80 -10.69 -1.38
CA SER B 331 22.78 -9.68 -1.13
C SER B 331 22.48 -9.48 0.35
N THR B 332 21.87 -8.34 0.65
CA THR B 332 21.49 -7.99 2.01
C THR B 332 21.02 -9.25 2.72
N GLU B 333 19.93 -9.82 2.21
CA GLU B 333 19.35 -11.04 2.76
C GLU B 333 20.30 -12.23 2.80
N GLU B 334 20.96 -12.49 1.67
CA GLU B 334 21.88 -13.60 1.59
C GLU B 334 22.97 -13.54 2.66
N LYS B 335 23.36 -12.32 3.06
CA LYS B 335 24.35 -12.17 4.13
C LYS B 335 23.62 -12.42 5.46
N GLU B 336 22.49 -11.75 5.64
CA GLU B 336 21.69 -11.89 6.85
C GLU B 336 21.42 -13.36 7.15
N PHE B 337 21.43 -14.19 6.11
CA PHE B 337 21.15 -15.61 6.27
C PHE B 337 22.38 -16.44 6.62
N LEU B 338 23.48 -16.19 5.92
CA LEU B 338 24.69 -16.94 6.20
C LEU B 338 25.25 -16.63 7.59
N LYS B 339 24.87 -15.47 8.15
CA LYS B 339 25.34 -15.13 9.48
C LYS B 339 24.64 -16.03 10.48
N LYS B 340 23.37 -16.32 10.24
CA LYS B 340 22.62 -17.19 11.15
C LYS B 340 23.21 -18.59 11.09
N LEU B 341 23.60 -19.05 9.91
CA LEU B 341 24.20 -20.38 9.80
C LEU B 341 25.45 -20.39 10.66
N GLN B 342 26.26 -19.35 10.49
CA GLN B 342 27.50 -19.17 11.24
C GLN B 342 27.19 -19.29 12.72
N ILE B 343 26.14 -18.60 13.16
CA ILE B 343 25.72 -18.63 14.56
C ILE B 343 25.34 -20.04 14.98
N ASP B 344 24.65 -20.76 14.09
CA ASP B 344 24.23 -22.13 14.39
C ASP B 344 25.43 -23.06 14.57
N ILE B 345 26.39 -22.99 13.66
CA ILE B 345 27.56 -23.84 13.75
C ILE B 345 28.47 -23.43 14.90
N ARG B 346 28.36 -22.17 15.34
CA ARG B 346 29.17 -21.68 16.45
C ARG B 346 28.54 -21.99 17.82
N ASP B 347 27.32 -22.52 17.79
CA ASP B 347 26.62 -22.85 19.03
C ASP B 347 27.27 -23.99 19.78
N SER B 348 27.43 -25.14 19.13
CA SER B 348 28.05 -26.30 19.75
C SER B 348 29.57 -26.26 19.66
N LEU B 349 30.22 -27.29 20.21
CA LEU B 349 31.69 -27.40 20.22
C LEU B 349 32.36 -26.06 20.51
N SER B 365 39.28 -7.29 8.09
CA SER B 365 38.74 -6.96 6.78
C SER B 365 39.83 -6.97 5.71
N ASN B 366 40.68 -7.99 5.76
CA ASN B 366 41.78 -8.14 4.81
C ASN B 366 41.45 -9.22 3.75
N PRO B 367 42.31 -10.24 3.57
CA PRO B 367 41.92 -11.22 2.54
C PRO B 367 40.58 -11.92 2.68
N LEU B 368 40.32 -12.79 1.70
CA LEU B 368 39.13 -13.61 1.61
C LEU B 368 39.53 -14.81 0.77
N SER B 369 40.53 -15.53 1.26
CA SER B 369 41.09 -16.72 0.62
C SER B 369 40.31 -17.28 -0.56
N GLU B 370 41.03 -17.66 -1.62
CA GLU B 370 40.41 -18.21 -2.80
C GLU B 370 39.41 -19.28 -2.42
N LYS B 371 39.72 -20.03 -1.36
CA LYS B 371 38.80 -21.07 -0.89
C LYS B 371 37.51 -20.46 -0.36
N GLU B 372 37.61 -19.38 0.41
CA GLU B 372 36.42 -18.74 0.97
C GLU B 372 35.49 -18.17 -0.09
N LYS B 373 36.07 -17.53 -1.09
CA LYS B 373 35.28 -16.94 -2.17
C LYS B 373 34.54 -18.05 -2.89
N GLU B 374 35.25 -19.15 -3.15
CA GLU B 374 34.67 -20.29 -3.84
C GLU B 374 33.63 -20.95 -2.96
N PHE B 375 33.79 -20.84 -1.64
CA PHE B 375 32.86 -21.44 -0.70
C PHE B 375 31.56 -20.62 -0.65
N LEU B 376 31.69 -19.31 -0.66
CA LEU B 376 30.53 -18.43 -0.63
C LEU B 376 29.77 -18.52 -1.94
N LYS B 377 30.49 -18.49 -3.05
CA LYS B 377 29.83 -18.60 -4.34
C LYS B 377 28.97 -19.85 -4.33
N LYS B 378 29.50 -20.94 -3.77
CA LYS B 378 28.77 -22.20 -3.69
C LYS B 378 27.53 -22.11 -2.82
N LEU B 379 27.68 -21.55 -1.62
CA LEU B 379 26.54 -21.43 -0.72
C LEU B 379 25.42 -20.58 -1.35
N LYS B 380 25.83 -19.54 -2.07
CA LYS B 380 24.88 -18.66 -2.74
C LYS B 380 23.83 -19.47 -3.50
N LEU B 381 24.28 -20.40 -4.33
CA LEU B 381 23.36 -21.22 -5.10
C LEU B 381 22.43 -22.01 -4.19
N ASP B 382 22.99 -22.66 -3.18
CA ASP B 382 22.19 -23.48 -2.26
C ASP B 382 21.21 -22.73 -1.37
N ILE B 383 21.52 -21.49 -1.02
CA ILE B 383 20.63 -20.73 -0.13
C ILE B 383 19.49 -19.96 -0.79
N GLN B 384 19.23 -20.25 -2.06
CA GLN B 384 18.13 -19.58 -2.76
C GLN B 384 16.84 -20.32 -2.50
N PRO B 385 15.70 -19.63 -2.55
CA PRO B 385 14.44 -20.32 -2.30
C PRO B 385 14.03 -21.20 -3.49
N TYR B 386 13.08 -22.11 -3.27
CA TYR B 386 12.60 -22.97 -4.33
C TYR B 386 11.38 -22.22 -4.85
N ASP B 387 11.57 -21.47 -5.93
CA ASP B 387 10.50 -20.66 -6.53
C ASP B 387 10.20 -21.05 -7.97
N ILE B 388 9.26 -21.97 -8.17
CA ILE B 388 8.94 -22.39 -9.53
C ILE B 388 8.79 -21.20 -10.47
N ASN B 389 7.97 -20.20 -10.11
CA ASN B 389 7.83 -19.04 -10.97
C ASN B 389 9.18 -18.40 -11.23
N GLN B 390 9.86 -18.00 -10.16
CA GLN B 390 11.17 -17.39 -10.32
C GLN B 390 12.11 -18.23 -11.20
N ARG B 391 11.90 -19.55 -11.24
CA ARG B 391 12.73 -20.42 -12.08
C ARG B 391 12.36 -20.22 -13.55
N LEU B 392 11.07 -20.31 -13.85
CA LEU B 392 10.58 -20.15 -15.21
C LEU B 392 10.99 -18.78 -15.72
N GLN B 393 10.79 -17.77 -14.89
CA GLN B 393 11.14 -16.43 -15.31
C GLN B 393 12.63 -16.19 -15.54
N ASP B 394 13.50 -16.79 -14.72
CA ASP B 394 14.94 -16.53 -14.87
C ASP B 394 15.53 -17.20 -16.08
N THR B 395 14.85 -18.23 -16.56
CA THR B 395 15.32 -18.96 -17.73
C THR B 395 14.39 -18.68 -18.88
N GLY B 396 13.34 -17.90 -18.58
CA GLY B 396 12.36 -17.58 -19.59
C GLY B 396 11.92 -18.85 -20.30
N GLY B 397 11.57 -19.86 -19.54
CA GLY B 397 11.14 -21.10 -20.14
C GLY B 397 12.19 -22.17 -20.45
N LEU B 398 13.47 -21.80 -20.55
CA LEU B 398 14.52 -22.79 -20.86
C LEU B 398 14.89 -23.57 -19.59
N ILE B 399 13.93 -24.34 -19.07
CA ILE B 399 14.15 -25.09 -17.84
C ILE B 399 15.43 -25.93 -17.78
N ASP B 400 15.91 -26.42 -18.92
CA ASP B 400 17.12 -27.23 -18.91
C ASP B 400 18.43 -26.47 -18.75
N SER B 401 18.38 -25.15 -18.64
CA SER B 401 19.59 -24.34 -18.49
C SER B 401 20.46 -24.74 -17.29
N PRO B 402 21.73 -25.08 -17.53
CA PRO B 402 22.68 -25.48 -16.49
C PRO B 402 23.14 -24.33 -15.58
N SER B 403 22.19 -23.67 -14.93
CA SER B 403 22.53 -22.56 -14.06
C SER B 403 22.37 -22.91 -12.59
N ILE B 404 21.90 -24.12 -12.30
CA ILE B 404 21.74 -24.60 -10.92
C ILE B 404 22.20 -26.06 -10.81
N ASN B 405 22.25 -26.58 -9.59
CA ASN B 405 22.66 -27.97 -9.40
C ASN B 405 21.65 -28.89 -10.07
N LEU B 406 22.18 -29.84 -10.81
CA LEU B 406 21.40 -30.82 -11.56
C LEU B 406 20.17 -31.43 -10.90
N ASP B 407 20.17 -31.57 -9.58
CA ASP B 407 19.02 -32.18 -8.94
C ASP B 407 17.87 -31.20 -8.76
N VAL B 408 18.20 -29.96 -8.39
CA VAL B 408 17.15 -28.96 -8.23
C VAL B 408 16.53 -28.71 -9.60
N ARG B 409 17.40 -28.70 -10.62
CA ARG B 409 17.01 -28.51 -12.01
C ARG B 409 15.90 -29.51 -12.33
N LYS B 410 16.15 -30.76 -11.97
CA LYS B 410 15.16 -31.80 -12.22
C LYS B 410 13.98 -31.70 -11.26
N GLN B 411 14.18 -31.17 -10.06
CA GLN B 411 13.05 -31.04 -9.15
C GLN B 411 12.07 -30.07 -9.80
N TYR B 412 12.61 -28.98 -10.34
CA TYR B 412 11.81 -27.95 -11.00
C TYR B 412 11.10 -28.49 -12.22
N LYS B 413 11.88 -29.09 -13.12
CA LYS B 413 11.33 -29.64 -14.33
C LYS B 413 10.14 -30.55 -14.03
N ARG B 414 10.32 -31.37 -13.00
CA ARG B 414 9.29 -32.32 -12.57
C ARG B 414 8.02 -31.58 -12.16
N ASP B 415 8.16 -30.62 -11.25
CA ASP B 415 7.01 -29.86 -10.76
C ASP B 415 6.30 -29.11 -11.87
N ILE B 416 7.11 -28.57 -12.78
CA ILE B 416 6.57 -27.80 -13.90
C ILE B 416 5.73 -28.64 -14.85
N GLN B 417 6.21 -29.82 -15.25
CA GLN B 417 5.43 -30.63 -16.16
C GLN B 417 4.12 -31.09 -15.53
N ASN B 418 4.01 -31.01 -14.21
CA ASN B 418 2.77 -31.45 -13.59
C ASN B 418 1.78 -30.32 -13.51
N ILE B 419 2.26 -29.13 -13.13
CA ILE B 419 1.39 -27.97 -13.05
C ILE B 419 0.79 -27.79 -14.46
N ASP B 420 1.64 -27.93 -15.48
CA ASP B 420 1.20 -27.83 -16.86
C ASP B 420 0.00 -28.76 -17.04
N ALA B 421 0.21 -30.05 -16.92
CA ALA B 421 -0.87 -31.02 -17.08
C ALA B 421 -2.01 -30.85 -16.09
N LEU B 422 -1.94 -29.81 -15.27
CA LEU B 422 -2.99 -29.59 -14.28
C LEU B 422 -3.97 -28.50 -14.75
N LEU B 423 -3.40 -27.43 -15.30
CA LEU B 423 -4.16 -26.32 -15.81
C LEU B 423 -4.51 -26.62 -17.27
N HIS B 424 -5.55 -27.43 -17.50
CA HIS B 424 -5.97 -27.79 -18.85
C HIS B 424 -7.36 -27.23 -19.15
N GLN B 425 -8.13 -26.92 -18.12
CA GLN B 425 -9.47 -26.38 -18.34
C GLN B 425 -9.40 -24.94 -18.84
N SER B 426 -9.82 -24.73 -20.09
CA SER B 426 -9.84 -23.40 -20.70
C SER B 426 -10.89 -22.53 -20.00
N ILE B 427 -10.68 -21.21 -20.02
CA ILE B 427 -11.57 -20.27 -19.35
C ILE B 427 -12.96 -20.16 -19.98
N GLY B 428 -13.07 -20.50 -21.25
CA GLY B 428 -14.34 -20.42 -21.94
C GLY B 428 -15.50 -21.01 -21.16
N SER B 429 -16.69 -20.43 -21.32
CA SER B 429 -17.88 -20.94 -20.62
C SER B 429 -19.14 -20.27 -21.12
N THR B 430 -20.29 -20.89 -20.84
CA THR B 430 -21.58 -20.36 -21.25
C THR B 430 -22.10 -19.42 -20.17
N LEU B 431 -21.38 -19.33 -19.05
CA LEU B 431 -21.77 -18.46 -17.95
C LEU B 431 -21.38 -17.00 -18.19
N TYR B 432 -20.50 -16.78 -19.15
CA TYR B 432 -20.03 -15.44 -19.49
C TYR B 432 -19.48 -15.41 -20.93
N ASN B 433 -19.06 -14.24 -21.41
CA ASN B 433 -18.59 -14.12 -22.78
C ASN B 433 -17.45 -13.13 -23.08
N LYS B 434 -16.74 -12.68 -22.05
CA LYS B 434 -15.63 -11.74 -22.23
C LYS B 434 -15.07 -11.56 -20.84
N ILE B 435 -13.90 -12.14 -20.58
CA ILE B 435 -13.31 -12.07 -19.25
C ILE B 435 -12.04 -11.25 -19.07
N TYR B 436 -12.08 -10.37 -18.08
CA TYR B 436 -10.94 -9.54 -17.75
C TYR B 436 -10.44 -9.91 -16.35
N LEU B 437 -9.13 -10.08 -16.21
CA LEU B 437 -8.56 -10.42 -14.92
C LEU B 437 -7.46 -9.38 -14.65
N TYR B 438 -7.20 -9.07 -13.38
CA TYR B 438 -6.19 -8.05 -13.07
C TYR B 438 -4.89 -8.56 -12.41
N GLU B 439 -3.84 -7.75 -12.54
CA GLU B 439 -2.56 -8.10 -11.95
C GLU B 439 -1.80 -6.84 -11.54
N ASN B 440 -1.73 -6.56 -10.23
CA ASN B 440 -0.98 -5.42 -9.73
C ASN B 440 0.50 -5.78 -9.92
N MET B 441 1.34 -4.85 -10.35
CA MET B 441 2.75 -5.20 -10.60
C MET B 441 3.77 -4.13 -10.18
N ASN B 442 5.01 -4.57 -9.94
CA ASN B 442 6.07 -3.66 -9.55
C ASN B 442 6.82 -3.32 -10.81
N ILE B 443 7.02 -2.02 -11.05
CA ILE B 443 7.69 -1.60 -12.27
C ILE B 443 9.14 -2.01 -12.41
N ASN B 444 9.85 -2.19 -11.29
CA ASN B 444 11.26 -2.57 -11.38
C ASN B 444 11.36 -3.91 -12.04
N ASN B 445 10.22 -4.60 -12.04
CA ASN B 445 10.08 -5.92 -12.65
C ASN B 445 10.35 -5.86 -14.15
N LEU B 446 9.89 -4.78 -14.79
CA LEU B 446 10.10 -4.59 -16.22
C LEU B 446 11.35 -3.74 -16.45
N THR B 447 11.46 -2.65 -15.70
CA THR B 447 12.58 -1.73 -15.81
C THR B 447 12.86 -1.09 -14.45
N ALA B 448 13.88 -1.58 -13.77
CA ALA B 448 14.23 -1.02 -12.48
C ALA B 448 14.78 0.38 -12.69
N THR B 449 15.32 0.63 -13.88
CA THR B 449 15.87 1.93 -14.23
C THR B 449 14.79 3.01 -14.22
N LEU B 450 13.67 2.77 -14.90
CA LEU B 450 12.62 3.80 -14.89
C LEU B 450 11.95 3.81 -13.53
N GLY B 451 11.69 2.62 -13.00
CA GLY B 451 11.05 2.50 -11.70
C GLY B 451 11.68 3.40 -10.66
N ALA B 452 12.94 3.76 -10.89
CA ALA B 452 13.68 4.60 -10.00
C ALA B 452 13.05 5.98 -9.86
N ASP B 453 12.71 6.60 -10.99
CA ASP B 453 12.13 7.93 -10.98
C ASP B 453 10.65 7.99 -11.33
N LEU B 454 9.97 6.84 -11.31
CA LEU B 454 8.57 6.83 -11.64
C LEU B 454 7.69 7.68 -10.73
N VAL B 455 7.78 7.49 -9.42
CA VAL B 455 6.93 8.27 -8.54
C VAL B 455 7.38 9.69 -8.34
N ASP B 456 6.40 10.59 -8.26
CA ASP B 456 6.67 11.99 -8.05
C ASP B 456 7.29 12.12 -6.66
N SER B 457 8.54 12.56 -6.64
CA SER B 457 9.32 12.73 -5.42
C SER B 457 8.79 13.77 -4.44
N THR B 458 7.80 14.57 -4.86
CA THR B 458 7.23 15.60 -3.99
C THR B 458 5.92 15.11 -3.38
N ASP B 459 5.16 14.36 -4.17
CA ASP B 459 3.88 13.81 -3.73
C ASP B 459 3.80 12.40 -4.25
N ASN B 460 3.91 11.46 -3.33
CA ASN B 460 3.90 10.04 -3.66
C ASN B 460 2.64 9.53 -4.34
N THR B 461 1.54 10.29 -4.28
CA THR B 461 0.28 9.86 -4.91
C THR B 461 0.17 10.29 -6.37
N LYS B 462 1.25 10.86 -6.90
CA LYS B 462 1.28 11.29 -8.30
C LYS B 462 2.49 10.69 -8.99
N ILE B 463 2.29 10.25 -10.23
CA ILE B 463 3.33 9.66 -11.07
C ILE B 463 4.01 10.75 -11.90
N ASN B 464 5.33 10.68 -12.07
CA ASN B 464 6.01 11.68 -12.90
C ASN B 464 5.55 11.36 -14.33
N ARG B 465 5.37 12.39 -15.14
CA ARG B 465 4.88 12.24 -16.51
C ARG B 465 5.94 11.87 -17.55
N GLY B 466 7.13 12.43 -17.42
CA GLY B 466 8.19 12.12 -18.37
C GLY B 466 8.58 10.65 -18.36
N ILE B 467 8.85 10.09 -17.18
CA ILE B 467 9.23 8.69 -17.07
C ILE B 467 8.07 7.89 -17.60
N PHE B 468 6.86 8.34 -17.31
CA PHE B 468 5.68 7.63 -17.79
C PHE B 468 5.73 7.49 -19.31
N ASN B 469 6.13 8.56 -19.98
CA ASN B 469 6.18 8.54 -21.43
C ASN B 469 7.20 7.55 -21.92
N GLU B 470 8.39 7.58 -21.30
CA GLU B 470 9.44 6.67 -21.70
C GLU B 470 9.08 5.20 -21.44
N PHE B 471 8.31 4.93 -20.40
CA PHE B 471 7.90 3.55 -20.11
C PHE B 471 7.03 3.07 -21.25
N LYS B 472 6.09 3.92 -21.63
CA LYS B 472 5.12 3.66 -22.68
C LYS B 472 5.70 3.59 -24.09
N LYS B 473 6.67 4.43 -24.39
CA LYS B 473 7.29 4.51 -25.70
C LYS B 473 7.34 3.31 -26.63
N ASN B 474 7.80 2.16 -26.16
CA ASN B 474 7.88 1.02 -27.05
C ASN B 474 7.19 -0.22 -26.50
N PHE B 475 6.19 -0.02 -25.66
CA PHE B 475 5.53 -1.14 -25.05
C PHE B 475 4.34 -1.63 -25.87
N LYS B 476 4.63 -2.52 -26.81
CA LYS B 476 3.59 -3.10 -27.66
C LYS B 476 3.25 -4.51 -27.17
N TYR B 477 4.18 -5.43 -27.29
CA TYR B 477 3.93 -6.82 -26.87
C TYR B 477 4.69 -7.25 -25.62
N SER B 478 4.08 -8.22 -24.90
CA SER B 478 4.60 -8.77 -23.63
C SER B 478 4.44 -10.28 -23.54
N ILE B 479 5.48 -10.96 -23.06
CA ILE B 479 5.45 -12.41 -22.91
C ILE B 479 5.37 -12.82 -21.44
N SER B 480 4.72 -13.96 -21.18
CA SER B 480 4.62 -14.50 -19.81
C SER B 480 5.17 -15.94 -19.83
N SER B 481 6.42 -16.10 -19.41
CA SER B 481 7.04 -17.43 -19.39
C SER B 481 6.58 -18.26 -18.20
N ASN B 482 6.31 -17.60 -17.08
CA ASN B 482 5.87 -18.33 -15.90
C ASN B 482 4.37 -18.27 -15.78
N TYR B 483 3.83 -18.85 -14.70
CA TYR B 483 2.38 -18.84 -14.47
C TYR B 483 1.96 -17.53 -13.82
N MET B 484 1.03 -16.84 -14.44
CA MET B 484 0.54 -15.58 -13.89
C MET B 484 -0.56 -15.88 -12.87
N ILE B 485 -0.48 -15.23 -11.72
CA ILE B 485 -1.50 -15.37 -10.71
C ILE B 485 -2.21 -14.02 -10.74
N VAL B 486 -3.45 -14.05 -11.20
CA VAL B 486 -4.24 -12.86 -11.36
C VAL B 486 -5.53 -12.87 -10.54
N ASP B 487 -6.13 -11.70 -10.38
CA ASP B 487 -7.37 -11.58 -9.63
C ASP B 487 -8.61 -11.51 -10.49
N ILE B 488 -9.67 -12.18 -10.05
CA ILE B 488 -10.94 -12.17 -10.75
C ILE B 488 -11.56 -10.76 -10.71
N ASN B 489 -11.40 -10.06 -9.58
CA ASN B 489 -11.91 -8.71 -9.43
C ASN B 489 -10.68 -7.85 -9.12
N GLU B 490 -10.75 -6.54 -9.38
CA GLU B 490 -9.56 -5.74 -9.11
C GLU B 490 -9.36 -5.46 -7.63
N ARG B 491 -8.09 -5.45 -7.22
CA ARG B 491 -7.76 -5.25 -5.83
C ARG B 491 -6.70 -4.18 -5.59
N PRO B 492 -6.70 -3.60 -4.37
CA PRO B 492 -5.73 -2.56 -4.00
C PRO B 492 -4.31 -3.11 -4.03
N ALA B 493 -3.33 -2.26 -4.35
CA ALA B 493 -1.95 -2.69 -4.46
C ALA B 493 -0.99 -2.23 -3.38
N LEU B 494 0.20 -2.83 -3.38
CA LEU B 494 1.28 -2.52 -2.45
C LEU B 494 2.06 -1.32 -2.94
N ASP B 495 2.59 -0.53 -2.02
CA ASP B 495 3.36 0.66 -2.34
C ASP B 495 4.25 0.55 -3.59
N ASN B 496 5.04 -0.52 -3.69
CA ASN B 496 5.92 -0.71 -4.84
C ASN B 496 5.18 -1.26 -6.07
N GLU B 497 3.85 -1.28 -6.01
CA GLU B 497 3.08 -1.77 -7.13
C GLU B 497 2.31 -0.63 -7.79
N ARG B 498 2.94 -0.01 -8.79
CA ARG B 498 2.31 1.11 -9.48
C ARG B 498 1.78 0.76 -10.87
N LEU B 499 1.84 -0.52 -11.21
CA LEU B 499 1.33 -1.00 -12.49
C LEU B 499 0.06 -1.78 -12.19
N LYS B 500 -1.02 -1.50 -12.93
CA LYS B 500 -2.29 -2.20 -12.73
C LYS B 500 -2.80 -2.80 -14.04
N TRP B 501 -2.48 -4.06 -14.27
CA TRP B 501 -2.89 -4.70 -15.51
C TRP B 501 -4.36 -5.09 -15.54
N ARG B 502 -4.95 -5.02 -16.73
CA ARG B 502 -6.32 -5.45 -16.98
C ARG B 502 -6.11 -6.31 -18.23
N ILE B 503 -6.37 -7.61 -18.10
CA ILE B 503 -6.14 -8.53 -19.20
C ILE B 503 -7.44 -9.07 -19.78
N GLN B 504 -7.49 -9.24 -21.10
CA GLN B 504 -8.67 -9.79 -21.72
C GLN B 504 -8.24 -11.18 -22.19
N LEU B 505 -8.85 -12.20 -21.60
CA LEU B 505 -8.50 -13.58 -21.89
C LEU B 505 -9.07 -14.17 -23.14
N SER B 506 -8.31 -15.08 -23.72
CA SER B 506 -8.80 -15.78 -24.89
C SER B 506 -9.61 -16.90 -24.28
N PRO B 507 -10.75 -17.26 -24.89
CA PRO B 507 -11.51 -18.35 -24.27
C PRO B 507 -10.73 -19.66 -24.31
N ASP B 508 -9.65 -19.71 -25.10
CA ASP B 508 -8.84 -20.92 -25.22
C ASP B 508 -7.73 -21.03 -24.21
N THR B 509 -7.50 -19.93 -23.48
CA THR B 509 -6.46 -19.87 -22.45
C THR B 509 -6.78 -20.82 -21.30
N ARG B 510 -5.83 -21.71 -20.99
CA ARG B 510 -6.01 -22.67 -19.90
C ARG B 510 -5.67 -22.08 -18.53
N ALA B 511 -6.46 -22.39 -17.51
CA ALA B 511 -6.21 -21.83 -16.19
C ALA B 511 -6.71 -22.68 -15.05
N GLY B 512 -6.35 -22.25 -13.83
CA GLY B 512 -6.76 -22.94 -12.62
C GLY B 512 -7.35 -21.98 -11.59
N TYR B 513 -8.42 -22.41 -10.91
CA TYR B 513 -9.09 -21.56 -9.91
C TYR B 513 -8.51 -21.69 -8.50
N LEU B 514 -8.39 -20.57 -7.81
CA LEU B 514 -7.88 -20.53 -6.44
C LEU B 514 -8.97 -19.90 -5.57
N GLU B 515 -9.29 -20.54 -4.46
CA GLU B 515 -10.37 -20.07 -3.59
C GLU B 515 -10.31 -18.65 -3.06
N ASN B 516 -9.14 -18.02 -3.07
CA ASN B 516 -9.09 -16.65 -2.60
C ASN B 516 -9.60 -15.76 -3.72
N GLY B 517 -10.21 -16.39 -4.73
CA GLY B 517 -10.72 -15.63 -5.85
C GLY B 517 -9.63 -15.10 -6.78
N LYS B 518 -8.75 -16.01 -7.20
CA LYS B 518 -7.65 -15.68 -8.09
C LYS B 518 -7.63 -16.81 -9.11
N LEU B 519 -6.89 -16.61 -10.20
CA LEU B 519 -6.76 -17.64 -11.22
C LEU B 519 -5.30 -17.86 -11.55
N ILE B 520 -4.90 -19.10 -11.67
CA ILE B 520 -3.53 -19.39 -12.01
C ILE B 520 -3.56 -19.71 -13.51
N LEU B 521 -2.79 -18.94 -14.27
CA LEU B 521 -2.78 -19.14 -15.72
C LEU B 521 -1.62 -19.98 -16.24
N GLN B 522 -1.84 -20.63 -17.36
CA GLN B 522 -0.80 -21.44 -17.99
C GLN B 522 0.41 -20.59 -18.38
N ARG B 523 1.55 -21.23 -18.55
CA ARG B 523 2.78 -20.53 -18.95
C ARG B 523 2.80 -20.32 -20.47
N ASN B 524 3.84 -19.67 -20.97
CA ASN B 524 3.98 -19.42 -22.41
C ASN B 524 2.74 -18.74 -22.99
N ILE B 525 2.42 -17.59 -22.40
CA ILE B 525 1.29 -16.77 -22.75
C ILE B 525 1.73 -15.48 -23.46
N GLY B 526 0.98 -15.09 -24.50
CA GLY B 526 1.29 -13.89 -25.27
C GLY B 526 0.45 -12.68 -24.90
N LEU B 527 1.09 -11.52 -24.83
CA LEU B 527 0.33 -10.33 -24.50
C LEU B 527 0.55 -9.13 -25.42
N GLU B 528 -0.54 -8.72 -26.07
CA GLU B 528 -0.54 -7.58 -26.97
C GLU B 528 -1.02 -6.40 -26.14
N ILE B 529 -0.22 -5.34 -26.08
CA ILE B 529 -0.60 -4.17 -25.30
C ILE B 529 -1.53 -3.29 -26.08
N LYS B 530 -2.78 -3.20 -25.65
CA LYS B 530 -3.79 -2.37 -26.33
C LYS B 530 -3.82 -0.89 -25.97
N ASP B 531 -3.49 -0.55 -24.71
CA ASP B 531 -3.53 0.84 -24.22
C ASP B 531 -2.67 0.95 -22.94
N VAL B 532 -2.12 2.14 -22.68
CA VAL B 532 -1.28 2.40 -21.52
C VAL B 532 -1.51 3.85 -21.09
N GLN B 533 -2.39 4.07 -20.13
CA GLN B 533 -2.68 5.44 -19.69
C GLN B 533 -2.55 5.62 -18.18
N ILE B 534 -2.46 6.87 -17.74
CA ILE B 534 -2.34 7.17 -16.31
C ILE B 534 -3.71 7.33 -15.68
N ILE B 535 -4.11 6.40 -14.83
CA ILE B 535 -5.42 6.50 -14.17
C ILE B 535 -5.30 6.85 -12.69
N LYS B 536 -6.44 7.01 -12.04
CA LYS B 536 -6.48 7.34 -10.63
C LYS B 536 -7.48 6.43 -9.93
N GLN B 537 -6.97 5.64 -8.99
CA GLN B 537 -7.81 4.73 -8.21
C GLN B 537 -7.53 5.04 -6.72
N SER B 538 -8.60 5.18 -5.95
CA SER B 538 -8.52 5.49 -4.52
C SER B 538 -7.57 6.66 -4.20
N GLU B 539 -7.68 7.73 -4.98
CA GLU B 539 -6.87 8.94 -4.82
C GLU B 539 -5.38 8.76 -4.99
N LYS B 540 -4.97 7.69 -5.66
CA LYS B 540 -3.58 7.45 -5.89
C LYS B 540 -3.46 7.15 -7.37
N GLU B 541 -2.40 7.66 -8.01
CA GLU B 541 -2.17 7.44 -9.42
C GLU B 541 -1.44 6.12 -9.75
N TYR B 542 -1.92 5.45 -10.79
CA TYR B 542 -1.34 4.19 -11.25
C TYR B 542 -1.25 4.23 -12.76
N ILE B 543 -0.44 3.35 -13.33
CA ILE B 543 -0.33 3.27 -14.78
C ILE B 543 -1.24 2.10 -15.19
N ARG B 544 -2.39 2.39 -15.76
CA ARG B 544 -3.30 1.34 -16.22
C ARG B 544 -2.70 0.62 -17.42
N ILE B 545 -2.85 -0.69 -17.51
CA ILE B 545 -2.29 -1.39 -18.66
C ILE B 545 -3.24 -2.40 -19.29
N ASP B 546 -3.82 -2.03 -20.42
CA ASP B 546 -4.75 -2.94 -21.08
C ASP B 546 -4.03 -3.86 -22.06
N ALA B 547 -4.17 -5.16 -21.81
CA ALA B 547 -3.50 -6.15 -22.64
C ALA B 547 -4.46 -7.24 -23.07
N LYS B 548 -4.23 -7.79 -24.24
CA LYS B 548 -5.08 -8.85 -24.76
C LYS B 548 -4.24 -10.10 -24.93
N VAL B 549 -4.77 -11.25 -24.51
CA VAL B 549 -4.05 -12.50 -24.66
C VAL B 549 -4.02 -12.81 -26.14
N VAL B 550 -2.90 -13.35 -26.63
CA VAL B 550 -2.76 -13.71 -28.04
C VAL B 550 -1.73 -14.82 -28.12
N PRO B 551 -1.74 -15.60 -29.22
CA PRO B 551 -0.76 -16.68 -29.36
C PRO B 551 0.64 -16.16 -29.10
N LYS B 552 1.33 -16.80 -28.17
CA LYS B 552 2.70 -16.40 -27.87
C LYS B 552 3.50 -16.45 -29.20
N SER B 553 3.20 -17.44 -30.04
CA SER B 553 3.91 -17.61 -31.29
C SER B 553 3.90 -16.34 -32.11
N LYS B 554 2.77 -15.63 -32.07
CA LYS B 554 2.68 -14.38 -32.84
C LYS B 554 3.76 -13.44 -32.36
N ILE B 555 3.89 -13.33 -31.03
CA ILE B 555 4.90 -12.47 -30.45
C ILE B 555 6.29 -12.98 -30.75
N ASP B 556 6.45 -14.29 -30.65
CA ASP B 556 7.75 -14.88 -30.92
C ASP B 556 8.26 -14.45 -32.29
N THR B 557 7.42 -14.61 -33.31
CA THR B 557 7.80 -14.24 -34.68
C THR B 557 8.19 -12.76 -34.87
N LYS B 558 7.46 -11.83 -34.27
CA LYS B 558 7.81 -10.42 -34.39
C LYS B 558 9.27 -10.32 -33.93
N ILE B 559 9.56 -10.94 -32.77
CA ILE B 559 10.90 -10.95 -32.19
C ILE B 559 11.93 -11.41 -33.22
N GLN B 560 11.70 -12.58 -33.80
CA GLN B 560 12.62 -13.12 -34.77
C GLN B 560 12.87 -12.13 -35.92
N GLU B 561 11.79 -11.57 -36.45
CA GLU B 561 11.87 -10.63 -37.56
C GLU B 561 12.69 -9.40 -37.18
N ALA B 562 12.53 -8.95 -35.94
CA ALA B 562 13.30 -7.81 -35.46
C ALA B 562 14.79 -8.21 -35.46
N GLN B 563 15.07 -9.40 -34.96
CA GLN B 563 16.45 -9.86 -34.92
C GLN B 563 17.07 -9.84 -36.31
N LEU B 564 16.38 -10.43 -37.28
CA LEU B 564 16.91 -10.47 -38.65
C LEU B 564 17.17 -9.05 -39.12
N ASN B 565 16.18 -8.20 -38.93
CA ASN B 565 16.29 -6.83 -39.36
C ASN B 565 17.45 -6.05 -38.73
N ILE B 566 17.50 -5.97 -37.39
CA ILE B 566 18.57 -5.22 -36.71
C ILE B 566 19.97 -5.67 -37.13
N ASN B 567 20.08 -6.92 -37.58
CA ASN B 567 21.35 -7.47 -38.02
C ASN B 567 21.69 -7.05 -39.45
N GLN B 568 20.66 -6.79 -40.22
CA GLN B 568 20.84 -6.38 -41.59
C GLN B 568 21.27 -4.92 -41.52
N GLU B 569 20.51 -4.16 -40.76
CA GLU B 569 20.79 -2.75 -40.62
C GLU B 569 22.21 -2.49 -40.19
N TRP B 570 22.69 -3.26 -39.21
CA TRP B 570 24.04 -3.04 -38.72
C TRP B 570 25.18 -3.67 -39.48
N ASN B 571 24.94 -4.87 -40.02
CA ASN B 571 25.98 -5.51 -40.80
C ASN B 571 26.42 -4.48 -41.81
N LYS B 572 25.45 -3.74 -42.31
CA LYS B 572 25.68 -2.71 -43.29
C LYS B 572 26.51 -1.56 -42.69
N ALA B 573 25.99 -0.90 -41.66
CA ALA B 573 26.67 0.23 -41.02
C ALA B 573 28.08 -0.01 -40.49
N LEU B 574 28.46 -1.27 -40.33
CA LEU B 574 29.78 -1.58 -39.82
C LEU B 574 30.65 -2.15 -40.92
N GLY B 575 30.03 -2.43 -42.05
CA GLY B 575 30.76 -2.98 -43.18
C GLY B 575 31.15 -4.42 -42.96
N LEU B 576 30.34 -5.12 -42.17
CA LEU B 576 30.59 -6.53 -41.88
C LEU B 576 30.05 -7.36 -43.03
N PRO B 577 30.63 -8.54 -43.29
CA PRO B 577 30.15 -9.40 -44.37
C PRO B 577 28.63 -9.53 -44.39
N LYS B 578 28.11 -10.06 -45.48
CA LYS B 578 26.66 -10.24 -45.62
C LYS B 578 26.27 -11.53 -44.88
N TYR B 579 25.14 -11.47 -44.17
CA TYR B 579 24.64 -12.61 -43.42
C TYR B 579 25.44 -12.88 -42.14
N THR B 580 26.00 -11.83 -41.54
CA THR B 580 26.75 -12.01 -40.32
C THR B 580 25.76 -12.12 -39.17
N LYS B 581 26.12 -12.86 -38.13
CA LYS B 581 25.24 -13.01 -36.98
C LYS B 581 25.89 -12.34 -35.78
N LEU B 582 25.69 -11.03 -35.66
CA LEU B 582 26.27 -10.29 -34.56
C LEU B 582 25.31 -10.03 -33.41
N ILE B 583 24.06 -9.64 -33.71
CA ILE B 583 23.10 -9.33 -32.66
C ILE B 583 22.14 -10.46 -32.32
N THR B 584 21.84 -10.64 -31.03
CA THR B 584 20.89 -11.68 -30.63
C THR B 584 19.83 -11.17 -29.67
N PHE B 585 18.61 -11.65 -29.85
CA PHE B 585 17.49 -11.28 -29.01
C PHE B 585 16.99 -12.49 -28.26
N ASN B 586 17.35 -12.57 -26.99
CA ASN B 586 16.93 -13.65 -26.11
C ASN B 586 15.85 -13.01 -25.22
N VAL B 587 14.60 -13.01 -25.68
CA VAL B 587 13.52 -12.35 -24.95
C VAL B 587 12.38 -13.27 -24.55
N HIS B 588 11.94 -13.21 -23.29
CA HIS B 588 10.90 -14.13 -22.86
C HIS B 588 9.95 -13.59 -21.84
N ASN B 589 10.14 -12.33 -21.44
CA ASN B 589 9.28 -11.83 -20.40
C ASN B 589 8.25 -10.78 -20.68
N ARG B 590 7.90 -10.02 -19.65
CA ARG B 590 6.83 -9.05 -19.72
C ARG B 590 7.06 -7.66 -20.28
N TYR B 591 8.24 -7.36 -20.80
CA TYR B 591 8.48 -6.03 -21.36
C TYR B 591 9.26 -6.33 -22.65
N ALA B 592 8.94 -7.49 -23.21
CA ALA B 592 9.59 -8.01 -24.42
C ALA B 592 9.79 -6.97 -25.49
N SER B 593 8.68 -6.38 -25.95
CA SER B 593 8.68 -5.36 -26.99
C SER B 593 9.74 -4.29 -26.75
N ASN B 594 9.82 -3.77 -25.53
CA ASN B 594 10.81 -2.74 -25.23
C ASN B 594 12.24 -3.26 -25.17
N ILE B 595 12.43 -4.55 -24.89
CA ILE B 595 13.80 -5.09 -24.86
C ILE B 595 14.38 -4.96 -26.26
N VAL B 596 13.57 -5.32 -27.24
CA VAL B 596 14.00 -5.27 -28.61
C VAL B 596 14.23 -3.85 -29.10
N GLU B 597 13.26 -2.98 -28.88
CA GLU B 597 13.40 -1.60 -29.33
C GLU B 597 14.68 -0.97 -28.79
N SER B 598 14.82 -0.94 -27.47
CA SER B 598 16.00 -0.33 -26.91
C SER B 598 17.29 -0.74 -27.65
N ALA B 599 17.42 -2.02 -27.99
CA ALA B 599 18.65 -2.49 -28.68
C ALA B 599 19.09 -1.57 -29.81
N TYR B 600 18.12 -1.10 -30.60
CA TYR B 600 18.41 -0.18 -31.72
C TYR B 600 18.97 1.12 -31.16
N LEU B 601 18.29 1.63 -30.14
CA LEU B 601 18.66 2.87 -29.46
C LEU B 601 20.03 2.81 -28.77
N ILE B 602 20.29 1.70 -28.06
CA ILE B 602 21.56 1.51 -27.40
C ILE B 602 22.64 1.55 -28.47
N LEU B 603 22.46 0.74 -29.50
CA LEU B 603 23.43 0.70 -30.59
C LEU B 603 23.73 2.06 -31.25
N ASN B 604 22.71 2.92 -31.39
CA ASN B 604 22.91 4.24 -31.99
C ASN B 604 23.83 5.07 -31.14
N GLU B 605 23.55 5.12 -29.84
CA GLU B 605 24.36 5.84 -28.85
C GLU B 605 25.79 5.34 -29.01
N TRP B 606 25.91 4.03 -29.03
CA TRP B 606 27.19 3.35 -29.19
C TRP B 606 27.99 3.90 -30.35
N LYS B 607 27.35 3.95 -31.52
CA LYS B 607 27.99 4.42 -32.74
C LYS B 607 28.18 5.94 -32.73
N ASN B 608 27.16 6.66 -32.24
CA ASN B 608 27.21 8.12 -32.17
C ASN B 608 28.30 8.64 -31.25
N ASN B 609 28.79 7.79 -30.37
CA ASN B 609 29.81 8.25 -29.41
C ASN B 609 31.21 7.66 -29.56
N ILE B 610 31.39 6.67 -30.40
CA ILE B 610 32.71 6.11 -30.52
C ILE B 610 33.25 6.12 -31.94
N GLN B 611 34.45 6.69 -32.06
CA GLN B 611 35.16 6.80 -33.32
C GLN B 611 34.82 5.55 -34.14
N SER B 612 34.35 5.77 -35.36
CA SER B 612 33.96 4.67 -36.26
C SER B 612 34.95 3.51 -36.42
N ASP B 613 36.24 3.80 -36.53
CA ASP B 613 37.23 2.73 -36.70
C ASP B 613 37.41 1.86 -35.47
N LEU B 614 37.40 2.49 -34.29
CA LEU B 614 37.56 1.75 -33.04
C LEU B 614 36.48 0.69 -33.01
N ILE B 615 35.25 1.10 -33.32
CA ILE B 615 34.10 0.22 -33.39
C ILE B 615 34.32 -0.94 -34.36
N LYS B 616 34.53 -0.61 -35.64
CA LYS B 616 34.72 -1.63 -36.64
C LYS B 616 35.87 -2.56 -36.30
N LYS B 617 37.01 -2.00 -35.96
CA LYS B 617 38.17 -2.81 -35.63
C LYS B 617 37.88 -3.82 -34.52
N VAL B 618 37.41 -3.34 -33.38
CA VAL B 618 37.08 -4.19 -32.24
C VAL B 618 35.99 -5.21 -32.57
N THR B 619 34.89 -4.73 -33.13
CA THR B 619 33.78 -5.61 -33.48
C THR B 619 34.20 -6.78 -34.39
N ASN B 620 35.13 -6.53 -35.30
CA ASN B 620 35.59 -7.60 -36.18
C ASN B 620 36.21 -8.70 -35.37
N TYR B 621 37.04 -8.29 -34.41
CA TYR B 621 37.71 -9.22 -33.51
C TYR B 621 36.64 -10.11 -32.86
N LEU B 622 35.58 -9.48 -32.33
CA LEU B 622 34.53 -10.24 -31.70
C LEU B 622 33.91 -11.18 -32.72
N VAL B 623 33.64 -10.67 -33.91
CA VAL B 623 33.04 -11.51 -34.93
C VAL B 623 33.98 -12.61 -35.40
N ASP B 624 35.29 -12.37 -35.31
CA ASP B 624 36.25 -13.39 -35.72
C ASP B 624 36.30 -14.52 -34.70
N GLY B 625 35.75 -14.26 -33.52
CA GLY B 625 35.71 -15.27 -32.48
C GLY B 625 34.27 -15.72 -32.34
N ASN B 626 33.49 -15.45 -33.38
CA ASN B 626 32.09 -15.82 -33.41
C ASN B 626 31.38 -15.28 -32.18
N GLY B 627 31.75 -14.07 -31.76
CA GLY B 627 31.12 -13.47 -30.60
C GLY B 627 29.70 -12.98 -30.89
N ARG B 628 29.04 -12.44 -29.88
CA ARG B 628 27.67 -11.96 -30.02
C ARG B 628 27.37 -10.77 -29.15
N PHE B 629 26.33 -10.01 -29.50
CA PHE B 629 25.87 -8.89 -28.70
C PHE B 629 24.51 -9.40 -28.28
N VAL B 630 24.40 -9.93 -27.07
CA VAL B 630 23.13 -10.45 -26.61
C VAL B 630 22.33 -9.43 -25.81
N PHE B 631 21.07 -9.26 -26.20
CA PHE B 631 20.15 -8.34 -25.51
C PHE B 631 19.07 -9.29 -24.97
N THR B 632 18.84 -9.28 -23.66
CA THR B 632 17.89 -10.23 -23.08
C THR B 632 17.26 -9.76 -21.82
N ASP B 633 16.18 -10.45 -21.45
CA ASP B 633 15.46 -10.18 -20.21
C ASP B 633 15.47 -11.40 -19.24
N ILE B 634 16.19 -12.47 -19.59
CA ILE B 634 16.31 -13.60 -18.67
C ILE B 634 17.70 -13.37 -18.08
N THR B 635 17.95 -13.86 -16.86
CA THR B 635 19.25 -13.65 -16.19
C THR B 635 20.44 -14.21 -16.94
N LEU B 636 21.54 -13.45 -16.92
CA LEU B 636 22.75 -13.82 -17.63
C LEU B 636 23.25 -15.25 -17.39
N PRO B 637 23.20 -15.73 -16.13
CA PRO B 637 23.66 -17.10 -15.85
C PRO B 637 23.00 -18.09 -16.78
N ASN B 638 21.90 -17.70 -17.40
CA ASN B 638 21.17 -18.59 -18.30
C ASN B 638 21.38 -18.37 -19.81
N ILE B 639 22.39 -17.58 -20.19
CA ILE B 639 22.73 -17.30 -21.59
C ILE B 639 23.98 -18.13 -21.94
N ALA B 640 23.85 -19.06 -22.87
CA ALA B 640 24.98 -19.92 -23.26
C ALA B 640 26.30 -19.19 -23.50
N GLU B 641 26.24 -17.95 -23.99
CA GLU B 641 27.46 -17.20 -24.23
C GLU B 641 28.26 -17.10 -22.93
N GLN B 642 27.58 -17.29 -21.80
CA GLN B 642 28.27 -17.26 -20.52
C GLN B 642 28.49 -18.68 -20.05
N TYR B 643 27.38 -19.40 -19.81
CA TYR B 643 27.48 -20.74 -19.29
C TYR B 643 28.20 -21.82 -20.09
N THR B 644 28.29 -21.73 -21.42
CA THR B 644 28.98 -22.82 -22.13
C THR B 644 30.48 -22.67 -21.99
N HIS B 645 30.89 -21.53 -21.43
CA HIS B 645 32.31 -21.25 -21.21
C HIS B 645 32.50 -21.08 -19.71
N GLN B 646 31.91 -21.97 -18.92
CA GLN B 646 31.99 -21.91 -17.46
C GLN B 646 32.61 -23.21 -16.92
N ASP B 647 33.61 -23.07 -16.04
CA ASP B 647 34.26 -24.26 -15.46
C ASP B 647 33.23 -25.03 -14.65
N GLU B 648 32.71 -24.37 -13.63
CA GLU B 648 31.73 -24.96 -12.74
C GLU B 648 30.46 -24.11 -12.77
N ILE B 649 29.33 -24.73 -12.42
CA ILE B 649 28.03 -24.07 -12.38
C ILE B 649 27.99 -22.91 -11.37
N TYR B 650 28.94 -22.86 -10.44
CA TYR B 650 28.93 -21.82 -9.42
C TYR B 650 29.74 -20.57 -9.72
N GLU B 651 30.42 -20.53 -10.85
CA GLU B 651 31.23 -19.35 -11.16
C GLU B 651 30.42 -18.24 -11.86
N GLN B 652 29.18 -18.57 -12.26
CA GLN B 652 28.24 -17.67 -12.93
C GLN B 652 28.19 -16.26 -12.37
N VAL B 653 27.72 -15.34 -13.20
CA VAL B 653 27.58 -13.96 -12.79
C VAL B 653 26.31 -13.42 -13.38
N HIS B 654 25.69 -12.47 -12.69
CA HIS B 654 24.49 -11.86 -13.19
C HIS B 654 24.52 -10.40 -12.82
N SER B 655 24.48 -9.56 -13.83
CA SER B 655 24.52 -8.14 -13.61
C SER B 655 23.86 -7.45 -14.77
N LYS B 656 23.94 -6.12 -14.78
CA LYS B 656 23.35 -5.32 -15.84
C LYS B 656 24.07 -5.62 -17.15
N GLY B 657 25.39 -5.69 -17.08
CA GLY B 657 26.18 -5.96 -18.27
C GLY B 657 27.25 -7.00 -18.02
N LEU B 658 27.88 -7.49 -19.08
CA LEU B 658 28.89 -8.49 -18.90
C LEU B 658 29.69 -8.78 -20.15
N TYR B 659 31.02 -8.75 -20.02
CA TYR B 659 31.87 -9.10 -21.15
C TYR B 659 32.55 -10.44 -20.89
N VAL B 660 32.30 -11.42 -21.73
CA VAL B 660 32.90 -12.74 -21.62
C VAL B 660 33.98 -12.91 -22.68
N PRO B 661 35.26 -12.81 -22.29
CA PRO B 661 36.42 -12.95 -23.19
C PRO B 661 36.41 -14.23 -24.01
N GLU B 662 36.20 -15.34 -23.32
CA GLU B 662 36.20 -16.67 -23.94
C GLU B 662 35.19 -16.85 -25.07
N SER B 663 34.06 -16.16 -24.98
CA SER B 663 33.07 -16.26 -26.03
C SER B 663 33.06 -14.94 -26.80
N ARG B 664 33.88 -13.99 -26.34
CA ARG B 664 33.97 -12.68 -26.97
C ARG B 664 32.62 -12.02 -27.20
N SER B 665 31.74 -12.07 -26.21
CA SER B 665 30.43 -11.49 -26.34
C SER B 665 30.06 -10.53 -25.22
N ILE B 666 29.14 -9.62 -25.51
CA ILE B 666 28.69 -8.66 -24.52
C ILE B 666 27.26 -9.04 -24.25
N LEU B 667 26.86 -9.13 -22.99
CA LEU B 667 25.47 -9.47 -22.68
C LEU B 667 24.88 -8.31 -21.90
N LEU B 668 23.64 -7.95 -22.22
CA LEU B 668 23.01 -6.84 -21.54
C LEU B 668 21.66 -7.26 -20.92
N HIS B 669 21.51 -7.15 -19.62
CA HIS B 669 20.22 -7.50 -19.02
C HIS B 669 19.27 -6.31 -19.06
N GLY B 670 18.03 -6.53 -19.51
CA GLY B 670 17.10 -5.42 -19.64
C GLY B 670 16.59 -4.83 -18.29
N PRO B 671 15.65 -5.59 -17.71
CA PRO B 671 14.97 -5.16 -16.47
C PRO B 671 15.77 -4.65 -15.28
N SER B 672 17.08 -4.89 -15.27
CA SER B 672 17.89 -4.43 -14.15
C SER B 672 18.52 -3.07 -14.36
N LYS B 673 18.94 -2.45 -13.26
CA LYS B 673 19.57 -1.14 -13.34
C LYS B 673 21.01 -1.19 -12.83
N GLY B 674 21.97 -1.01 -13.74
CA GLY B 674 23.35 -1.02 -13.33
C GLY B 674 23.57 0.09 -12.32
N VAL B 675 24.34 -0.20 -11.28
CA VAL B 675 24.62 0.78 -10.24
C VAL B 675 25.43 1.95 -10.79
N GLU B 676 24.94 3.17 -10.53
CA GLU B 676 25.59 4.37 -11.04
C GLU B 676 25.67 4.26 -12.54
N LEU B 677 24.50 4.32 -13.16
CA LEU B 677 24.33 4.23 -14.60
C LEU B 677 22.88 4.61 -14.86
N ARG B 678 22.64 5.52 -15.80
CA ARG B 678 21.29 5.94 -16.09
C ARG B 678 20.72 5.36 -17.38
N ASN B 679 21.58 4.76 -18.19
CA ASN B 679 21.14 4.19 -19.45
C ASN B 679 21.77 2.85 -19.75
N ASP B 680 20.99 1.98 -20.37
CA ASP B 680 21.51 0.68 -20.74
C ASP B 680 22.69 1.00 -21.67
N SER B 681 22.64 2.18 -22.27
CA SER B 681 23.68 2.63 -23.18
C SER B 681 25.01 2.66 -22.47
N GLU B 682 25.04 3.29 -21.29
CA GLU B 682 26.28 3.37 -20.52
C GLU B 682 26.73 1.96 -20.19
N GLY B 683 25.77 1.09 -19.91
CA GLY B 683 26.11 -0.29 -19.62
C GLY B 683 26.79 -0.96 -20.80
N PHE B 684 26.20 -0.88 -22.00
CA PHE B 684 26.80 -1.50 -23.18
C PHE B 684 28.16 -0.90 -23.51
N ILE B 685 28.30 0.42 -23.33
CA ILE B 685 29.56 1.08 -23.63
C ILE B 685 30.67 0.60 -22.70
N HIS B 686 30.36 0.56 -21.41
CA HIS B 686 31.29 0.09 -20.38
C HIS B 686 31.84 -1.27 -20.85
N CYS B 687 30.94 -2.18 -21.25
CA CYS B 687 31.36 -3.49 -21.72
C CYS B 687 32.22 -3.41 -22.97
N PHE B 688 31.91 -2.46 -23.85
CA PHE B 688 32.74 -2.34 -25.04
C PHE B 688 34.14 -2.02 -24.51
N GLY B 689 34.21 -1.16 -23.50
CA GLY B 689 35.48 -0.81 -22.90
C GLY B 689 36.27 -2.08 -22.60
N HIS B 690 35.61 -3.08 -22.03
CA HIS B 690 36.27 -4.36 -21.73
C HIS B 690 36.73 -5.04 -23.02
N ALA B 691 36.03 -4.81 -24.12
CA ALA B 691 36.40 -5.42 -25.40
C ALA B 691 37.61 -4.69 -26.02
N VAL B 692 37.77 -3.41 -25.67
CA VAL B 692 38.89 -2.61 -26.16
C VAL B 692 40.13 -3.19 -25.50
N ASP B 693 39.94 -3.51 -24.22
CA ASP B 693 40.94 -4.09 -23.35
C ASP B 693 41.40 -5.45 -23.89
N ASP B 694 40.44 -6.28 -24.28
CA ASP B 694 40.71 -7.62 -24.82
C ASP B 694 41.41 -7.50 -26.17
N TYR B 695 41.05 -6.48 -26.94
CA TYR B 695 41.65 -6.33 -28.26
C TYR B 695 43.04 -5.71 -28.30
N ALA B 696 43.28 -4.68 -27.48
CA ALA B 696 44.59 -4.04 -27.44
C ALA B 696 45.63 -5.05 -26.94
N GLY B 697 45.27 -5.80 -25.92
CA GLY B 697 46.20 -6.79 -25.38
C GLY B 697 46.51 -7.86 -26.40
N TYR B 698 45.49 -8.27 -27.14
CA TYR B 698 45.66 -9.31 -28.14
C TYR B 698 46.69 -8.86 -29.15
N LEU B 699 46.55 -7.62 -29.60
CA LEU B 699 47.48 -7.04 -30.56
C LEU B 699 48.89 -7.08 -30.01
N LEU B 700 49.08 -6.60 -28.78
CA LEU B 700 50.41 -6.58 -28.16
C LEU B 700 51.14 -7.91 -28.34
N ASP B 701 50.46 -8.99 -27.98
CA ASP B 701 51.03 -10.32 -28.13
C ASP B 701 49.96 -11.20 -28.79
N LYS B 702 49.92 -11.16 -30.12
CA LYS B 702 48.96 -11.95 -30.90
C LYS B 702 49.10 -13.43 -30.61
N ASN B 703 49.99 -13.77 -29.68
CA ASN B 703 50.23 -15.17 -29.33
C ASN B 703 49.76 -15.57 -27.93
N GLN B 704 50.08 -14.74 -26.94
CA GLN B 704 49.69 -14.95 -25.55
C GLN B 704 48.68 -13.87 -25.22
N SER B 705 47.40 -14.21 -25.29
CA SER B 705 46.35 -13.23 -25.04
C SER B 705 46.04 -12.99 -23.56
N ASP B 706 45.83 -11.72 -23.24
CA ASP B 706 45.51 -11.28 -21.89
C ASP B 706 45.28 -9.78 -21.94
N LEU B 707 44.37 -9.29 -21.11
CA LEU B 707 44.01 -7.87 -21.08
C LEU B 707 45.19 -6.91 -21.03
N VAL B 708 44.99 -5.73 -21.62
CA VAL B 708 46.03 -4.71 -21.65
C VAL B 708 46.16 -4.02 -20.30
N THR B 709 45.08 -3.98 -19.52
CA THR B 709 45.12 -3.33 -18.21
C THR B 709 45.95 -4.20 -17.27
N ASN B 710 46.27 -5.39 -17.78
CA ASN B 710 47.05 -6.38 -17.07
C ASN B 710 48.53 -6.15 -17.35
N SER B 711 48.87 -4.92 -17.68
CA SER B 711 50.25 -4.56 -17.97
C SER B 711 50.78 -3.86 -16.73
N LYS B 712 52.08 -3.97 -16.51
CA LYS B 712 52.68 -3.35 -15.36
C LYS B 712 52.53 -1.83 -15.47
N LYS B 713 52.68 -1.29 -16.66
CA LYS B 713 52.56 0.15 -16.83
C LYS B 713 51.21 0.65 -16.32
N PHE B 714 50.13 0.02 -16.76
CA PHE B 714 48.78 0.42 -16.35
C PHE B 714 48.55 0.27 -14.86
N ILE B 715 48.99 -0.86 -14.31
CA ILE B 715 48.82 -1.15 -12.90
C ILE B 715 49.24 0.02 -11.99
N ASP B 716 50.24 0.78 -12.42
CA ASP B 716 50.70 1.92 -11.64
C ASP B 716 49.70 3.04 -11.84
N ILE B 717 49.20 3.15 -13.08
CA ILE B 717 48.22 4.17 -13.40
C ILE B 717 47.02 3.95 -12.46
N PHE B 718 46.68 2.67 -12.27
CA PHE B 718 45.58 2.26 -11.41
C PHE B 718 45.88 2.61 -9.97
N LYS B 719 47.14 2.41 -9.58
CA LYS B 719 47.52 2.70 -8.21
C LYS B 719 47.50 4.18 -7.89
N GLU B 720 47.76 5.03 -8.89
CA GLU B 720 47.77 6.46 -8.66
C GLU B 720 46.41 7.15 -8.85
N GLU B 721 45.69 6.80 -9.91
CA GLU B 721 44.39 7.42 -10.17
C GLU B 721 43.20 6.48 -9.99
N GLY B 722 43.49 5.21 -9.77
CA GLY B 722 42.47 4.18 -9.61
C GLY B 722 41.21 4.51 -8.83
N SER B 723 41.25 5.57 -8.03
CA SER B 723 40.10 5.94 -7.23
C SER B 723 39.62 7.37 -7.46
N ASN B 724 40.00 7.95 -8.61
CA ASN B 724 39.61 9.32 -8.93
C ASN B 724 38.36 9.40 -9.80
N LEU B 725 37.75 8.26 -10.10
CA LEU B 725 36.56 8.23 -10.92
C LEU B 725 35.34 7.70 -10.17
N THR B 726 34.65 6.74 -10.75
CA THR B 726 33.47 6.17 -10.10
C THR B 726 33.92 5.18 -9.06
N SER B 727 33.11 5.04 -8.02
CA SER B 727 33.41 4.11 -6.93
C SER B 727 33.59 2.69 -7.48
N TYR B 728 32.76 2.31 -8.45
CA TYR B 728 32.86 0.99 -9.04
C TYR B 728 34.13 0.83 -9.86
N GLY B 729 34.55 1.90 -10.51
CA GLY B 729 35.77 1.81 -11.30
C GLY B 729 36.93 1.49 -10.39
N ARG B 730 36.79 1.88 -9.12
CA ARG B 730 37.82 1.67 -8.11
C ARG B 730 38.08 0.17 -7.81
N THR B 731 37.16 -0.69 -8.23
CA THR B 731 37.26 -2.13 -7.99
C THR B 731 38.62 -2.74 -8.33
N ASN B 732 39.03 -2.61 -9.59
CA ASN B 732 40.31 -3.13 -10.04
C ASN B 732 40.70 -2.53 -11.39
N GLU B 733 41.74 -3.08 -12.00
CA GLU B 733 42.21 -2.57 -13.28
C GLU B 733 41.13 -2.65 -14.35
N ALA B 734 40.76 -3.87 -14.74
CA ALA B 734 39.75 -4.05 -15.76
C ALA B 734 38.57 -3.11 -15.56
N GLU B 735 38.06 -3.05 -14.33
CA GLU B 735 36.92 -2.20 -14.07
C GLU B 735 37.20 -0.71 -14.23
N PHE B 736 38.36 -0.26 -13.72
CA PHE B 736 38.71 1.15 -13.83
C PHE B 736 38.76 1.55 -15.33
N PHE B 737 39.38 0.71 -16.14
CA PHE B 737 39.50 0.93 -17.58
C PHE B 737 38.11 1.13 -18.17
N ALA B 738 37.26 0.11 -18.02
CA ALA B 738 35.90 0.15 -18.55
C ALA B 738 35.15 1.42 -18.13
N GLU B 739 35.33 1.81 -16.88
CA GLU B 739 34.66 2.99 -16.37
C GLU B 739 35.25 4.28 -16.96
N ALA B 740 36.57 4.31 -17.11
CA ALA B 740 37.20 5.50 -17.66
C ALA B 740 36.78 5.61 -19.11
N PHE B 741 36.72 4.47 -19.79
CA PHE B 741 36.32 4.42 -21.19
C PHE B 741 34.89 4.95 -21.29
N ARG B 742 33.99 4.29 -20.57
CA ARG B 742 32.57 4.67 -20.55
C ARG B 742 32.40 6.19 -20.43
N LEU B 743 33.01 6.79 -19.43
CA LEU B 743 32.88 8.22 -19.22
C LEU B 743 33.54 9.05 -20.33
N MET B 744 34.65 8.58 -20.87
CA MET B 744 35.36 9.30 -21.93
C MET B 744 34.51 9.34 -23.18
N HIS B 745 33.45 8.54 -23.20
CA HIS B 745 32.57 8.48 -24.37
C HIS B 745 31.14 8.77 -23.98
N SER B 746 30.99 9.32 -22.79
CA SER B 746 29.69 9.68 -22.27
C SER B 746 29.00 10.60 -23.29
N THR B 747 27.68 10.57 -23.30
CA THR B 747 26.90 11.43 -24.18
C THR B 747 27.15 12.82 -23.65
N ASP B 748 26.96 12.95 -22.35
CA ASP B 748 27.18 14.20 -21.64
C ASP B 748 28.65 14.56 -21.78
N HIS B 749 28.94 15.78 -22.22
CA HIS B 749 30.33 16.17 -22.40
C HIS B 749 31.08 16.57 -21.14
N ALA B 750 30.35 16.92 -20.09
CA ALA B 750 30.97 17.32 -18.83
C ALA B 750 31.68 16.08 -18.29
N GLU B 751 30.95 14.97 -18.26
CA GLU B 751 31.46 13.68 -17.80
C GLU B 751 32.82 13.39 -18.43
N ARG B 752 32.95 13.70 -19.71
CA ARG B 752 34.20 13.48 -20.42
C ARG B 752 35.33 14.28 -19.78
N LEU B 753 35.08 15.56 -19.53
CA LEU B 753 36.10 16.41 -18.95
C LEU B 753 36.50 15.99 -17.54
N LYS B 754 35.54 15.48 -16.79
CA LYS B 754 35.79 15.04 -15.42
C LYS B 754 36.93 14.01 -15.43
N VAL B 755 36.97 13.17 -16.46
CA VAL B 755 38.01 12.16 -16.55
C VAL B 755 39.36 12.83 -16.75
N GLN B 756 39.47 13.65 -17.79
CA GLN B 756 40.73 14.33 -18.08
C GLN B 756 41.23 15.15 -16.90
N LYS B 757 40.32 15.86 -16.23
CA LYS B 757 40.69 16.67 -15.08
C LYS B 757 41.13 15.85 -13.88
N ASN B 758 40.44 14.75 -13.60
CA ASN B 758 40.76 13.95 -12.43
C ASN B 758 41.58 12.68 -12.66
N ALA B 759 41.74 12.25 -13.90
CA ALA B 759 42.52 11.03 -14.18
C ALA B 759 43.39 11.15 -15.41
N PRO B 760 44.19 12.24 -15.50
CA PRO B 760 45.10 12.52 -16.61
C PRO B 760 45.86 11.32 -17.15
N LYS B 761 46.62 10.67 -16.29
CA LYS B 761 47.40 9.51 -16.70
C LYS B 761 46.52 8.50 -17.45
N THR B 762 45.42 8.10 -16.80
CA THR B 762 44.47 7.16 -17.38
C THR B 762 43.99 7.62 -18.75
N PHE B 763 43.43 8.84 -18.77
CA PHE B 763 42.92 9.46 -19.99
C PHE B 763 43.88 9.27 -21.16
N GLN B 764 45.13 9.66 -20.99
CA GLN B 764 46.10 9.52 -22.05
C GLN B 764 46.32 8.03 -22.37
N PHE B 765 46.37 7.19 -21.35
CA PHE B 765 46.60 5.77 -21.57
C PHE B 765 45.53 5.14 -22.47
N ILE B 766 44.26 5.46 -22.21
CA ILE B 766 43.13 4.96 -23.00
C ILE B 766 43.22 5.44 -24.45
N ASN B 767 43.48 6.74 -24.64
CA ASN B 767 43.59 7.27 -25.98
C ASN B 767 44.75 6.64 -26.74
N ASP B 768 45.85 6.34 -26.05
CA ASP B 768 46.97 5.70 -26.72
C ASP B 768 46.54 4.30 -27.11
N GLN B 769 45.72 3.67 -26.28
CA GLN B 769 45.27 2.34 -26.60
C GLN B 769 44.34 2.40 -27.79
N ILE B 770 43.51 3.43 -27.83
CA ILE B 770 42.62 3.58 -28.96
C ILE B 770 43.47 3.76 -30.22
N LYS B 771 44.35 4.76 -30.24
CA LYS B 771 45.21 4.98 -31.41
C LYS B 771 45.89 3.68 -31.83
N PHE B 772 46.32 2.90 -30.84
CA PHE B 772 46.99 1.64 -31.12
C PHE B 772 46.14 0.70 -31.99
N ILE B 773 44.82 0.75 -31.80
CA ILE B 773 43.90 -0.10 -32.55
C ILE B 773 43.55 0.51 -33.91
N ILE B 774 43.15 1.78 -33.90
CA ILE B 774 42.79 2.49 -35.12
C ILE B 774 44.00 2.71 -36.01
N ASN B 775 45.16 2.20 -35.61
CA ASN B 775 46.37 2.39 -36.42
C ASN B 775 47.23 1.16 -36.60
N SER B 776 46.59 0.01 -36.78
CA SER B 776 47.31 -1.24 -37.00
C SER B 776 46.50 -2.12 -37.95
N LYS C 6 26.32 24.36 30.21
CA LYS C 6 25.06 24.02 30.86
C LYS C 6 24.49 22.70 30.30
N LYS C 7 24.07 21.74 31.08
CA LYS C 7 23.67 20.55 30.35
C LYS C 7 22.45 19.82 30.89
N VAL C 8 22.10 18.76 30.15
CA VAL C 8 20.94 17.93 30.44
C VAL C 8 21.33 16.50 30.04
N TYR C 9 20.59 15.46 30.44
CA TYR C 9 21.05 14.09 30.11
C TYR C 9 20.05 13.27 29.32
N PRO C 10 20.34 13.31 28.04
CA PRO C 10 19.55 12.67 27.02
C PRO C 10 19.19 11.17 27.18
N TYR C 11 18.64 10.61 26.09
CA TYR C 11 18.20 9.20 26.00
C TYR C 11 17.51 8.98 24.66
N PRO C 12 18.19 9.36 23.57
CA PRO C 12 17.71 9.22 22.19
C PRO C 12 16.96 7.94 21.85
N MET C 13 16.07 8.07 20.88
CA MET C 13 15.27 6.95 20.37
C MET C 13 16.02 6.35 19.18
N GLU C 14 15.31 5.67 18.29
CA GLU C 14 15.92 5.08 17.11
C GLU C 14 15.06 5.31 15.87
N PRO C 15 15.28 6.44 15.17
CA PRO C 15 14.60 6.91 13.97
C PRO C 15 14.33 5.88 12.86
N THR C 16 15.19 5.88 11.84
CA THR C 16 15.06 4.97 10.69
C THR C 16 15.36 3.51 11.01
N LYS D 6 40.39 -18.28 -14.76
CA LYS D 6 39.78 -17.41 -15.75
C LYS D 6 38.70 -16.54 -15.10
N LYS D 7 38.19 -15.61 -15.90
CA LYS D 7 37.19 -14.67 -15.38
C LYS D 7 36.36 -13.95 -16.44
N VAL D 8 35.47 -13.13 -15.91
CA VAL D 8 34.54 -12.34 -16.71
C VAL D 8 34.43 -11.00 -16.03
N TYR D 9 33.73 -10.02 -16.60
CA TYR D 9 33.69 -8.69 -16.01
C TYR D 9 32.27 -8.13 -15.76
N PRO D 10 31.85 -8.32 -14.50
CA PRO D 10 30.53 -7.94 -14.00
C PRO D 10 30.10 -6.52 -14.21
N TYR D 11 28.95 -6.19 -13.60
CA TYR D 11 28.37 -4.86 -13.58
C TYR D 11 27.03 -4.94 -12.85
N PRO D 12 27.04 -5.52 -11.64
CA PRO D 12 25.85 -5.70 -10.79
C PRO D 12 24.83 -4.57 -10.78
N MET D 13 23.58 -4.95 -10.52
CA MET D 13 22.46 -4.02 -10.42
C MET D 13 22.32 -3.62 -8.95
N GLU D 14 21.12 -3.19 -8.55
CA GLU D 14 20.88 -2.80 -7.17
C GLU D 14 19.52 -3.34 -6.69
N PRO D 15 19.52 -4.58 -6.15
CA PRO D 15 18.37 -5.33 -5.62
C PRO D 15 17.36 -4.57 -4.75
N THR D 16 17.50 -4.71 -3.43
CA THR D 16 16.61 -4.07 -2.46
C THR D 16 16.78 -2.55 -2.37
ZN ZN E . 21.10 9.44 29.96
ZN ZN F . 32.89 -4.30 -16.00
#